data_2EED
#
_entry.id   2EED
#
_entity_poly.entity_id   1
_entity_poly.type   'polypeptide(L)'
_entity_poly.pdbx_seq_one_letter_code
;GSSGSSGSSDASKVTSKGAGLSKAFVGQKSSFLVDCSKAGSNMLLIGVHGPTTPCEEVSMKHVGNQQYNVTYVVKERGDY
VLAVKWGEEHIPGSPFHVTVP
;
_entity_poly.pdbx_strand_id   A
#
# COMPACT_ATOMS: atom_id res chain seq x y z
N GLY A 1 -22.78 18.54 -5.25
CA GLY A 1 -22.30 19.01 -3.96
C GLY A 1 -21.34 20.17 -4.10
N SER A 2 -21.74 21.34 -3.59
CA SER A 2 -20.90 22.53 -3.65
C SER A 2 -19.97 22.60 -2.45
N SER A 3 -20.52 22.38 -1.27
CA SER A 3 -19.74 22.44 -0.03
C SER A 3 -19.74 21.07 0.67
N GLY A 4 -18.63 20.75 1.31
CA GLY A 4 -18.52 19.48 2.02
C GLY A 4 -18.24 19.65 3.49
N SER A 5 -17.06 20.18 3.81
CA SER A 5 -16.67 20.40 5.20
C SER A 5 -17.21 19.29 6.09
N SER A 6 -17.18 18.07 5.59
CA SER A 6 -17.67 16.92 6.34
C SER A 6 -17.13 15.61 5.76
N GLY A 7 -16.87 14.65 6.63
CA GLY A 7 -16.35 13.36 6.19
C GLY A 7 -14.85 13.25 6.37
N SER A 8 -14.39 13.36 7.61
CA SER A 8 -12.97 13.27 7.92
C SER A 8 -12.44 11.87 7.65
N SER A 9 -11.39 11.79 6.84
CA SER A 9 -10.80 10.50 6.49
C SER A 9 -9.66 10.16 7.44
N ASP A 10 -9.70 8.94 7.99
CA ASP A 10 -8.67 8.49 8.92
C ASP A 10 -7.85 7.36 8.30
N ALA A 11 -6.55 7.33 8.60
CA ALA A 11 -5.67 6.30 8.09
C ALA A 11 -5.59 5.11 9.04
N SER A 12 -5.49 5.40 10.34
CA SER A 12 -5.41 4.35 11.34
C SER A 12 -6.49 3.29 11.12
N LYS A 13 -7.55 3.69 10.43
CA LYS A 13 -8.65 2.77 10.14
C LYS A 13 -8.30 1.86 8.98
N VAL A 14 -7.71 2.42 7.94
CA VAL A 14 -7.32 1.65 6.76
C VAL A 14 -6.53 0.41 7.15
N THR A 15 -7.03 -0.76 6.76
CA THR A 15 -6.37 -2.02 7.07
C THR A 15 -5.79 -2.67 5.82
N SER A 16 -4.71 -3.42 5.99
CA SER A 16 -4.06 -4.08 4.87
C SER A 16 -3.63 -5.49 5.25
N LYS A 17 -3.78 -6.43 4.32
CA LYS A 17 -3.40 -7.82 4.56
C LYS A 17 -2.68 -8.41 3.35
N GLY A 18 -1.94 -9.49 3.57
CA GLY A 18 -1.22 -10.12 2.49
C GLY A 18 0.24 -10.38 2.85
N ALA A 19 0.99 -10.94 1.90
CA ALA A 19 2.40 -11.24 2.11
C ALA A 19 3.27 -10.05 1.74
N GLY A 20 3.09 -9.55 0.52
CA GLY A 20 3.87 -8.41 0.07
C GLY A 20 4.14 -7.41 1.17
N LEU A 21 3.15 -7.20 2.04
CA LEU A 21 3.29 -6.26 3.14
C LEU A 21 4.27 -6.78 4.18
N SER A 22 4.20 -8.07 4.46
CA SER A 22 5.09 -8.69 5.44
C SER A 22 6.46 -9.00 4.81
N LYS A 23 6.44 -9.78 3.74
CA LYS A 23 7.66 -10.15 3.05
C LYS A 23 7.39 -10.47 1.58
N ALA A 24 8.42 -10.34 0.75
CA ALA A 24 8.29 -10.60 -0.67
C ALA A 24 9.40 -11.54 -1.16
N PHE A 25 9.28 -11.99 -2.41
CA PHE A 25 10.27 -12.89 -2.98
C PHE A 25 10.60 -12.47 -4.42
N VAL A 26 11.90 -12.37 -4.71
CA VAL A 26 12.36 -11.99 -6.04
C VAL A 26 11.62 -12.78 -7.13
N GLY A 27 11.11 -12.06 -8.12
CA GLY A 27 10.38 -12.71 -9.21
C GLY A 27 8.91 -12.90 -8.88
N GLN A 28 8.63 -13.43 -7.70
CA GLN A 28 7.25 -13.67 -7.28
C GLN A 28 6.47 -12.36 -7.20
N LYS A 29 5.29 -12.36 -7.80
CA LYS A 29 4.44 -11.16 -7.80
C LYS A 29 3.71 -11.02 -6.47
N SER A 30 4.16 -10.07 -5.66
CA SER A 30 3.55 -9.83 -4.35
C SER A 30 2.39 -8.86 -4.47
N SER A 31 1.24 -9.25 -3.91
CA SER A 31 0.05 -8.41 -3.96
C SER A 31 -0.54 -8.23 -2.57
N PHE A 32 -1.25 -7.12 -2.37
CA PHE A 32 -1.86 -6.81 -1.08
C PHE A 32 -3.12 -5.97 -1.26
N LEU A 33 -4.13 -6.25 -0.44
CA LEU A 33 -5.39 -5.51 -0.50
C LEU A 33 -5.49 -4.49 0.62
N VAL A 34 -6.11 -3.36 0.34
CA VAL A 34 -6.28 -2.30 1.33
C VAL A 34 -7.75 -1.93 1.51
N ASP A 35 -8.31 -2.28 2.66
CA ASP A 35 -9.71 -1.98 2.95
C ASP A 35 -9.86 -0.55 3.47
N CYS A 36 -10.74 0.21 2.84
CA CYS A 36 -10.98 1.59 3.23
C CYS A 36 -12.47 1.87 3.35
N SER A 37 -13.23 0.83 3.69
CA SER A 37 -14.68 0.96 3.82
C SER A 37 -15.03 1.92 4.96
N LYS A 38 -14.37 1.75 6.10
CA LYS A 38 -14.61 2.60 7.26
C LYS A 38 -13.41 3.50 7.53
N ALA A 39 -12.70 3.88 6.47
CA ALA A 39 -11.54 4.74 6.59
C ALA A 39 -11.90 6.19 6.27
N GLY A 40 -12.40 6.42 5.06
CA GLY A 40 -12.77 7.76 4.65
C GLY A 40 -12.94 7.88 3.15
N SER A 41 -13.43 9.03 2.70
CA SER A 41 -13.66 9.26 1.28
C SER A 41 -12.44 9.90 0.64
N ASN A 42 -11.26 9.48 1.08
CA ASN A 42 -10.01 10.01 0.55
C ASN A 42 -9.50 9.15 -0.61
N MET A 43 -8.36 9.53 -1.16
CA MET A 43 -7.76 8.80 -2.28
C MET A 43 -6.63 7.89 -1.80
N LEU A 44 -6.46 6.75 -2.46
CA LEU A 44 -5.42 5.80 -2.09
C LEU A 44 -4.26 5.86 -3.09
N LEU A 45 -3.05 5.96 -2.58
CA LEU A 45 -1.86 6.00 -3.43
C LEU A 45 -0.70 5.26 -2.78
N ILE A 46 0.39 5.09 -3.54
CA ILE A 46 1.56 4.39 -3.04
C ILE A 46 2.84 5.15 -3.39
N GLY A 47 3.88 4.96 -2.58
CA GLY A 47 5.14 5.63 -2.82
C GLY A 47 6.33 4.72 -2.61
N VAL A 48 6.36 3.60 -3.32
CA VAL A 48 7.45 2.64 -3.21
C VAL A 48 8.80 3.35 -3.21
N HIS A 49 9.45 3.38 -2.04
CA HIS A 49 10.75 4.02 -1.90
C HIS A 49 11.86 3.11 -2.43
N GLY A 50 12.89 3.72 -3.00
CA GLY A 50 14.00 2.96 -3.53
C GLY A 50 15.30 3.23 -2.80
N PRO A 51 15.35 2.86 -1.50
CA PRO A 51 16.53 3.06 -0.66
C PRO A 51 17.68 2.14 -1.06
N THR A 52 17.35 0.97 -1.59
CA THR A 52 18.35 0.00 -2.00
C THR A 52 18.24 -0.30 -3.49
N THR A 53 17.05 -0.69 -3.92
CA THR A 53 16.80 -1.01 -5.32
C THR A 53 15.37 -0.68 -5.72
N PRO A 54 15.20 -0.13 -6.93
CA PRO A 54 13.88 0.23 -7.46
C PRO A 54 13.02 -0.99 -7.78
N CYS A 55 11.74 -0.75 -8.06
CA CYS A 55 10.82 -1.83 -8.39
C CYS A 55 10.54 -1.86 -9.89
N GLU A 56 10.19 -3.05 -10.39
CA GLU A 56 9.89 -3.20 -11.81
C GLU A 56 8.68 -2.36 -12.21
N GLU A 57 7.64 -2.40 -11.40
CA GLU A 57 6.43 -1.64 -11.67
C GLU A 57 5.45 -1.73 -10.49
N VAL A 58 4.34 -1.01 -10.61
CA VAL A 58 3.33 -1.00 -9.55
C VAL A 58 1.92 -0.95 -10.14
N SER A 59 1.22 -2.08 -10.10
CA SER A 59 -0.13 -2.16 -10.64
C SER A 59 -1.16 -1.83 -9.56
N MET A 60 -1.79 -0.67 -9.69
CA MET A 60 -2.80 -0.24 -8.73
C MET A 60 -4.18 -0.13 -9.39
N LYS A 61 -5.14 -0.86 -8.85
CA LYS A 61 -6.50 -0.84 -9.39
C LYS A 61 -7.53 -0.93 -8.27
N HIS A 62 -8.57 -0.11 -8.36
CA HIS A 62 -9.62 -0.11 -7.35
C HIS A 62 -10.72 -1.09 -7.70
N VAL A 63 -10.54 -2.35 -7.30
CA VAL A 63 -11.52 -3.40 -7.58
C VAL A 63 -12.91 -2.99 -7.12
N GLY A 64 -12.96 -1.98 -6.25
CA GLY A 64 -14.24 -1.50 -5.74
C GLY A 64 -14.56 -2.06 -4.37
N ASN A 65 -15.81 -1.90 -3.95
CA ASN A 65 -16.24 -2.39 -2.64
C ASN A 65 -15.31 -1.92 -1.54
N GLN A 66 -14.66 -0.78 -1.78
CA GLN A 66 -13.73 -0.22 -0.80
C GLN A 66 -12.45 -1.05 -0.73
N GLN A 67 -12.09 -1.68 -1.85
CA GLN A 67 -10.89 -2.50 -1.90
C GLN A 67 -9.95 -2.03 -3.01
N TYR A 68 -8.69 -1.85 -2.67
CA TYR A 68 -7.70 -1.40 -3.64
C TYR A 68 -6.60 -2.45 -3.83
N ASN A 69 -6.52 -2.99 -5.04
CA ASN A 69 -5.53 -4.01 -5.37
C ASN A 69 -4.23 -3.37 -5.83
N VAL A 70 -3.13 -3.70 -5.16
CA VAL A 70 -1.83 -3.16 -5.51
C VAL A 70 -0.76 -4.26 -5.53
N THR A 71 -0.19 -4.49 -6.71
CA THR A 71 0.84 -5.51 -6.86
C THR A 71 2.10 -4.94 -7.50
N TYR A 72 3.25 -5.47 -7.12
CA TYR A 72 4.52 -5.01 -7.65
C TYR A 72 5.46 -6.17 -7.90
N VAL A 73 6.62 -5.87 -8.48
CA VAL A 73 7.61 -6.90 -8.79
C VAL A 73 9.03 -6.38 -8.56
N VAL A 74 9.82 -7.15 -7.83
CA VAL A 74 11.20 -6.78 -7.53
C VAL A 74 12.19 -7.67 -8.29
N LYS A 75 13.44 -7.20 -8.38
CA LYS A 75 14.48 -7.95 -9.07
C LYS A 75 15.62 -8.30 -8.13
N GLU A 76 15.78 -7.49 -7.08
CA GLU A 76 16.84 -7.73 -6.10
C GLU A 76 16.25 -8.13 -4.75
N ARG A 77 17.07 -8.78 -3.93
CA ARG A 77 16.63 -9.24 -2.61
C ARG A 77 17.31 -8.43 -1.51
N GLY A 78 16.73 -8.48 -0.31
CA GLY A 78 17.29 -7.75 0.81
C GLY A 78 16.22 -7.08 1.65
N ASP A 79 16.51 -5.87 2.13
CA ASP A 79 15.57 -5.12 2.94
C ASP A 79 14.84 -4.07 2.11
N TYR A 80 13.52 -4.14 2.11
CA TYR A 80 12.70 -3.19 1.35
C TYR A 80 11.88 -2.30 2.28
N VAL A 81 11.38 -1.20 1.74
CA VAL A 81 10.56 -0.27 2.53
C VAL A 81 9.29 0.11 1.78
N LEU A 82 8.16 -0.40 2.24
CA LEU A 82 6.87 -0.11 1.62
C LEU A 82 6.24 1.13 2.24
N ALA A 83 5.96 2.12 1.40
CA ALA A 83 5.35 3.36 1.87
C ALA A 83 3.93 3.52 1.31
N VAL A 84 2.93 3.35 2.16
CA VAL A 84 1.54 3.48 1.75
C VAL A 84 0.86 4.64 2.46
N LYS A 85 0.37 5.59 1.67
CA LYS A 85 -0.31 6.77 2.22
C LYS A 85 -1.80 6.70 1.95
N TRP A 86 -2.58 7.39 2.78
CA TRP A 86 -4.03 7.41 2.63
C TRP A 86 -4.57 8.83 2.71
N GLY A 87 -4.61 9.51 1.56
CA GLY A 87 -5.09 10.88 1.52
C GLY A 87 -4.36 11.78 2.49
N GLU A 88 -3.11 12.09 2.17
CA GLU A 88 -2.30 12.96 3.02
C GLU A 88 -2.11 12.34 4.40
N GLU A 89 -1.82 11.04 4.43
CA GLU A 89 -1.62 10.33 5.68
C GLU A 89 -0.82 9.05 5.46
N HIS A 90 -0.48 8.37 6.55
CA HIS A 90 0.29 7.13 6.48
C HIS A 90 -0.41 6.02 7.24
N ILE A 91 -0.85 4.99 6.51
CA ILE A 91 -1.53 3.86 7.13
C ILE A 91 -0.77 3.35 8.35
N PRO A 92 -1.50 2.77 9.30
CA PRO A 92 -0.91 2.23 10.54
C PRO A 92 -0.09 0.96 10.27
N GLY A 93 1.23 1.14 10.20
CA GLY A 93 2.11 0.01 9.95
C GLY A 93 3.28 0.36 9.06
N SER A 94 3.19 1.52 8.41
CA SER A 94 4.26 1.97 7.51
C SER A 94 5.16 2.99 8.22
N PRO A 95 6.41 3.06 7.77
CA PRO A 95 6.92 2.22 6.69
C PRO A 95 7.05 0.75 7.10
N PHE A 96 6.50 -0.13 6.28
CA PHE A 96 6.53 -1.57 6.56
C PHE A 96 7.92 -2.14 6.25
N HIS A 97 8.30 -3.19 6.97
CA HIS A 97 9.59 -3.83 6.76
C HIS A 97 9.44 -5.12 5.95
N VAL A 98 9.72 -5.03 4.66
CA VAL A 98 9.62 -6.19 3.78
C VAL A 98 10.99 -6.81 3.51
N THR A 99 11.14 -8.08 3.86
CA THR A 99 12.39 -8.78 3.66
C THR A 99 12.28 -9.83 2.56
N VAL A 100 13.14 -9.73 1.56
CA VAL A 100 13.14 -10.66 0.45
C VAL A 100 14.35 -11.59 0.49
N PRO A 101 14.10 -12.91 0.48
CA PRO A 101 15.16 -13.92 0.51
C PRO A 101 15.97 -13.96 -0.77
N GLY A 1 -28.40 19.61 -3.60
CA GLY A 1 -27.58 20.01 -4.74
C GLY A 1 -26.80 18.84 -5.33
N SER A 2 -25.50 18.79 -5.02
CA SER A 2 -24.66 17.72 -5.53
C SER A 2 -24.03 16.93 -4.38
N SER A 3 -24.67 15.82 -4.03
CA SER A 3 -24.18 14.97 -2.95
C SER A 3 -22.89 14.25 -3.36
N GLY A 4 -22.05 13.98 -2.37
CA GLY A 4 -20.79 13.30 -2.64
C GLY A 4 -20.20 12.65 -1.41
N SER A 5 -19.26 11.75 -1.61
CA SER A 5 -18.62 11.05 -0.50
C SER A 5 -18.44 11.97 0.69
N SER A 6 -18.90 11.53 1.86
CA SER A 6 -18.79 12.32 3.07
C SER A 6 -18.46 11.44 4.27
N GLY A 7 -17.41 11.79 4.99
CA GLY A 7 -17.00 11.03 6.16
C GLY A 7 -15.52 11.15 6.44
N SER A 8 -15.18 11.60 7.65
CA SER A 8 -13.79 11.76 8.05
C SER A 8 -12.96 10.56 7.60
N SER A 9 -12.01 10.82 6.70
CA SER A 9 -11.13 9.77 6.18
C SER A 9 -9.92 9.59 7.08
N ASP A 10 -9.93 8.53 7.88
CA ASP A 10 -8.82 8.24 8.79
C ASP A 10 -8.00 7.06 8.28
N ALA A 11 -6.68 7.23 8.28
CA ALA A 11 -5.78 6.18 7.82
C ALA A 11 -5.62 5.09 8.88
N SER A 12 -5.78 5.46 10.14
CA SER A 12 -5.65 4.51 11.24
C SER A 12 -6.64 3.36 11.08
N LYS A 13 -7.81 3.66 10.52
CA LYS A 13 -8.84 2.66 10.32
C LYS A 13 -8.54 1.82 9.08
N VAL A 14 -7.77 2.39 8.16
CA VAL A 14 -7.40 1.70 6.93
C VAL A 14 -6.71 0.38 7.23
N THR A 15 -7.15 -0.69 6.56
CA THR A 15 -6.57 -2.01 6.75
C THR A 15 -5.94 -2.52 5.47
N SER A 16 -4.91 -3.37 5.61
CA SER A 16 -4.22 -3.93 4.46
C SER A 16 -3.76 -5.35 4.75
N LYS A 17 -4.02 -6.25 3.81
CA LYS A 17 -3.62 -7.65 3.96
C LYS A 17 -2.82 -8.12 2.74
N GLY A 18 -2.02 -9.16 2.94
CA GLY A 18 -1.21 -9.70 1.86
C GLY A 18 0.24 -9.89 2.25
N ALA A 19 0.80 -11.04 1.88
CA ALA A 19 2.19 -11.34 2.21
C ALA A 19 3.11 -10.21 1.78
N GLY A 20 2.90 -9.69 0.58
CA GLY A 20 3.72 -8.59 0.08
C GLY A 20 4.00 -7.55 1.15
N LEU A 21 3.03 -7.32 2.03
CA LEU A 21 3.19 -6.35 3.10
C LEU A 21 4.18 -6.84 4.15
N SER A 22 4.15 -8.15 4.42
CA SER A 22 5.04 -8.75 5.40
C SER A 22 6.41 -9.04 4.79
N LYS A 23 6.41 -9.82 3.72
CA LYS A 23 7.65 -10.18 3.02
C LYS A 23 7.43 -10.27 1.53
N ALA A 24 8.53 -10.35 0.77
CA ALA A 24 8.46 -10.44 -0.68
C ALA A 24 9.51 -11.41 -1.22
N PHE A 25 9.26 -11.92 -2.42
CA PHE A 25 10.19 -12.85 -3.06
C PHE A 25 10.64 -12.34 -4.42
N VAL A 26 11.92 -12.49 -4.71
CA VAL A 26 12.48 -12.05 -5.99
C VAL A 26 11.77 -12.73 -7.16
N GLY A 27 11.49 -11.95 -8.20
CA GLY A 27 10.83 -12.50 -9.37
C GLY A 27 9.34 -12.72 -9.14
N GLN A 28 9.00 -13.34 -8.02
CA GLN A 28 7.60 -13.61 -7.70
C GLN A 28 6.77 -12.33 -7.78
N LYS A 29 5.46 -12.47 -7.58
CA LYS A 29 4.55 -11.34 -7.63
C LYS A 29 3.82 -11.16 -6.31
N SER A 30 4.16 -10.10 -5.59
CA SER A 30 3.54 -9.82 -4.29
C SER A 30 2.38 -8.84 -4.46
N SER A 31 1.21 -9.23 -3.97
CA SER A 31 0.02 -8.39 -4.06
C SER A 31 -0.60 -8.18 -2.69
N PHE A 32 -1.25 -7.04 -2.51
CA PHE A 32 -1.89 -6.71 -1.24
C PHE A 32 -3.05 -5.74 -1.45
N LEU A 33 -4.14 -5.97 -0.72
CA LEU A 33 -5.33 -5.12 -0.83
C LEU A 33 -5.45 -4.20 0.38
N VAL A 34 -6.10 -3.06 0.19
CA VAL A 34 -6.29 -2.10 1.28
C VAL A 34 -7.76 -1.73 1.42
N ASP A 35 -8.37 -2.16 2.52
CA ASP A 35 -9.77 -1.86 2.79
C ASP A 35 -9.92 -0.55 3.55
N CYS A 36 -10.72 0.36 2.99
CA CYS A 36 -10.95 1.65 3.62
C CYS A 36 -12.41 1.81 4.02
N SER A 37 -13.15 0.70 4.00
CA SER A 37 -14.56 0.72 4.37
C SER A 37 -14.75 1.25 5.79
N LYS A 38 -13.72 1.08 6.62
CA LYS A 38 -13.78 1.55 8.00
C LYS A 38 -13.16 2.93 8.13
N ALA A 39 -12.56 3.42 7.05
CA ALA A 39 -11.95 4.74 7.05
C ALA A 39 -12.97 5.83 6.75
N GLY A 40 -13.48 5.84 5.53
CA GLY A 40 -14.47 6.84 5.15
C GLY A 40 -14.56 7.01 3.64
N SER A 41 -13.69 7.86 3.10
CA SER A 41 -13.67 8.12 1.67
C SER A 41 -12.46 8.97 1.27
N ASN A 42 -11.51 8.34 0.59
CA ASN A 42 -10.31 9.04 0.16
C ASN A 42 -9.58 8.24 -0.93
N MET A 43 -8.48 8.80 -1.43
CA MET A 43 -7.70 8.14 -2.47
C MET A 43 -6.49 7.42 -1.87
N LEU A 44 -6.14 6.28 -2.46
CA LEU A 44 -5.01 5.50 -1.98
C LEU A 44 -3.84 5.60 -2.95
N LEU A 45 -2.71 6.10 -2.45
CA LEU A 45 -1.51 6.24 -3.27
C LEU A 45 -0.34 5.48 -2.65
N ILE A 46 0.71 5.27 -3.45
CA ILE A 46 1.89 4.56 -2.98
C ILE A 46 3.16 5.35 -3.30
N GLY A 47 4.17 5.18 -2.45
CA GLY A 47 5.43 5.88 -2.66
C GLY A 47 6.62 4.95 -2.67
N VAL A 48 6.53 3.89 -3.48
CA VAL A 48 7.60 2.91 -3.59
C VAL A 48 8.96 3.60 -3.72
N HIS A 49 9.65 3.75 -2.59
CA HIS A 49 10.97 4.39 -2.58
C HIS A 49 12.05 3.41 -3.03
N GLY A 50 13.12 3.95 -3.61
CA GLY A 50 14.21 3.12 -4.07
C GLY A 50 15.51 3.40 -3.34
N PRO A 51 15.52 3.15 -2.02
CA PRO A 51 16.69 3.38 -1.18
C PRO A 51 17.82 2.38 -1.47
N THR A 52 17.44 1.12 -1.68
CA THR A 52 18.42 0.07 -1.98
C THR A 52 18.26 -0.45 -3.40
N THR A 53 17.03 -0.81 -3.76
CA THR A 53 16.75 -1.33 -5.09
C THR A 53 15.33 -0.98 -5.53
N PRO A 54 15.20 -0.45 -6.75
CA PRO A 54 13.90 -0.07 -7.31
C PRO A 54 13.02 -1.28 -7.63
N CYS A 55 11.74 -1.02 -7.87
CA CYS A 55 10.79 -2.09 -8.18
C CYS A 55 10.53 -2.16 -9.69
N GLU A 56 10.15 -3.34 -10.16
CA GLU A 56 9.87 -3.54 -11.58
C GLU A 56 8.71 -2.67 -12.02
N GLU A 57 7.64 -2.64 -11.23
CA GLU A 57 6.46 -1.85 -11.55
C GLU A 57 5.47 -1.86 -10.38
N VAL A 58 4.40 -1.08 -10.52
CA VAL A 58 3.38 -0.99 -9.49
C VAL A 58 1.98 -0.93 -10.10
N SER A 59 1.26 -2.04 -10.03
CA SER A 59 -0.10 -2.10 -10.58
C SER A 59 -1.14 -1.85 -9.48
N MET A 60 -1.78 -0.70 -9.54
CA MET A 60 -2.81 -0.35 -8.56
C MET A 60 -4.18 -0.21 -9.23
N LYS A 61 -5.13 -1.01 -8.76
CA LYS A 61 -6.48 -0.98 -9.31
C LYS A 61 -7.52 -0.93 -8.20
N HIS A 62 -8.63 -0.26 -8.45
CA HIS A 62 -9.70 -0.14 -7.48
C HIS A 62 -10.77 -1.21 -7.70
N VAL A 63 -10.46 -2.44 -7.30
CA VAL A 63 -11.39 -3.55 -7.47
C VAL A 63 -12.82 -3.12 -7.13
N GLY A 64 -12.94 -2.23 -6.15
CA GLY A 64 -14.25 -1.75 -5.75
C GLY A 64 -14.57 -2.09 -4.31
N ASN A 65 -15.81 -1.83 -3.89
CA ASN A 65 -16.24 -2.10 -2.53
C ASN A 65 -15.28 -1.47 -1.53
N GLN A 66 -14.67 -0.35 -1.92
CA GLN A 66 -13.73 0.35 -1.05
C GLN A 66 -12.43 -0.44 -0.89
N GLN A 67 -12.10 -1.23 -1.91
CA GLN A 67 -10.90 -2.04 -1.89
C GLN A 67 -9.91 -1.57 -2.96
N TYR A 68 -8.62 -1.63 -2.63
CA TYR A 68 -7.58 -1.22 -3.55
C TYR A 68 -6.52 -2.30 -3.71
N ASN A 69 -6.42 -2.86 -4.91
CA ASN A 69 -5.46 -3.91 -5.19
C ASN A 69 -4.13 -3.32 -5.66
N VAL A 70 -3.04 -3.75 -5.02
CA VAL A 70 -1.71 -3.27 -5.37
C VAL A 70 -0.71 -4.41 -5.47
N THR A 71 -0.08 -4.55 -6.64
CA THR A 71 0.90 -5.60 -6.86
C THR A 71 2.19 -5.04 -7.43
N TYR A 72 3.31 -5.62 -7.03
CA TYR A 72 4.62 -5.17 -7.50
C TYR A 72 5.54 -6.36 -7.76
N VAL A 73 6.72 -6.08 -8.28
CA VAL A 73 7.70 -7.12 -8.58
C VAL A 73 9.11 -6.65 -8.27
N VAL A 74 9.75 -7.32 -7.31
CA VAL A 74 11.12 -6.98 -6.92
C VAL A 74 12.13 -7.88 -7.62
N LYS A 75 12.94 -7.28 -8.49
CA LYS A 75 13.96 -8.02 -9.21
C LYS A 75 15.23 -8.19 -8.37
N GLU A 76 15.09 -8.01 -7.06
CA GLU A 76 16.22 -8.14 -6.15
C GLU A 76 15.74 -8.41 -4.73
N ARG A 77 16.68 -8.77 -3.86
CA ARG A 77 16.35 -9.06 -2.46
C ARG A 77 16.96 -8.01 -1.53
N GLY A 78 16.73 -8.18 -0.23
CA GLY A 78 17.26 -7.23 0.74
C GLY A 78 16.17 -6.63 1.61
N ASP A 79 16.44 -5.47 2.16
CA ASP A 79 15.48 -4.78 3.03
C ASP A 79 14.72 -3.72 2.25
N TYR A 80 13.49 -4.03 1.86
CA TYR A 80 12.65 -3.10 1.11
C TYR A 80 11.86 -2.21 2.05
N VAL A 81 11.36 -1.10 1.52
CA VAL A 81 10.57 -0.16 2.31
C VAL A 81 9.28 0.22 1.60
N LEU A 82 8.17 -0.38 2.03
CA LEU A 82 6.87 -0.11 1.44
C LEU A 82 6.20 1.09 2.12
N ALA A 83 5.92 2.12 1.33
CA ALA A 83 5.28 3.32 1.84
C ALA A 83 3.85 3.44 1.35
N VAL A 84 2.89 3.36 2.26
CA VAL A 84 1.48 3.46 1.90
C VAL A 84 0.82 4.63 2.61
N LYS A 85 0.30 5.57 1.83
CA LYS A 85 -0.37 6.76 2.37
C LYS A 85 -1.87 6.69 2.13
N TRP A 86 -2.63 7.35 2.99
CA TRP A 86 -4.09 7.37 2.86
C TRP A 86 -4.62 8.80 2.99
N GLY A 87 -4.83 9.45 1.84
CA GLY A 87 -5.33 10.80 1.85
C GLY A 87 -4.54 11.72 2.75
N GLU A 88 -3.30 12.01 2.36
CA GLU A 88 -2.44 12.89 3.14
C GLU A 88 -2.19 12.30 4.53
N GLU A 89 -1.82 11.01 4.57
CA GLU A 89 -1.55 10.33 5.84
C GLU A 89 -0.76 9.05 5.61
N HIS A 90 -0.43 8.37 6.69
CA HIS A 90 0.32 7.12 6.62
C HIS A 90 -0.37 6.01 7.40
N ILE A 91 -0.90 5.03 6.69
CA ILE A 91 -1.58 3.91 7.32
C ILE A 91 -0.78 3.37 8.50
N PRO A 92 -1.49 2.80 9.50
CA PRO A 92 -0.85 2.24 10.69
C PRO A 92 -0.07 0.96 10.38
N GLY A 93 1.22 1.11 10.13
CA GLY A 93 2.05 -0.03 9.82
C GLY A 93 3.23 0.32 8.93
N SER A 94 3.15 1.47 8.28
CA SER A 94 4.22 1.93 7.39
C SER A 94 5.13 2.91 8.10
N PRO A 95 6.40 2.97 7.65
CA PRO A 95 6.88 2.15 6.54
C PRO A 95 6.98 0.67 6.92
N PHE A 96 6.52 -0.19 6.03
CA PHE A 96 6.55 -1.64 6.28
C PHE A 96 7.93 -2.21 5.93
N HIS A 97 8.45 -3.06 6.82
CA HIS A 97 9.75 -3.68 6.61
C HIS A 97 9.60 -5.04 5.93
N VAL A 98 9.85 -5.07 4.63
CA VAL A 98 9.75 -6.30 3.85
C VAL A 98 11.12 -6.95 3.68
N THR A 99 11.23 -8.21 4.12
CA THR A 99 12.48 -8.95 4.01
C THR A 99 12.40 -10.03 2.94
N VAL A 100 13.30 -9.98 1.97
CA VAL A 100 13.33 -10.95 0.89
C VAL A 100 14.39 -12.03 1.14
N PRO A 101 14.01 -13.29 0.95
CA PRO A 101 14.90 -14.43 1.14
C PRO A 101 16.00 -14.50 0.09
N GLY A 1 -19.25 22.63 7.41
CA GLY A 1 -19.06 22.03 8.72
C GLY A 1 -18.66 23.05 9.78
N SER A 2 -19.65 23.65 10.41
CA SER A 2 -19.39 24.66 11.45
C SER A 2 -18.24 24.23 12.35
N SER A 3 -18.25 22.97 12.76
CA SER A 3 -17.21 22.43 13.62
C SER A 3 -15.97 22.04 12.81
N GLY A 4 -16.19 21.32 11.72
CA GLY A 4 -15.09 20.89 10.87
C GLY A 4 -15.56 20.37 9.54
N SER A 5 -16.15 19.17 9.54
CA SER A 5 -16.63 18.56 8.31
C SER A 5 -17.58 17.40 8.62
N SER A 6 -18.41 17.04 7.64
CA SER A 6 -19.36 15.96 7.81
C SER A 6 -18.66 14.60 7.80
N GLY A 7 -17.75 14.43 6.84
CA GLY A 7 -17.02 13.17 6.74
C GLY A 7 -15.52 13.38 6.79
N SER A 8 -14.87 12.71 7.74
CA SER A 8 -13.43 12.83 7.90
C SER A 8 -12.73 11.56 7.41
N SER A 9 -11.54 11.73 6.83
CA SER A 9 -10.77 10.61 6.32
C SER A 9 -9.60 10.27 7.26
N ASP A 10 -9.66 9.09 7.86
CA ASP A 10 -8.61 8.65 8.78
C ASP A 10 -7.82 7.49 8.19
N ALA A 11 -6.55 7.41 8.54
CA ALA A 11 -5.69 6.35 8.04
C ALA A 11 -5.63 5.18 9.02
N SER A 12 -5.59 5.49 10.31
CA SER A 12 -5.54 4.46 11.34
C SER A 12 -6.62 3.41 11.12
N LYS A 13 -7.69 3.81 10.44
CA LYS A 13 -8.80 2.90 10.16
C LYS A 13 -8.47 2.01 8.96
N VAL A 14 -7.77 2.56 7.98
CA VAL A 14 -7.39 1.81 6.79
C VAL A 14 -6.49 0.63 7.14
N THR A 15 -6.83 -0.55 6.64
CA THR A 15 -6.06 -1.76 6.90
C THR A 15 -5.56 -2.37 5.60
N SER A 16 -4.52 -3.19 5.71
CA SER A 16 -3.94 -3.85 4.54
C SER A 16 -3.68 -5.33 4.83
N LYS A 17 -3.91 -6.17 3.82
CA LYS A 17 -3.70 -7.61 3.97
C LYS A 17 -2.93 -8.16 2.78
N GLY A 18 -2.14 -9.20 3.02
CA GLY A 18 -1.36 -9.80 1.96
C GLY A 18 0.03 -10.21 2.42
N ALA A 19 0.82 -10.76 1.50
CA ALA A 19 2.17 -11.20 1.82
C ALA A 19 3.18 -10.07 1.58
N GLY A 20 3.07 -9.42 0.43
CA GLY A 20 3.98 -8.34 0.12
C GLY A 20 4.23 -7.42 1.29
N LEU A 21 3.21 -7.24 2.13
CA LEU A 21 3.32 -6.38 3.30
C LEU A 21 4.30 -6.95 4.30
N SER A 22 4.28 -8.27 4.46
CA SER A 22 5.18 -8.95 5.39
C SER A 22 6.54 -9.16 4.77
N LYS A 23 6.57 -9.82 3.62
CA LYS A 23 7.82 -10.09 2.91
C LYS A 23 7.58 -10.26 1.42
N ALA A 24 8.65 -10.23 0.64
CA ALA A 24 8.56 -10.38 -0.81
C ALA A 24 9.60 -11.37 -1.33
N PHE A 25 9.40 -11.83 -2.55
CA PHE A 25 10.32 -12.78 -3.17
C PHE A 25 10.71 -12.34 -4.58
N VAL A 26 12.00 -12.37 -4.87
CA VAL A 26 12.51 -11.97 -6.18
C VAL A 26 11.82 -12.76 -7.29
N GLY A 27 11.53 -12.08 -8.39
CA GLY A 27 10.87 -12.73 -9.51
C GLY A 27 9.38 -12.91 -9.29
N GLN A 28 9.01 -13.48 -8.15
CA GLN A 28 7.61 -13.70 -7.83
C GLN A 28 6.82 -12.39 -7.88
N LYS A 29 5.52 -12.48 -7.60
CA LYS A 29 4.66 -11.30 -7.61
C LYS A 29 3.93 -11.15 -6.28
N SER A 30 4.23 -10.08 -5.56
CA SER A 30 3.60 -9.82 -4.27
C SER A 30 2.42 -8.88 -4.42
N SER A 31 1.30 -9.22 -3.79
CA SER A 31 0.09 -8.40 -3.86
C SER A 31 -0.49 -8.18 -2.48
N PHE A 32 -1.16 -7.04 -2.30
CA PHE A 32 -1.75 -6.70 -1.02
C PHE A 32 -3.02 -5.88 -1.21
N LEU A 33 -4.07 -6.22 -0.47
CA LEU A 33 -5.34 -5.51 -0.56
C LEU A 33 -5.51 -4.53 0.60
N VAL A 34 -6.12 -3.38 0.32
CA VAL A 34 -6.35 -2.37 1.34
C VAL A 34 -7.83 -2.03 1.46
N ASP A 35 -8.42 -2.34 2.60
CA ASP A 35 -9.83 -2.06 2.84
C ASP A 35 -10.01 -0.70 3.49
N CYS A 36 -10.76 0.17 2.83
CA CYS A 36 -11.01 1.52 3.34
C CYS A 36 -12.50 1.78 3.49
N SER A 37 -13.24 0.74 3.92
CA SER A 37 -14.68 0.86 4.10
C SER A 37 -15.01 1.92 5.15
N LYS A 38 -14.46 1.76 6.34
CA LYS A 38 -14.70 2.69 7.42
C LYS A 38 -13.50 3.61 7.63
N ALA A 39 -12.81 3.93 6.54
CA ALA A 39 -11.64 4.81 6.59
C ALA A 39 -12.00 6.24 6.19
N GLY A 40 -12.64 6.37 5.04
CA GLY A 40 -13.03 7.69 4.55
C GLY A 40 -13.30 7.71 3.06
N SER A 41 -13.50 8.91 2.52
CA SER A 41 -13.78 9.06 1.09
C SER A 41 -12.59 9.69 0.37
N ASN A 42 -11.39 9.42 0.89
CA ASN A 42 -10.17 9.96 0.29
C ASN A 42 -9.63 9.02 -0.78
N MET A 43 -8.49 9.37 -1.35
CA MET A 43 -7.86 8.56 -2.39
C MET A 43 -6.64 7.84 -1.85
N LEU A 44 -6.43 6.61 -2.31
CA LEU A 44 -5.29 5.81 -1.88
C LEU A 44 -4.15 5.89 -2.89
N LEU A 45 -2.93 5.98 -2.38
CA LEU A 45 -1.75 6.06 -3.24
C LEU A 45 -0.60 5.26 -2.65
N ILE A 46 0.43 5.04 -3.46
CA ILE A 46 1.60 4.28 -3.03
C ILE A 46 2.89 5.05 -3.31
N GLY A 47 3.87 4.90 -2.42
CA GLY A 47 5.13 5.58 -2.59
C GLY A 47 6.33 4.66 -2.39
N VAL A 48 6.33 3.54 -3.11
CA VAL A 48 7.41 2.57 -3.00
C VAL A 48 8.77 3.27 -2.95
N HIS A 49 9.49 3.08 -1.85
CA HIS A 49 10.80 3.69 -1.69
C HIS A 49 11.89 2.79 -2.26
N GLY A 50 12.89 3.41 -2.88
CA GLY A 50 13.99 2.65 -3.46
C GLY A 50 15.29 2.85 -2.72
N PRO A 51 15.34 2.40 -1.46
CA PRO A 51 16.53 2.52 -0.62
C PRO A 51 17.67 1.61 -1.09
N THR A 52 17.31 0.53 -1.76
CA THR A 52 18.30 -0.43 -2.26
C THR A 52 18.13 -0.64 -3.76
N THR A 53 16.92 -0.97 -4.18
CA THR A 53 16.64 -1.21 -5.60
C THR A 53 15.19 -0.89 -5.92
N PRO A 54 14.96 -0.24 -7.07
CA PRO A 54 13.63 0.14 -7.53
C PRO A 54 12.80 -1.08 -7.95
N CYS A 55 11.48 -0.90 -7.98
CA CYS A 55 10.58 -1.98 -8.36
C CYS A 55 10.33 -1.98 -9.86
N GLU A 56 9.99 -3.15 -10.41
CA GLU A 56 9.73 -3.27 -11.84
C GLU A 56 8.53 -2.42 -12.25
N GLU A 57 7.48 -2.45 -11.44
CA GLU A 57 6.27 -1.68 -11.73
C GLU A 57 5.29 -1.77 -10.56
N VAL A 58 4.20 -1.00 -10.66
CA VAL A 58 3.19 -0.99 -9.61
C VAL A 58 1.79 -0.93 -10.21
N SER A 59 1.04 -2.02 -10.06
CA SER A 59 -0.32 -2.10 -10.58
C SER A 59 -1.34 -1.80 -9.50
N MET A 60 -1.96 -0.63 -9.60
CA MET A 60 -2.96 -0.21 -8.62
C MET A 60 -4.34 -0.08 -9.27
N LYS A 61 -5.31 -0.81 -8.73
CA LYS A 61 -6.67 -0.78 -9.26
C LYS A 61 -7.69 -0.88 -8.14
N HIS A 62 -8.86 -0.29 -8.36
CA HIS A 62 -9.93 -0.32 -7.36
C HIS A 62 -10.97 -1.37 -7.71
N VAL A 63 -10.66 -2.63 -7.42
CA VAL A 63 -11.57 -3.74 -7.69
C VAL A 63 -13.00 -3.39 -7.26
N GLY A 64 -13.11 -2.55 -6.25
CA GLY A 64 -14.42 -2.15 -5.76
C GLY A 64 -14.61 -2.49 -4.30
N ASN A 65 -15.77 -2.12 -3.75
CA ASN A 65 -16.08 -2.38 -2.35
C ASN A 65 -15.06 -1.72 -1.43
N GLN A 66 -14.46 -0.64 -1.91
CA GLN A 66 -13.46 0.09 -1.13
C GLN A 66 -12.17 -0.72 -1.01
N GLN A 67 -11.94 -1.61 -1.96
CA GLN A 67 -10.75 -2.45 -1.95
C GLN A 67 -9.79 -2.05 -3.07
N TYR A 68 -8.56 -1.71 -2.70
CA TYR A 68 -7.56 -1.30 -3.67
C TYR A 68 -6.50 -2.39 -3.85
N ASN A 69 -6.45 -2.94 -5.06
CA ASN A 69 -5.49 -4.00 -5.38
C ASN A 69 -4.16 -3.41 -5.85
N VAL A 70 -3.12 -3.62 -5.06
CA VAL A 70 -1.80 -3.11 -5.40
C VAL A 70 -0.77 -4.24 -5.45
N THR A 71 -0.24 -4.48 -6.64
CA THR A 71 0.75 -5.54 -6.84
C THR A 71 2.02 -4.99 -7.50
N TYR A 72 3.17 -5.48 -7.05
CA TYR A 72 4.45 -5.04 -7.60
C TYR A 72 5.40 -6.22 -7.79
N VAL A 73 6.55 -5.95 -8.37
CA VAL A 73 7.55 -6.98 -8.61
C VAL A 73 8.96 -6.47 -8.31
N VAL A 74 9.72 -7.26 -7.57
CA VAL A 74 11.09 -6.91 -7.21
C VAL A 74 12.09 -7.79 -7.92
N LYS A 75 13.26 -7.21 -8.25
CA LYS A 75 14.31 -7.96 -8.93
C LYS A 75 15.51 -8.16 -8.01
N GLU A 76 15.59 -7.36 -6.95
CA GLU A 76 16.68 -7.47 -6.00
C GLU A 76 16.18 -7.93 -4.64
N ARG A 77 17.06 -8.58 -3.88
CA ARG A 77 16.71 -9.08 -2.56
C ARG A 77 17.44 -8.31 -1.47
N GLY A 78 16.76 -8.10 -0.34
CA GLY A 78 17.36 -7.37 0.76
C GLY A 78 16.32 -6.71 1.65
N ASP A 79 16.63 -5.52 2.14
CA ASP A 79 15.72 -4.78 3.00
C ASP A 79 14.94 -3.74 2.21
N TYR A 80 13.61 -3.90 2.19
CA TYR A 80 12.75 -2.98 1.46
C TYR A 80 11.87 -2.18 2.42
N VAL A 81 11.30 -1.09 1.92
CA VAL A 81 10.44 -0.24 2.74
C VAL A 81 9.20 0.19 1.96
N LEU A 82 8.06 -0.41 2.29
CA LEU A 82 6.81 -0.09 1.63
C LEU A 82 6.16 1.13 2.25
N ALA A 83 6.10 2.22 1.48
CA ALA A 83 5.49 3.45 1.96
C ALA A 83 4.09 3.63 1.41
N VAL A 84 3.09 3.52 2.28
CA VAL A 84 1.69 3.65 1.88
C VAL A 84 1.05 4.85 2.57
N LYS A 85 0.38 5.69 1.79
CA LYS A 85 -0.29 6.88 2.32
C LYS A 85 -1.78 6.85 1.99
N TRP A 86 -2.58 7.49 2.84
CA TRP A 86 -4.02 7.54 2.65
C TRP A 86 -4.54 8.96 2.84
N GLY A 87 -4.65 9.71 1.75
CA GLY A 87 -5.14 11.07 1.83
C GLY A 87 -4.31 11.93 2.76
N GLU A 88 -3.12 12.32 2.32
CA GLU A 88 -2.22 13.13 3.12
C GLU A 88 -1.99 12.51 4.48
N GLU A 89 -1.83 11.19 4.51
CA GLU A 89 -1.60 10.48 5.76
C GLU A 89 -0.85 9.17 5.51
N HIS A 90 -0.49 8.48 6.59
CA HIS A 90 0.23 7.22 6.49
C HIS A 90 -0.49 6.12 7.26
N ILE A 91 -0.92 5.09 6.53
CA ILE A 91 -1.62 3.97 7.15
C ILE A 91 -0.83 3.40 8.33
N PRO A 92 -1.55 2.83 9.30
CA PRO A 92 -0.93 2.23 10.50
C PRO A 92 -0.17 0.95 10.17
N GLY A 93 1.14 1.09 9.95
CA GLY A 93 1.96 -0.06 9.63
C GLY A 93 3.17 0.30 8.81
N SER A 94 3.16 1.50 8.23
CA SER A 94 4.27 1.96 7.40
C SER A 94 5.14 2.95 8.16
N PRO A 95 6.43 3.01 7.81
CA PRO A 95 6.98 2.17 6.75
C PRO A 95 7.06 0.70 7.15
N PHE A 96 6.60 -0.17 6.26
CA PHE A 96 6.60 -1.61 6.52
C PHE A 96 7.99 -2.20 6.28
N HIS A 97 8.27 -3.32 6.95
CA HIS A 97 9.56 -3.97 6.81
C HIS A 97 9.44 -5.25 5.99
N VAL A 98 9.76 -5.16 4.72
CA VAL A 98 9.69 -6.31 3.82
C VAL A 98 11.06 -6.93 3.60
N THR A 99 11.23 -8.18 4.02
CA THR A 99 12.50 -8.88 3.87
C THR A 99 12.40 -9.96 2.78
N VAL A 100 13.34 -9.92 1.85
CA VAL A 100 13.36 -10.90 0.76
C VAL A 100 14.51 -11.88 0.93
N PRO A 101 14.19 -13.18 0.85
CA PRO A 101 15.18 -14.25 0.99
C PRO A 101 16.14 -14.31 -0.20
N GLY A 1 -9.51 28.53 -6.69
CA GLY A 1 -8.70 28.52 -5.49
C GLY A 1 -8.86 27.25 -4.68
N SER A 2 -8.23 27.21 -3.52
CA SER A 2 -8.31 26.03 -2.65
C SER A 2 -9.12 26.35 -1.40
N SER A 3 -10.44 26.28 -1.52
CA SER A 3 -11.33 26.56 -0.40
C SER A 3 -12.02 25.27 0.09
N GLY A 4 -11.39 24.62 1.06
CA GLY A 4 -11.96 23.39 1.59
C GLY A 4 -13.34 23.58 2.17
N SER A 5 -14.20 22.57 2.01
CA SER A 5 -15.56 22.65 2.51
C SER A 5 -15.73 21.78 3.75
N SER A 6 -15.53 20.47 3.59
CA SER A 6 -15.66 19.53 4.69
C SER A 6 -15.05 18.19 4.34
N GLY A 7 -13.98 17.82 5.05
CA GLY A 7 -13.32 16.55 4.79
C GLY A 7 -12.99 15.80 6.06
N SER A 8 -13.12 14.47 6.01
CA SER A 8 -12.83 13.64 7.18
C SER A 8 -12.41 12.24 6.75
N SER A 9 -11.13 11.94 6.94
CA SER A 9 -10.58 10.63 6.57
C SER A 9 -9.46 10.23 7.52
N ASP A 10 -9.56 9.03 8.07
CA ASP A 10 -8.55 8.51 8.99
C ASP A 10 -7.79 7.36 8.37
N ALA A 11 -6.47 7.36 8.54
CA ALA A 11 -5.62 6.31 8.00
C ALA A 11 -5.57 5.10 8.93
N SER A 12 -5.56 5.36 10.23
CA SER A 12 -5.51 4.30 11.22
C SER A 12 -6.55 3.23 10.93
N LYS A 13 -7.65 3.63 10.29
CA LYS A 13 -8.72 2.70 9.94
C LYS A 13 -8.33 1.87 8.73
N VAL A 14 -7.68 2.50 7.76
CA VAL A 14 -7.26 1.82 6.54
C VAL A 14 -6.40 0.60 6.87
N THR A 15 -6.90 -0.59 6.55
CA THR A 15 -6.18 -1.82 6.80
C THR A 15 -5.58 -2.39 5.52
N SER A 16 -4.55 -3.22 5.67
CA SER A 16 -3.89 -3.83 4.53
C SER A 16 -3.52 -5.28 4.82
N LYS A 17 -3.85 -6.16 3.87
CA LYS A 17 -3.56 -7.59 4.02
C LYS A 17 -2.76 -8.11 2.83
N GLY A 18 -1.97 -9.15 3.06
CA GLY A 18 -1.18 -9.72 1.99
C GLY A 18 0.26 -9.97 2.41
N ALA A 19 0.94 -10.85 1.70
CA ALA A 19 2.34 -11.17 2.00
C ALA A 19 3.26 -10.01 1.64
N GLY A 20 3.12 -9.51 0.40
CA GLY A 20 3.95 -8.41 -0.05
C GLY A 20 4.21 -7.40 1.05
N LEU A 21 3.25 -7.21 1.94
CA LEU A 21 3.38 -6.28 3.04
C LEU A 21 4.34 -6.81 4.10
N SER A 22 4.23 -8.09 4.40
CA SER A 22 5.09 -8.72 5.39
C SER A 22 6.45 -9.06 4.80
N LYS A 23 6.45 -9.78 3.69
CA LYS A 23 7.69 -10.17 3.01
C LYS A 23 7.46 -10.35 1.52
N ALA A 24 8.53 -10.26 0.75
CA ALA A 24 8.45 -10.42 -0.71
C ALA A 24 9.53 -11.37 -1.21
N PHE A 25 9.33 -11.90 -2.41
CA PHE A 25 10.28 -12.83 -3.02
C PHE A 25 10.77 -12.30 -4.37
N VAL A 26 12.06 -12.44 -4.62
CA VAL A 26 12.66 -11.99 -5.87
C VAL A 26 11.90 -12.54 -7.07
N GLY A 27 11.48 -11.65 -7.96
CA GLY A 27 10.75 -12.07 -9.14
C GLY A 27 9.27 -12.27 -8.88
N GLN A 28 8.96 -13.04 -7.83
CA GLN A 28 7.57 -13.30 -7.47
C GLN A 28 6.77 -12.01 -7.39
N LYS A 29 5.56 -12.05 -7.92
CA LYS A 29 4.69 -10.87 -7.92
C LYS A 29 3.90 -10.79 -6.61
N SER A 30 4.33 -9.90 -5.71
CA SER A 30 3.68 -9.73 -4.43
C SER A 30 2.47 -8.80 -4.56
N SER A 31 1.34 -9.22 -4.00
CA SER A 31 0.11 -8.44 -4.05
C SER A 31 -0.44 -8.20 -2.65
N PHE A 32 -1.20 -7.12 -2.51
CA PHE A 32 -1.80 -6.78 -1.21
C PHE A 32 -3.02 -5.89 -1.40
N LEU A 33 -4.09 -6.21 -0.67
CA LEU A 33 -5.33 -5.44 -0.75
C LEU A 33 -5.50 -4.55 0.47
N VAL A 34 -6.10 -3.38 0.27
CA VAL A 34 -6.33 -2.43 1.36
C VAL A 34 -7.81 -2.10 1.49
N ASP A 35 -8.35 -2.31 2.68
CA ASP A 35 -9.77 -2.02 2.94
C ASP A 35 -9.95 -0.59 3.43
N CYS A 36 -10.72 0.19 2.67
CA CYS A 36 -10.97 1.59 3.03
C CYS A 36 -12.47 1.88 3.03
N SER A 37 -13.24 0.99 3.64
CA SER A 37 -14.69 1.15 3.71
C SER A 37 -15.07 2.18 4.76
N LYS A 38 -14.52 2.03 5.96
CA LYS A 38 -14.80 2.95 7.06
C LYS A 38 -13.56 3.77 7.40
N ALA A 39 -12.80 4.16 6.39
CA ALA A 39 -11.59 4.95 6.60
C ALA A 39 -11.84 6.42 6.28
N GLY A 40 -12.40 6.69 5.10
CA GLY A 40 -12.66 8.06 4.71
C GLY A 40 -12.89 8.19 3.21
N SER A 41 -13.28 9.39 2.78
CA SER A 41 -13.54 9.64 1.37
C SER A 41 -12.29 10.21 0.68
N ASN A 42 -11.13 9.68 1.04
CA ASN A 42 -9.87 10.13 0.46
C ASN A 42 -9.40 9.16 -0.62
N MET A 43 -8.31 9.52 -1.30
CA MET A 43 -7.75 8.70 -2.35
C MET A 43 -6.58 7.87 -1.83
N LEU A 44 -6.40 6.68 -2.40
CA LEU A 44 -5.31 5.79 -2.00
C LEU A 44 -4.14 5.89 -2.97
N LEU A 45 -2.94 6.04 -2.41
CA LEU A 45 -1.73 6.15 -3.23
C LEU A 45 -0.59 5.35 -2.62
N ILE A 46 0.43 5.06 -3.42
CA ILE A 46 1.59 4.31 -2.95
C ILE A 46 2.87 5.09 -3.20
N GLY A 47 3.85 4.89 -2.32
CA GLY A 47 5.12 5.58 -2.44
C GLY A 47 6.31 4.65 -2.27
N VAL A 48 6.43 3.67 -3.16
CA VAL A 48 7.53 2.71 -3.10
C VAL A 48 8.88 3.42 -3.02
N HIS A 49 9.65 3.10 -1.98
CA HIS A 49 10.96 3.71 -1.79
C HIS A 49 12.04 2.88 -2.45
N GLY A 50 13.03 3.56 -3.05
CA GLY A 50 14.11 2.86 -3.71
C GLY A 50 15.45 3.09 -3.05
N PRO A 51 15.57 2.62 -1.79
CA PRO A 51 16.81 2.76 -1.01
C PRO A 51 17.93 1.89 -1.55
N THR A 52 17.57 0.76 -2.13
CA THR A 52 18.56 -0.16 -2.69
C THR A 52 18.29 -0.44 -4.17
N THR A 53 17.07 -0.86 -4.46
CA THR A 53 16.68 -1.15 -5.84
C THR A 53 15.22 -0.83 -6.08
N PRO A 54 14.93 -0.15 -7.20
CA PRO A 54 13.56 0.23 -7.57
C PRO A 54 12.71 -0.97 -7.97
N CYS A 55 11.42 -0.73 -8.17
CA CYS A 55 10.50 -1.79 -8.55
C CYS A 55 10.19 -1.73 -10.05
N GLU A 56 9.84 -2.88 -10.61
CA GLU A 56 9.52 -2.96 -12.03
C GLU A 56 8.31 -2.09 -12.37
N GLU A 57 7.27 -2.19 -11.54
CA GLU A 57 6.05 -1.41 -11.75
C GLU A 57 5.09 -1.57 -10.57
N VAL A 58 4.04 -0.76 -10.56
CA VAL A 58 3.05 -0.81 -9.49
C VAL A 58 1.63 -0.79 -10.04
N SER A 59 1.01 -1.96 -10.11
CA SER A 59 -0.35 -2.08 -10.63
C SER A 59 -1.37 -1.79 -9.53
N MET A 60 -2.06 -0.67 -9.66
CA MET A 60 -3.07 -0.28 -8.69
C MET A 60 -4.45 -0.19 -9.33
N LYS A 61 -5.44 -0.83 -8.72
CA LYS A 61 -6.80 -0.81 -9.24
C LYS A 61 -7.81 -0.92 -8.11
N HIS A 62 -8.99 -0.33 -8.32
CA HIS A 62 -10.04 -0.35 -7.31
C HIS A 62 -11.04 -1.47 -7.59
N VAL A 63 -10.63 -2.70 -7.31
CA VAL A 63 -11.48 -3.87 -7.54
C VAL A 63 -12.92 -3.57 -7.14
N GLY A 64 -13.09 -2.80 -6.07
CA GLY A 64 -14.42 -2.45 -5.60
C GLY A 64 -14.60 -2.73 -4.12
N ASN A 65 -15.85 -2.66 -3.66
CA ASN A 65 -16.16 -2.91 -2.25
C ASN A 65 -15.24 -2.08 -1.35
N GLN A 66 -14.91 -0.87 -1.79
CA GLN A 66 -14.04 0.01 -1.02
C GLN A 66 -12.66 -0.61 -0.82
N GLN A 67 -12.26 -1.45 -1.77
CA GLN A 67 -10.97 -2.12 -1.71
C GLN A 67 -10.02 -1.59 -2.78
N TYR A 68 -8.73 -1.86 -2.63
CA TYR A 68 -7.73 -1.41 -3.59
C TYR A 68 -6.65 -2.47 -3.78
N ASN A 69 -6.55 -2.98 -5.00
CA ASN A 69 -5.55 -4.00 -5.32
C ASN A 69 -4.24 -3.35 -5.77
N VAL A 70 -3.15 -3.74 -5.11
CA VAL A 70 -1.83 -3.21 -5.43
C VAL A 70 -0.78 -4.32 -5.46
N THR A 71 -0.18 -4.51 -6.63
CA THR A 71 0.85 -5.54 -6.80
C THR A 71 2.10 -4.97 -7.46
N TYR A 72 3.26 -5.42 -7.01
CA TYR A 72 4.53 -4.96 -7.57
C TYR A 72 5.48 -6.13 -7.80
N VAL A 73 6.63 -5.84 -8.39
CA VAL A 73 7.63 -6.86 -8.69
C VAL A 73 9.03 -6.36 -8.36
N VAL A 74 9.87 -7.25 -7.84
CA VAL A 74 11.24 -6.90 -7.49
C VAL A 74 12.23 -7.89 -8.11
N LYS A 75 13.50 -7.47 -8.18
CA LYS A 75 14.54 -8.32 -8.75
C LYS A 75 15.67 -8.54 -7.75
N GLU A 76 15.75 -7.65 -6.75
CA GLU A 76 16.79 -7.74 -5.73
C GLU A 76 16.19 -8.19 -4.40
N ARG A 77 17.02 -8.78 -3.55
CA ARG A 77 16.57 -9.25 -2.25
C ARG A 77 17.23 -8.44 -1.12
N GLY A 78 16.93 -8.82 0.11
CA GLY A 78 17.51 -8.12 1.25
C GLY A 78 16.45 -7.40 2.07
N ASP A 79 16.67 -6.11 2.32
CA ASP A 79 15.73 -5.31 3.10
C ASP A 79 14.97 -4.35 2.19
N TYR A 80 13.65 -4.29 2.36
CA TYR A 80 12.81 -3.42 1.56
C TYR A 80 11.99 -2.48 2.45
N VAL A 81 11.39 -1.47 1.84
CA VAL A 81 10.58 -0.50 2.58
C VAL A 81 9.32 -0.13 1.79
N LEU A 82 8.16 -0.43 2.37
CA LEU A 82 6.89 -0.11 1.73
C LEU A 82 6.25 1.13 2.35
N ALA A 83 6.09 2.17 1.54
CA ALA A 83 5.49 3.41 2.01
C ALA A 83 4.08 3.59 1.43
N VAL A 84 3.08 3.46 2.29
CA VAL A 84 1.69 3.60 1.87
C VAL A 84 1.03 4.78 2.57
N LYS A 85 0.38 5.64 1.79
CA LYS A 85 -0.30 6.82 2.32
C LYS A 85 -1.79 6.76 2.04
N TRP A 86 -2.58 7.46 2.86
CA TRP A 86 -4.02 7.48 2.70
C TRP A 86 -4.56 8.90 2.80
N GLY A 87 -4.60 9.61 1.67
CA GLY A 87 -5.09 10.98 1.67
C GLY A 87 -4.32 11.87 2.63
N GLU A 88 -3.09 12.21 2.26
CA GLU A 88 -2.26 13.06 3.09
C GLU A 88 -2.04 12.43 4.47
N GLU A 89 -1.92 11.10 4.49
CA GLU A 89 -1.70 10.38 5.74
C GLU A 89 -0.87 9.13 5.50
N HIS A 90 -0.55 8.42 6.58
CA HIS A 90 0.24 7.21 6.50
C HIS A 90 -0.44 6.06 7.25
N ILE A 91 -0.87 5.05 6.50
CA ILE A 91 -1.53 3.89 7.10
C ILE A 91 -0.77 3.41 8.33
N PRO A 92 -1.52 2.82 9.28
CA PRO A 92 -0.95 2.29 10.52
C PRO A 92 -0.09 1.05 10.29
N GLY A 93 1.22 1.23 10.35
CA GLY A 93 2.13 0.11 10.15
C GLY A 93 3.28 0.46 9.23
N SER A 94 3.16 1.58 8.54
CA SER A 94 4.20 2.04 7.61
C SER A 94 5.14 3.02 8.30
N PRO A 95 6.41 3.04 7.85
CA PRO A 95 6.88 2.15 6.77
C PRO A 95 6.94 0.70 7.21
N PHE A 96 6.41 -0.18 6.36
CA PHE A 96 6.41 -1.62 6.65
C PHE A 96 7.77 -2.24 6.37
N HIS A 97 8.03 -3.38 7.00
CA HIS A 97 9.31 -4.07 6.82
C HIS A 97 9.14 -5.30 5.94
N VAL A 98 9.67 -5.23 4.72
CA VAL A 98 9.58 -6.34 3.78
C VAL A 98 10.93 -6.99 3.57
N THR A 99 11.07 -8.23 4.04
CA THR A 99 12.31 -8.97 3.91
C THR A 99 12.25 -9.93 2.72
N VAL A 100 13.29 -9.91 1.90
CA VAL A 100 13.37 -10.79 0.74
C VAL A 100 14.51 -11.78 0.87
N PRO A 101 14.20 -13.06 0.62
CA PRO A 101 15.19 -14.15 0.71
C PRO A 101 16.21 -14.08 -0.42
N GLY A 1 -7.49 25.43 5.32
CA GLY A 1 -7.78 25.03 3.95
C GLY A 1 -8.87 25.88 3.31
N SER A 2 -8.46 26.81 2.46
CA SER A 2 -9.40 27.69 1.79
C SER A 2 -10.65 26.93 1.36
N SER A 3 -10.44 25.80 0.69
CA SER A 3 -11.55 24.98 0.22
C SER A 3 -12.30 24.34 1.38
N GLY A 4 -13.40 23.67 1.08
CA GLY A 4 -14.20 23.03 2.11
C GLY A 4 -14.36 21.54 1.89
N SER A 5 -13.30 20.78 2.17
CA SER A 5 -13.33 19.34 1.99
C SER A 5 -13.98 18.65 3.18
N SER A 6 -15.30 18.46 3.11
CA SER A 6 -16.04 17.82 4.19
C SER A 6 -15.77 16.33 4.21
N GLY A 7 -15.64 15.77 5.41
CA GLY A 7 -15.39 14.35 5.56
C GLY A 7 -14.25 14.06 6.50
N SER A 8 -14.36 12.96 7.24
CA SER A 8 -13.34 12.57 8.21
C SER A 8 -12.56 11.36 7.70
N SER A 9 -11.60 11.59 6.81
CA SER A 9 -10.79 10.52 6.25
C SER A 9 -9.61 10.20 7.16
N ASP A 10 -9.71 9.07 7.86
CA ASP A 10 -8.65 8.63 8.76
C ASP A 10 -7.84 7.50 8.16
N ALA A 11 -6.56 7.44 8.51
CA ALA A 11 -5.68 6.39 8.00
C ALA A 11 -5.61 5.22 8.97
N SER A 12 -5.54 5.53 10.26
CA SER A 12 -5.47 4.50 11.29
C SER A 12 -6.56 3.45 11.11
N LYS A 13 -7.62 3.85 10.42
CA LYS A 13 -8.75 2.95 10.17
C LYS A 13 -8.44 2.00 9.02
N VAL A 14 -7.77 2.51 7.99
CA VAL A 14 -7.41 1.71 6.82
C VAL A 14 -6.68 0.43 7.25
N THR A 15 -7.06 -0.69 6.64
CA THR A 15 -6.44 -1.97 6.95
C THR A 15 -5.79 -2.59 5.71
N SER A 16 -4.69 -3.30 5.91
CA SER A 16 -3.97 -3.94 4.81
C SER A 16 -3.67 -5.40 5.15
N LYS A 17 -3.92 -6.28 4.19
CA LYS A 17 -3.66 -7.70 4.38
C LYS A 17 -3.06 -8.32 3.11
N GLY A 18 -2.54 -9.53 3.25
CA GLY A 18 -1.95 -10.21 2.11
C GLY A 18 -0.59 -10.82 2.44
N ALA A 19 0.34 -10.74 1.49
CA ALA A 19 1.68 -11.28 1.69
C ALA A 19 2.74 -10.23 1.44
N GLY A 20 2.64 -9.55 0.29
CA GLY A 20 3.61 -8.53 -0.05
C GLY A 20 3.91 -7.60 1.12
N LEU A 21 2.90 -7.36 1.95
CA LEU A 21 3.06 -6.49 3.11
C LEU A 21 3.97 -7.12 4.15
N SER A 22 3.80 -8.43 4.37
CA SER A 22 4.60 -9.15 5.34
C SER A 22 5.98 -9.45 4.77
N LYS A 23 6.02 -10.12 3.63
CA LYS A 23 7.28 -10.47 2.99
C LYS A 23 7.08 -10.70 1.49
N ALA A 24 8.18 -10.74 0.75
CA ALA A 24 8.12 -10.96 -0.70
C ALA A 24 9.24 -11.90 -1.15
N PHE A 25 9.16 -12.32 -2.41
CA PHE A 25 10.15 -13.23 -2.97
C PHE A 25 10.62 -12.75 -4.34
N VAL A 26 11.93 -12.73 -4.55
CA VAL A 26 12.50 -12.30 -5.82
C VAL A 26 11.91 -13.08 -6.98
N GLY A 27 11.58 -12.37 -8.06
CA GLY A 27 11.01 -13.00 -9.22
C GLY A 27 9.51 -13.24 -9.08
N GLN A 28 9.10 -13.64 -7.88
CA GLN A 28 7.69 -13.91 -7.61
C GLN A 28 6.90 -12.61 -7.50
N LYS A 29 5.64 -12.66 -7.92
CA LYS A 29 4.78 -11.48 -7.86
C LYS A 29 4.07 -11.39 -6.51
N SER A 30 4.25 -10.27 -5.83
CA SER A 30 3.63 -10.06 -4.52
C SER A 30 2.55 -8.99 -4.60
N SER A 31 1.37 -9.31 -4.07
CA SER A 31 0.25 -8.37 -4.07
C SER A 31 -0.30 -8.17 -2.67
N PHE A 32 -0.99 -7.05 -2.46
CA PHE A 32 -1.58 -6.74 -1.17
C PHE A 32 -2.84 -5.91 -1.33
N LEU A 33 -3.87 -6.26 -0.58
CA LEU A 33 -5.14 -5.54 -0.63
C LEU A 33 -5.30 -4.63 0.58
N VAL A 34 -5.91 -3.46 0.36
CA VAL A 34 -6.13 -2.50 1.43
C VAL A 34 -7.61 -2.12 1.55
N ASP A 35 -8.24 -2.51 2.65
CA ASP A 35 -9.64 -2.23 2.88
C ASP A 35 -9.82 -0.85 3.51
N CYS A 36 -10.56 0.02 2.82
CA CYS A 36 -10.79 1.38 3.32
C CYS A 36 -12.28 1.63 3.50
N SER A 37 -13.01 0.60 3.92
CA SER A 37 -14.45 0.71 4.13
C SER A 37 -14.76 1.78 5.17
N LYS A 38 -14.27 1.57 6.39
CA LYS A 38 -14.50 2.52 7.48
C LYS A 38 -13.33 3.49 7.61
N ALA A 39 -12.67 3.75 6.49
CA ALA A 39 -11.53 4.66 6.48
C ALA A 39 -11.97 6.08 6.11
N GLY A 40 -12.60 6.22 4.95
CA GLY A 40 -13.07 7.51 4.50
C GLY A 40 -13.35 7.55 3.01
N SER A 41 -13.44 8.75 2.46
CA SER A 41 -13.72 8.93 1.04
C SER A 41 -12.51 9.51 0.32
N ASN A 42 -11.33 9.36 0.92
CA ASN A 42 -10.10 9.88 0.34
C ASN A 42 -9.56 8.93 -0.71
N MET A 43 -8.42 9.28 -1.30
CA MET A 43 -7.80 8.47 -2.33
C MET A 43 -6.55 7.78 -1.79
N LEU A 44 -6.37 6.50 -2.15
CA LEU A 44 -5.21 5.74 -1.71
C LEU A 44 -4.08 5.81 -2.71
N LEU A 45 -2.85 5.92 -2.22
CA LEU A 45 -1.68 6.01 -3.08
C LEU A 45 -0.50 5.24 -2.48
N ILE A 46 0.51 4.98 -3.30
CA ILE A 46 1.70 4.26 -2.84
C ILE A 46 2.96 5.07 -3.12
N GLY A 47 3.95 4.92 -2.24
CA GLY A 47 5.20 5.63 -2.40
C GLY A 47 6.41 4.72 -2.26
N VAL A 48 6.45 3.67 -3.07
CA VAL A 48 7.56 2.73 -3.03
C VAL A 48 8.90 3.45 -2.97
N HIS A 49 9.83 2.89 -2.20
CA HIS A 49 11.15 3.49 -2.04
C HIS A 49 12.00 3.24 -3.29
N GLY A 50 13.00 4.10 -3.50
CA GLY A 50 13.86 3.96 -4.66
C GLY A 50 15.24 4.57 -4.42
N PRO A 51 15.94 4.08 -3.40
CA PRO A 51 17.28 4.56 -3.04
C PRO A 51 18.33 4.15 -4.08
N THR A 52 18.35 2.87 -4.40
CA THR A 52 19.31 2.35 -5.38
C THR A 52 18.62 1.46 -6.40
N THR A 53 17.86 0.48 -5.91
CA THR A 53 17.16 -0.46 -6.78
C THR A 53 15.67 -0.50 -6.43
N PRO A 54 14.89 0.39 -7.06
CA PRO A 54 13.44 0.46 -6.84
C PRO A 54 12.70 -0.74 -7.42
N CYS A 55 11.39 -0.76 -7.25
CA CYS A 55 10.56 -1.86 -7.75
C CYS A 55 10.44 -1.79 -9.26
N GLU A 56 10.23 -2.95 -9.89
CA GLU A 56 10.09 -3.02 -11.33
C GLU A 56 8.88 -2.23 -11.81
N GLU A 57 7.79 -2.32 -11.05
CA GLU A 57 6.56 -1.62 -11.40
C GLU A 57 5.56 -1.68 -10.25
N VAL A 58 4.43 -0.99 -10.41
CA VAL A 58 3.39 -0.97 -9.39
C VAL A 58 2.02 -0.84 -10.01
N SER A 59 1.27 -1.95 -10.03
CA SER A 59 -0.07 -1.96 -10.60
C SER A 59 -1.13 -1.69 -9.52
N MET A 60 -1.67 -0.48 -9.52
CA MET A 60 -2.69 -0.10 -8.55
C MET A 60 -4.06 0.01 -9.22
N LYS A 61 -5.04 -0.71 -8.67
CA LYS A 61 -6.40 -0.70 -9.21
C LYS A 61 -7.42 -0.76 -8.09
N HIS A 62 -8.62 -0.27 -8.37
CA HIS A 62 -9.70 -0.26 -7.38
C HIS A 62 -10.75 -1.32 -7.72
N VAL A 63 -10.44 -2.58 -7.39
CA VAL A 63 -11.34 -3.68 -7.65
C VAL A 63 -12.77 -3.35 -7.20
N GLY A 64 -12.88 -2.38 -6.30
CA GLY A 64 -14.18 -1.98 -5.80
C GLY A 64 -14.39 -2.36 -4.35
N ASN A 65 -15.60 -2.12 -3.85
CA ASN A 65 -15.92 -2.44 -2.46
C ASN A 65 -14.92 -1.80 -1.50
N GLN A 66 -14.43 -0.62 -1.86
CA GLN A 66 -13.47 0.10 -1.04
C GLN A 66 -12.17 -0.69 -0.93
N GLN A 67 -11.90 -1.53 -1.92
CA GLN A 67 -10.69 -2.35 -1.93
C GLN A 67 -9.75 -1.90 -3.04
N TYR A 68 -8.48 -1.68 -2.69
CA TYR A 68 -7.48 -1.25 -3.66
C TYR A 68 -6.42 -2.33 -3.86
N ASN A 69 -6.36 -2.87 -5.07
CA ASN A 69 -5.39 -3.91 -5.40
C ASN A 69 -4.07 -3.29 -5.86
N VAL A 70 -2.98 -3.68 -5.21
CA VAL A 70 -1.66 -3.17 -5.56
C VAL A 70 -0.64 -4.30 -5.64
N THR A 71 -0.04 -4.47 -6.81
CA THR A 71 0.96 -5.52 -7.02
C THR A 71 2.25 -4.95 -7.58
N TYR A 72 3.37 -5.52 -7.18
CA TYR A 72 4.68 -5.06 -7.64
C TYR A 72 5.62 -6.25 -7.89
N VAL A 73 6.80 -5.95 -8.41
CA VAL A 73 7.79 -6.98 -8.69
C VAL A 73 9.20 -6.51 -8.33
N VAL A 74 9.94 -7.35 -7.62
CA VAL A 74 11.30 -7.02 -7.22
C VAL A 74 12.30 -8.00 -7.81
N LYS A 75 13.51 -7.52 -8.07
CA LYS A 75 14.56 -8.36 -8.63
C LYS A 75 15.65 -8.64 -7.60
N GLU A 76 15.82 -7.71 -6.65
CA GLU A 76 16.83 -7.85 -5.61
C GLU A 76 16.19 -8.36 -4.31
N ARG A 77 17.03 -8.83 -3.40
CA ARG A 77 16.56 -9.34 -2.12
C ARG A 77 17.06 -8.47 -0.98
N GLY A 78 16.42 -8.61 0.19
CA GLY A 78 16.81 -7.83 1.35
C GLY A 78 15.63 -7.21 2.06
N ASP A 79 15.85 -6.05 2.69
CA ASP A 79 14.79 -5.36 3.40
C ASP A 79 14.15 -4.30 2.53
N TYR A 80 12.82 -4.35 2.43
CA TYR A 80 12.08 -3.39 1.62
C TYR A 80 11.22 -2.48 2.49
N VAL A 81 11.12 -1.21 2.10
CA VAL A 81 10.33 -0.24 2.85
C VAL A 81 9.09 0.18 2.07
N LEU A 82 7.95 -0.38 2.45
CA LEU A 82 6.68 -0.07 1.79
C LEU A 82 6.03 1.17 2.41
N ALA A 83 6.01 2.25 1.64
CA ALA A 83 5.41 3.51 2.11
C ALA A 83 4.02 3.70 1.52
N VAL A 84 3.00 3.51 2.34
CA VAL A 84 1.61 3.68 1.89
C VAL A 84 0.94 4.84 2.60
N LYS A 85 0.46 5.80 1.82
CA LYS A 85 -0.22 6.97 2.37
C LYS A 85 -1.71 6.94 2.07
N TRP A 86 -2.50 7.58 2.92
CA TRP A 86 -3.95 7.62 2.74
C TRP A 86 -4.48 9.03 2.97
N GLY A 87 -4.60 9.79 1.88
CA GLY A 87 -5.10 11.15 1.98
C GLY A 87 -4.27 12.00 2.93
N GLU A 88 -3.06 12.34 2.51
CA GLU A 88 -2.16 13.16 3.33
C GLU A 88 -1.97 12.53 4.70
N GLU A 89 -1.66 11.23 4.71
CA GLU A 89 -1.45 10.51 5.96
C GLU A 89 -0.67 9.22 5.72
N HIS A 90 -0.33 8.53 6.80
CA HIS A 90 0.41 7.28 6.70
C HIS A 90 -0.32 6.15 7.43
N ILE A 91 -0.81 5.18 6.66
CA ILE A 91 -1.52 4.04 7.23
C ILE A 91 -0.78 3.48 8.44
N PRO A 92 -1.55 2.89 9.38
CA PRO A 92 -0.98 2.29 10.58
C PRO A 92 -0.19 1.03 10.29
N GLY A 93 1.14 1.12 10.39
CA GLY A 93 1.99 -0.02 10.14
C GLY A 93 3.14 0.32 9.21
N SER A 94 3.06 1.46 8.55
CA SER A 94 4.11 1.90 7.63
C SER A 94 5.07 2.85 8.32
N PRO A 95 6.34 2.84 7.85
CA PRO A 95 6.77 1.98 6.76
C PRO A 95 6.81 0.50 7.15
N PHE A 96 6.17 -0.34 6.35
CA PHE A 96 6.12 -1.77 6.63
C PHE A 96 7.49 -2.40 6.40
N HIS A 97 7.73 -3.53 7.07
CA HIS A 97 9.00 -4.23 6.95
C HIS A 97 8.84 -5.51 6.11
N VAL A 98 9.18 -5.42 4.83
CA VAL A 98 9.08 -6.56 3.93
C VAL A 98 10.44 -7.20 3.69
N THR A 99 10.60 -8.45 4.13
CA THR A 99 11.85 -9.17 3.96
C THR A 99 11.77 -10.13 2.79
N VAL A 100 12.86 -10.23 2.02
CA VAL A 100 12.92 -11.12 0.87
C VAL A 100 14.14 -12.04 0.95
N PRO A 101 13.89 -13.34 0.76
CA PRO A 101 14.96 -14.35 0.80
C PRO A 101 15.89 -14.26 -0.39
N GLY A 1 -15.29 26.15 1.44
CA GLY A 1 -16.42 26.92 1.92
C GLY A 1 -17.74 26.43 1.37
N SER A 2 -18.26 27.11 0.35
CA SER A 2 -19.52 26.74 -0.26
C SER A 2 -19.33 25.56 -1.23
N SER A 3 -20.37 24.76 -1.38
CA SER A 3 -20.33 23.61 -2.27
C SER A 3 -19.01 22.85 -2.12
N GLY A 4 -18.59 22.65 -0.86
CA GLY A 4 -17.35 21.94 -0.60
C GLY A 4 -17.49 20.93 0.51
N SER A 5 -16.96 19.73 0.30
CA SER A 5 -17.03 18.67 1.29
C SER A 5 -15.70 18.51 2.02
N SER A 6 -15.77 18.10 3.28
CA SER A 6 -14.56 17.92 4.09
C SER A 6 -13.94 16.56 3.83
N GLY A 7 -12.70 16.38 4.30
CA GLY A 7 -12.01 15.12 4.10
C GLY A 7 -12.63 13.99 4.89
N SER A 8 -12.83 14.21 6.19
CA SER A 8 -13.42 13.19 7.05
C SER A 8 -12.90 11.80 6.71
N SER A 9 -11.58 11.69 6.57
CA SER A 9 -10.94 10.43 6.24
C SER A 9 -9.81 10.11 7.20
N ASP A 10 -9.85 8.92 7.78
CA ASP A 10 -8.82 8.49 8.72
C ASP A 10 -7.98 7.36 8.15
N ALA A 11 -6.72 7.28 8.56
CA ALA A 11 -5.83 6.24 8.08
C ALA A 11 -5.79 5.06 9.05
N SER A 12 -5.73 5.35 10.33
CA SER A 12 -5.69 4.32 11.36
C SER A 12 -6.78 3.28 11.13
N LYS A 13 -7.87 3.70 10.50
CA LYS A 13 -8.98 2.81 10.21
C LYS A 13 -8.68 1.93 9.01
N VAL A 14 -7.89 2.46 8.08
CA VAL A 14 -7.51 1.73 6.87
C VAL A 14 -6.78 0.43 7.23
N THR A 15 -7.28 -0.68 6.68
CA THR A 15 -6.68 -1.98 6.94
C THR A 15 -6.04 -2.56 5.68
N SER A 16 -5.00 -3.35 5.86
CA SER A 16 -4.30 -3.97 4.73
C SER A 16 -4.01 -5.43 5.00
N LYS A 17 -4.17 -6.26 3.97
CA LYS A 17 -3.92 -7.69 4.09
C LYS A 17 -3.09 -8.21 2.92
N GLY A 18 -2.35 -9.29 3.16
CA GLY A 18 -1.52 -9.86 2.12
C GLY A 18 -0.13 -10.21 2.60
N ALA A 19 0.70 -10.74 1.71
CA ALA A 19 2.05 -11.12 2.05
C ALA A 19 3.04 -10.00 1.72
N GLY A 20 2.86 -9.38 0.55
CA GLY A 20 3.74 -8.31 0.14
C GLY A 20 4.06 -7.36 1.28
N LEU A 21 3.15 -7.23 2.21
CA LEU A 21 3.34 -6.35 3.36
C LEU A 21 4.26 -6.97 4.40
N SER A 22 4.16 -8.29 4.55
CA SER A 22 4.99 -9.02 5.50
C SER A 22 6.36 -9.33 4.89
N LYS A 23 6.35 -9.97 3.73
CA LYS A 23 7.59 -10.33 3.05
C LYS A 23 7.36 -10.51 1.55
N ALA A 24 8.42 -10.35 0.77
CA ALA A 24 8.34 -10.49 -0.68
C ALA A 24 9.32 -11.53 -1.19
N PHE A 25 9.24 -11.84 -2.47
CA PHE A 25 10.13 -12.83 -3.09
C PHE A 25 10.60 -12.35 -4.46
N VAL A 26 11.86 -12.60 -4.78
CA VAL A 26 12.43 -12.20 -6.06
C VAL A 26 11.71 -12.90 -7.21
N GLY A 27 11.42 -12.14 -8.26
CA GLY A 27 10.74 -12.70 -9.42
C GLY A 27 9.25 -12.87 -9.19
N GLN A 28 8.88 -13.43 -8.04
CA GLN A 28 7.48 -13.64 -7.70
C GLN A 28 6.69 -12.33 -7.81
N LYS A 29 5.41 -12.40 -7.49
CA LYS A 29 4.54 -11.23 -7.54
C LYS A 29 3.88 -10.98 -6.19
N SER A 30 4.34 -9.95 -5.49
CA SER A 30 3.78 -9.60 -4.18
C SER A 30 2.54 -8.73 -4.33
N SER A 31 1.42 -9.20 -3.79
CA SER A 31 0.18 -8.46 -3.86
C SER A 31 -0.38 -8.20 -2.46
N PHE A 32 -1.12 -7.10 -2.33
CA PHE A 32 -1.70 -6.73 -1.04
C PHE A 32 -2.97 -5.90 -1.25
N LEU A 33 -4.02 -6.23 -0.48
CA LEU A 33 -5.28 -5.52 -0.58
C LEU A 33 -5.44 -4.52 0.57
N VAL A 34 -6.07 -3.39 0.28
CA VAL A 34 -6.28 -2.36 1.29
C VAL A 34 -7.76 -1.98 1.38
N ASP A 35 -8.38 -2.30 2.51
CA ASP A 35 -9.79 -1.99 2.73
C ASP A 35 -9.96 -0.58 3.29
N CYS A 36 -10.91 0.16 2.73
CA CYS A 36 -11.17 1.52 3.17
C CYS A 36 -12.67 1.74 3.40
N SER A 37 -13.36 0.69 3.81
CA SER A 37 -14.79 0.76 4.06
C SER A 37 -15.11 1.82 5.12
N LYS A 38 -14.49 1.68 6.28
CA LYS A 38 -14.70 2.62 7.38
C LYS A 38 -13.49 3.52 7.56
N ALA A 39 -12.79 3.82 6.46
CA ALA A 39 -11.61 4.67 6.50
C ALA A 39 -11.95 6.10 6.09
N GLY A 40 -12.39 6.26 4.84
CA GLY A 40 -12.74 7.57 4.34
C GLY A 40 -12.81 7.63 2.84
N SER A 41 -13.35 8.72 2.30
CA SER A 41 -13.48 8.88 0.86
C SER A 41 -12.23 9.55 0.28
N ASN A 42 -11.07 9.18 0.80
CA ASN A 42 -9.81 9.73 0.34
C ASN A 42 -9.23 8.89 -0.79
N MET A 43 -8.03 9.26 -1.24
CA MET A 43 -7.37 8.53 -2.32
C MET A 43 -6.24 7.66 -1.78
N LEU A 44 -6.00 6.53 -2.43
CA LEU A 44 -4.95 5.60 -2.00
C LEU A 44 -3.78 5.63 -2.98
N LEU A 45 -2.62 6.05 -2.49
CA LEU A 45 -1.43 6.12 -3.33
C LEU A 45 -0.28 5.32 -2.72
N ILE A 46 0.77 5.11 -3.49
CA ILE A 46 1.93 4.36 -3.01
C ILE A 46 3.23 5.13 -3.27
N GLY A 47 4.20 4.95 -2.38
CA GLY A 47 5.48 5.63 -2.53
C GLY A 47 6.66 4.69 -2.39
N VAL A 48 6.65 3.61 -3.16
CA VAL A 48 7.72 2.63 -3.11
C VAL A 48 9.09 3.31 -3.12
N HIS A 49 9.93 2.93 -2.17
CA HIS A 49 11.27 3.50 -2.06
C HIS A 49 12.07 3.27 -3.34
N GLY A 50 13.06 4.12 -3.58
CA GLY A 50 13.87 3.99 -4.77
C GLY A 50 15.26 4.57 -4.58
N PRO A 51 16.00 4.06 -3.59
CA PRO A 51 17.35 4.52 -3.29
C PRO A 51 18.36 4.12 -4.36
N THR A 52 18.35 2.84 -4.73
CA THR A 52 19.25 2.33 -5.75
C THR A 52 18.51 1.50 -6.78
N THR A 53 17.83 0.46 -6.31
CA THR A 53 17.07 -0.42 -7.20
C THR A 53 15.64 -0.58 -6.72
N PRO A 54 14.74 0.28 -7.21
CA PRO A 54 13.32 0.26 -6.85
C PRO A 54 12.60 -0.96 -7.42
N CYS A 55 11.27 -0.93 -7.36
CA CYS A 55 10.46 -2.04 -7.88
C CYS A 55 10.35 -1.96 -9.39
N GLU A 56 10.12 -3.11 -10.02
CA GLU A 56 9.99 -3.18 -11.47
C GLU A 56 8.76 -2.41 -11.94
N GLU A 57 7.67 -2.51 -11.17
CA GLU A 57 6.43 -1.82 -11.50
C GLU A 57 5.43 -1.93 -10.37
N VAL A 58 4.36 -1.15 -10.46
CA VAL A 58 3.31 -1.16 -9.43
C VAL A 58 1.92 -1.10 -10.06
N SER A 59 1.22 -2.22 -10.02
CA SER A 59 -0.12 -2.31 -10.59
C SER A 59 -1.18 -1.93 -9.56
N MET A 60 -1.71 -0.72 -9.67
CA MET A 60 -2.73 -0.23 -8.75
C MET A 60 -4.09 -0.15 -9.43
N LYS A 61 -5.09 -0.80 -8.85
CA LYS A 61 -6.44 -0.80 -9.40
C LYS A 61 -7.48 -0.85 -8.28
N HIS A 62 -8.51 -0.03 -8.40
CA HIS A 62 -9.57 0.02 -7.41
C HIS A 62 -10.68 -0.98 -7.76
N VAL A 63 -10.44 -2.25 -7.46
CA VAL A 63 -11.41 -3.30 -7.74
C VAL A 63 -12.81 -2.88 -7.31
N GLY A 64 -12.88 -1.93 -6.39
CA GLY A 64 -14.17 -1.45 -5.90
C GLY A 64 -14.49 -1.95 -4.51
N ASN A 65 -15.72 -1.71 -4.07
CA ASN A 65 -16.16 -2.14 -2.75
C ASN A 65 -15.20 -1.63 -1.68
N GLN A 66 -14.61 -0.48 -1.92
CA GLN A 66 -13.67 0.12 -0.98
C GLN A 66 -12.41 -0.72 -0.86
N GLN A 67 -12.07 -1.43 -1.93
CA GLN A 67 -10.88 -2.27 -1.94
C GLN A 67 -9.90 -1.82 -3.02
N TYR A 68 -8.63 -1.68 -2.65
CA TYR A 68 -7.60 -1.26 -3.60
C TYR A 68 -6.54 -2.35 -3.77
N ASN A 69 -6.46 -2.88 -4.99
CA ASN A 69 -5.50 -3.93 -5.29
C ASN A 69 -4.18 -3.33 -5.78
N VAL A 70 -3.10 -3.63 -5.07
CA VAL A 70 -1.78 -3.13 -5.44
C VAL A 70 -0.74 -4.24 -5.42
N THR A 71 -0.15 -4.50 -6.58
CA THR A 71 0.87 -5.55 -6.72
C THR A 71 2.15 -5.00 -7.33
N TYR A 72 3.28 -5.56 -6.93
CA TYR A 72 4.57 -5.14 -7.44
C TYR A 72 5.49 -6.33 -7.69
N VAL A 73 6.67 -6.07 -8.24
CA VAL A 73 7.64 -7.11 -8.53
C VAL A 73 9.05 -6.66 -8.16
N VAL A 74 9.75 -7.49 -7.38
CA VAL A 74 11.11 -7.18 -6.96
C VAL A 74 12.11 -8.16 -7.58
N LYS A 75 13.25 -7.64 -8.01
CA LYS A 75 14.29 -8.47 -8.61
C LYS A 75 15.49 -8.59 -7.68
N GLU A 76 15.49 -7.80 -6.61
CA GLU A 76 16.58 -7.82 -5.64
C GLU A 76 16.05 -8.12 -4.23
N ARG A 77 16.94 -8.63 -3.38
CA ARG A 77 16.56 -8.95 -2.01
C ARG A 77 17.06 -7.88 -1.04
N GLY A 78 16.73 -8.05 0.24
CA GLY A 78 17.14 -7.08 1.24
C GLY A 78 15.99 -6.53 2.04
N ASP A 79 16.28 -5.60 2.94
CA ASP A 79 15.25 -5.00 3.77
C ASP A 79 14.42 -3.99 2.97
N TYR A 80 13.26 -4.43 2.50
CA TYR A 80 12.39 -3.57 1.72
C TYR A 80 11.53 -2.69 2.63
N VAL A 81 11.24 -1.48 2.17
CA VAL A 81 10.44 -0.54 2.95
C VAL A 81 9.21 -0.09 2.16
N LEU A 82 8.05 -0.68 2.49
CA LEU A 82 6.81 -0.35 1.82
C LEU A 82 6.16 0.88 2.45
N ALA A 83 6.03 1.95 1.66
CA ALA A 83 5.42 3.19 2.14
C ALA A 83 4.04 3.39 1.52
N VAL A 84 3.01 3.23 2.34
CA VAL A 84 1.63 3.41 1.87
C VAL A 84 0.94 4.55 2.61
N LYS A 85 0.58 5.59 1.87
CA LYS A 85 -0.10 6.75 2.46
C LYS A 85 -1.60 6.71 2.15
N TRP A 86 -2.37 7.37 3.00
CA TRP A 86 -3.82 7.41 2.82
C TRP A 86 -4.33 8.84 2.91
N GLY A 87 -4.30 9.56 1.79
CA GLY A 87 -4.76 10.93 1.76
C GLY A 87 -4.04 11.81 2.77
N GLU A 88 -2.78 12.13 2.48
CA GLU A 88 -1.98 12.96 3.35
C GLU A 88 -1.82 12.30 4.72
N GLU A 89 -1.62 10.99 4.72
CA GLU A 89 -1.46 10.24 5.97
C GLU A 89 -0.70 8.94 5.72
N HIS A 90 -0.41 8.22 6.80
CA HIS A 90 0.31 6.96 6.71
C HIS A 90 -0.45 5.85 7.44
N ILE A 91 -0.95 4.88 6.69
CA ILE A 91 -1.69 3.77 7.28
C ILE A 91 -0.96 3.21 8.49
N PRO A 92 -1.73 2.65 9.44
CA PRO A 92 -1.18 2.06 10.66
C PRO A 92 -0.40 0.77 10.39
N GLY A 93 0.92 0.88 10.32
CA GLY A 93 1.75 -0.28 10.07
C GLY A 93 2.94 0.04 9.19
N SER A 94 2.90 1.21 8.53
CA SER A 94 3.98 1.63 7.66
C SER A 94 4.91 2.61 8.36
N PRO A 95 6.18 2.63 7.94
CA PRO A 95 6.66 1.76 6.86
C PRO A 95 6.73 0.29 7.27
N PHE A 96 6.24 -0.58 6.41
CA PHE A 96 6.22 -2.01 6.68
C PHE A 96 7.62 -2.61 6.49
N HIS A 97 7.90 -3.68 7.23
CA HIS A 97 9.20 -4.34 7.13
C HIS A 97 9.10 -5.61 6.30
N VAL A 98 9.54 -5.54 5.04
CA VAL A 98 9.50 -6.68 4.14
C VAL A 98 10.89 -7.27 3.93
N THR A 99 11.05 -8.55 4.23
CA THR A 99 12.33 -9.22 4.08
C THR A 99 12.28 -10.22 2.91
N VAL A 100 13.25 -10.09 2.01
CA VAL A 100 13.33 -10.98 0.86
C VAL A 100 14.33 -12.11 1.09
N PRO A 101 13.91 -13.34 0.75
CA PRO A 101 14.75 -14.53 0.92
C PRO A 101 15.93 -14.54 -0.06
N GLY A 1 -6.07 30.71 -2.93
CA GLY A 1 -7.15 29.76 -3.07
C GLY A 1 -7.04 28.61 -2.09
N SER A 2 -8.18 28.06 -1.69
CA SER A 2 -8.20 26.94 -0.75
C SER A 2 -8.81 25.70 -1.39
N SER A 3 -8.67 24.56 -0.72
CA SER A 3 -9.19 23.30 -1.22
C SER A 3 -10.34 22.81 -0.35
N GLY A 4 -11.27 22.08 -0.96
CA GLY A 4 -12.41 21.55 -0.22
C GLY A 4 -12.03 20.37 0.66
N SER A 5 -12.12 20.57 1.97
CA SER A 5 -11.79 19.53 2.93
C SER A 5 -13.05 18.93 3.55
N SER A 6 -13.44 17.75 3.07
CA SER A 6 -14.62 17.08 3.58
C SER A 6 -14.44 15.56 3.55
N GLY A 7 -15.42 14.84 4.07
CA GLY A 7 -15.36 13.39 4.09
C GLY A 7 -14.33 12.87 5.08
N SER A 8 -14.69 12.86 6.35
CA SER A 8 -13.78 12.40 7.40
C SER A 8 -12.96 11.21 6.91
N SER A 9 -11.73 11.48 6.47
CA SER A 9 -10.85 10.44 5.97
C SER A 9 -9.77 10.11 7.00
N ASP A 10 -9.89 8.93 7.62
CA ASP A 10 -8.92 8.48 8.61
C ASP A 10 -8.04 7.36 8.07
N ALA A 11 -6.76 7.40 8.42
CA ALA A 11 -5.82 6.38 7.97
C ALA A 11 -5.66 5.28 9.01
N SER A 12 -5.83 5.64 10.28
CA SER A 12 -5.69 4.69 11.37
C SER A 12 -6.72 3.57 11.25
N LYS A 13 -7.80 3.85 10.51
CA LYS A 13 -8.86 2.87 10.31
C LYS A 13 -8.56 1.98 9.10
N VAL A 14 -7.77 2.50 8.17
CA VAL A 14 -7.41 1.77 6.97
C VAL A 14 -6.68 0.47 7.32
N THR A 15 -7.12 -0.63 6.72
CA THR A 15 -6.50 -1.93 6.97
C THR A 15 -5.93 -2.52 5.68
N SER A 16 -4.81 -3.23 5.82
CA SER A 16 -4.16 -3.86 4.67
C SER A 16 -3.87 -5.33 4.94
N LYS A 17 -4.02 -6.15 3.90
CA LYS A 17 -3.78 -7.58 4.02
C LYS A 17 -2.99 -8.10 2.82
N GLY A 18 -2.37 -9.27 2.99
CA GLY A 18 -1.59 -9.85 1.92
C GLY A 18 -0.18 -10.24 2.36
N ALA A 19 0.54 -10.92 1.48
CA ALA A 19 1.90 -11.35 1.78
C ALA A 19 2.90 -10.22 1.55
N GLY A 20 2.78 -9.56 0.40
CA GLY A 20 3.67 -8.46 0.07
C GLY A 20 3.93 -7.56 1.26
N LEU A 21 2.92 -7.37 2.10
CA LEU A 21 3.03 -6.52 3.27
C LEU A 21 3.96 -7.14 4.30
N SER A 22 3.87 -8.46 4.46
CA SER A 22 4.70 -9.18 5.43
C SER A 22 6.06 -9.48 4.84
N LYS A 23 6.07 -10.19 3.70
CA LYS A 23 7.32 -10.55 3.04
C LYS A 23 7.09 -10.75 1.54
N ALA A 24 8.17 -10.65 0.77
CA ALA A 24 8.09 -10.83 -0.68
C ALA A 24 9.16 -11.80 -1.17
N PHE A 25 9.17 -12.05 -2.48
CA PHE A 25 10.13 -12.97 -3.07
C PHE A 25 10.67 -12.41 -4.39
N VAL A 26 11.96 -12.57 -4.62
CA VAL A 26 12.59 -12.09 -5.84
C VAL A 26 11.96 -12.72 -7.07
N GLY A 27 11.58 -11.89 -8.03
CA GLY A 27 10.97 -12.38 -9.26
C GLY A 27 9.48 -12.60 -9.10
N GLN A 28 9.08 -13.28 -8.03
CA GLN A 28 7.68 -13.55 -7.78
C GLN A 28 6.86 -12.27 -7.84
N LYS A 29 5.55 -12.41 -7.67
CA LYS A 29 4.64 -11.27 -7.70
C LYS A 29 3.92 -11.10 -6.37
N SER A 30 4.30 -10.07 -5.61
CA SER A 30 3.69 -9.81 -4.31
C SER A 30 2.51 -8.86 -4.45
N SER A 31 1.35 -9.29 -3.97
CA SER A 31 0.14 -8.49 -4.05
C SER A 31 -0.45 -8.27 -2.67
N PHE A 32 -1.29 -7.25 -2.54
CA PHE A 32 -1.93 -6.93 -1.26
C PHE A 32 -3.12 -6.00 -1.47
N LEU A 33 -4.18 -6.23 -0.71
CA LEU A 33 -5.39 -5.41 -0.80
C LEU A 33 -5.55 -4.53 0.43
N VAL A 34 -6.17 -3.37 0.25
CA VAL A 34 -6.39 -2.45 1.36
C VAL A 34 -7.86 -2.03 1.44
N ASP A 35 -8.42 -2.11 2.64
CA ASP A 35 -9.82 -1.74 2.85
C ASP A 35 -9.93 -0.39 3.52
N CYS A 36 -10.57 0.56 2.84
CA CYS A 36 -10.75 1.90 3.37
C CYS A 36 -12.19 2.14 3.81
N SER A 37 -12.95 1.06 3.93
CA SER A 37 -14.35 1.15 4.32
C SER A 37 -14.50 1.92 5.63
N LYS A 38 -13.87 1.43 6.68
CA LYS A 38 -13.92 2.07 7.99
C LYS A 38 -13.20 3.41 7.96
N ALA A 39 -12.41 3.63 6.92
CA ALA A 39 -11.66 4.87 6.78
C ALA A 39 -12.60 6.05 6.49
N GLY A 40 -13.20 6.04 5.30
CA GLY A 40 -14.11 7.09 4.93
C GLY A 40 -14.23 7.25 3.42
N SER A 41 -13.36 8.08 2.84
CA SER A 41 -13.38 8.31 1.40
C SER A 41 -12.17 9.14 0.97
N ASN A 42 -11.22 8.48 0.30
CA ASN A 42 -10.02 9.15 -0.17
C ASN A 42 -9.31 8.32 -1.23
N MET A 43 -8.19 8.83 -1.72
CA MET A 43 -7.40 8.13 -2.74
C MET A 43 -6.23 7.40 -2.11
N LEU A 44 -6.02 6.15 -2.52
CA LEU A 44 -4.92 5.35 -2.00
C LEU A 44 -3.74 5.35 -2.97
N LEU A 45 -2.62 5.94 -2.54
CA LEU A 45 -1.42 6.01 -3.36
C LEU A 45 -0.25 5.31 -2.68
N ILE A 46 0.77 4.99 -3.46
CA ILE A 46 1.95 4.32 -2.93
C ILE A 46 3.22 5.06 -3.32
N GLY A 47 4.26 4.93 -2.49
CA GLY A 47 5.52 5.59 -2.77
C GLY A 47 6.72 4.69 -2.54
N VAL A 48 6.73 3.56 -3.24
CA VAL A 48 7.83 2.60 -3.11
C VAL A 48 9.18 3.31 -3.06
N HIS A 49 10.06 2.83 -2.20
CA HIS A 49 11.38 3.42 -2.05
C HIS A 49 12.23 3.17 -3.30
N GLY A 50 13.22 4.03 -3.52
CA GLY A 50 14.09 3.88 -4.67
C GLY A 50 15.46 4.48 -4.45
N PRO A 51 16.16 4.00 -3.42
CA PRO A 51 17.50 4.49 -3.07
C PRO A 51 18.55 4.07 -4.10
N THR A 52 18.54 2.79 -4.45
CA THR A 52 19.49 2.25 -5.42
C THR A 52 18.78 1.41 -6.48
N THR A 53 18.07 0.39 -6.03
CA THR A 53 17.34 -0.49 -6.93
C THR A 53 15.85 -0.51 -6.61
N PRO A 54 15.08 0.36 -7.29
CA PRO A 54 13.64 0.46 -7.09
C PRO A 54 12.90 -0.76 -7.62
N CYS A 55 11.57 -0.75 -7.47
CA CYS A 55 10.75 -1.85 -7.93
C CYS A 55 10.55 -1.80 -9.45
N GLU A 56 10.31 -2.95 -10.05
CA GLU A 56 10.10 -3.04 -11.49
C GLU A 56 8.89 -2.22 -11.92
N GLU A 57 7.81 -2.32 -11.14
CA GLU A 57 6.59 -1.59 -11.44
C GLU A 57 5.58 -1.73 -10.30
N VAL A 58 4.47 -1.01 -10.41
CA VAL A 58 3.43 -1.05 -9.39
C VAL A 58 2.04 -0.99 -10.00
N SER A 59 1.30 -2.08 -9.89
CA SER A 59 -0.05 -2.15 -10.44
C SER A 59 -1.10 -1.81 -9.38
N MET A 60 -1.68 -0.62 -9.50
CA MET A 60 -2.70 -0.18 -8.55
C MET A 60 -4.06 -0.04 -9.23
N LYS A 61 -5.03 -0.81 -8.75
CA LYS A 61 -6.37 -0.78 -9.31
C LYS A 61 -7.43 -0.93 -8.21
N HIS A 62 -8.51 -0.16 -8.33
CA HIS A 62 -9.59 -0.21 -7.35
C HIS A 62 -10.60 -1.29 -7.70
N VAL A 63 -10.28 -2.54 -7.38
CA VAL A 63 -11.16 -3.66 -7.67
C VAL A 63 -12.61 -3.32 -7.31
N GLY A 64 -12.78 -2.42 -6.35
CA GLY A 64 -14.12 -2.03 -5.92
C GLY A 64 -14.39 -2.43 -4.48
N ASN A 65 -15.63 -2.20 -4.05
CA ASN A 65 -16.04 -2.54 -2.69
C ASN A 65 -15.10 -1.90 -1.67
N GLN A 66 -14.55 -0.73 -2.02
CA GLN A 66 -13.64 -0.02 -1.14
C GLN A 66 -12.33 -0.79 -0.99
N GLN A 67 -11.99 -1.58 -1.99
CA GLN A 67 -10.76 -2.37 -1.96
C GLN A 67 -9.80 -1.93 -3.06
N TYR A 68 -8.54 -1.75 -2.69
CA TYR A 68 -7.52 -1.32 -3.64
C TYR A 68 -6.46 -2.41 -3.83
N ASN A 69 -6.37 -2.94 -5.04
CA ASN A 69 -5.39 -3.98 -5.35
C ASN A 69 -4.05 -3.37 -5.77
N VAL A 70 -3.01 -3.65 -4.99
CA VAL A 70 -1.68 -3.13 -5.28
C VAL A 70 -0.66 -4.26 -5.37
N THR A 71 -0.22 -4.57 -6.58
CA THR A 71 0.76 -5.63 -6.80
C THR A 71 2.04 -5.07 -7.41
N TYR A 72 3.17 -5.57 -6.94
CA TYR A 72 4.47 -5.12 -7.43
C TYR A 72 5.41 -6.31 -7.63
N VAL A 73 6.60 -6.03 -8.17
CA VAL A 73 7.59 -7.07 -8.41
C VAL A 73 9.00 -6.59 -8.06
N VAL A 74 9.58 -7.20 -7.03
CA VAL A 74 10.92 -6.82 -6.59
C VAL A 74 11.99 -7.68 -7.28
N LYS A 75 12.81 -7.03 -8.10
CA LYS A 75 13.88 -7.73 -8.82
C LYS A 75 15.14 -7.81 -7.96
N GLU A 76 14.99 -7.67 -6.66
CA GLU A 76 16.12 -7.72 -5.74
C GLU A 76 15.67 -8.18 -4.36
N ARG A 77 16.61 -8.75 -3.59
CA ARG A 77 16.31 -9.23 -2.25
C ARG A 77 16.84 -8.26 -1.20
N GLY A 78 16.54 -8.55 0.06
CA GLY A 78 16.99 -7.69 1.15
C GLY A 78 15.83 -7.03 1.88
N ASP A 79 16.15 -6.09 2.75
CA ASP A 79 15.14 -5.38 3.52
C ASP A 79 14.43 -4.33 2.66
N TYR A 80 13.12 -4.44 2.57
CA TYR A 80 12.32 -3.51 1.77
C TYR A 80 11.45 -2.62 2.66
N VAL A 81 11.24 -1.39 2.24
CA VAL A 81 10.43 -0.45 3.00
C VAL A 81 9.17 -0.06 2.22
N LEU A 82 8.04 -0.61 2.63
CA LEU A 82 6.77 -0.32 1.97
C LEU A 82 6.12 0.94 2.55
N ALA A 83 5.89 1.92 1.70
CA ALA A 83 5.28 3.17 2.13
C ALA A 83 3.87 3.32 1.57
N VAL A 84 2.87 3.18 2.44
CA VAL A 84 1.47 3.29 2.03
C VAL A 84 0.81 4.49 2.70
N LYS A 85 0.38 5.46 1.89
CA LYS A 85 -0.28 6.65 2.40
C LYS A 85 -1.76 6.62 2.09
N TRP A 86 -2.55 7.31 2.91
CA TRP A 86 -4.00 7.36 2.71
C TRP A 86 -4.50 8.80 2.83
N GLY A 87 -4.61 9.48 1.69
CA GLY A 87 -5.09 10.85 1.69
C GLY A 87 -4.29 11.74 2.63
N GLU A 88 -3.04 12.02 2.27
CA GLU A 88 -2.19 12.87 3.10
C GLU A 88 -2.03 12.27 4.50
N GLU A 89 -1.70 10.99 4.56
CA GLU A 89 -1.53 10.31 5.83
C GLU A 89 -0.76 9.00 5.65
N HIS A 90 -0.39 8.39 6.77
CA HIS A 90 0.36 7.12 6.74
C HIS A 90 -0.37 6.05 7.54
N ILE A 91 -0.83 5.02 6.85
CA ILE A 91 -1.54 3.92 7.49
C ILE A 91 -0.79 3.43 8.74
N PRO A 92 -1.56 2.92 9.71
CA PRO A 92 -0.99 2.42 10.97
C PRO A 92 -0.20 1.12 10.77
N GLY A 93 1.11 1.27 10.59
CA GLY A 93 1.96 0.11 10.39
C GLY A 93 3.10 0.38 9.44
N SER A 94 3.02 1.50 8.72
CA SER A 94 4.05 1.87 7.77
C SER A 94 5.02 2.89 8.38
N PRO A 95 6.27 2.88 7.89
CA PRO A 95 6.71 1.96 6.84
C PRO A 95 6.78 0.52 7.33
N PHE A 96 6.26 -0.41 6.54
CA PHE A 96 6.26 -1.82 6.89
C PHE A 96 7.63 -2.44 6.61
N HIS A 97 7.91 -3.55 7.28
CA HIS A 97 9.19 -4.25 7.12
C HIS A 97 9.01 -5.49 6.26
N VAL A 98 9.44 -5.43 5.02
CA VAL A 98 9.34 -6.55 4.10
C VAL A 98 10.69 -7.23 3.90
N THR A 99 10.70 -8.55 4.00
CA THR A 99 11.93 -9.32 3.83
C THR A 99 11.85 -10.21 2.59
N VAL A 100 12.92 -10.18 1.78
CA VAL A 100 12.97 -10.99 0.58
C VAL A 100 14.13 -11.97 0.62
N PRO A 101 13.83 -13.26 0.44
CA PRO A 101 14.84 -14.32 0.45
C PRO A 101 15.76 -14.26 -0.77
N GLY A 1 -20.56 27.10 8.07
CA GLY A 1 -20.57 26.01 7.11
C GLY A 1 -21.00 24.70 7.74
N SER A 2 -20.37 23.60 7.31
CA SER A 2 -20.70 22.28 7.83
C SER A 2 -20.71 22.28 9.35
N SER A 3 -21.80 21.81 9.93
CA SER A 3 -21.94 21.76 11.38
C SER A 3 -21.46 20.42 11.93
N GLY A 4 -20.17 20.33 12.23
CA GLY A 4 -19.61 19.10 12.75
C GLY A 4 -18.71 18.40 11.76
N SER A 5 -17.57 17.91 12.22
CA SER A 5 -16.63 17.21 11.36
C SER A 5 -17.11 15.80 11.05
N SER A 6 -17.83 15.66 9.95
CA SER A 6 -18.36 14.36 9.53
C SER A 6 -17.36 13.63 8.64
N GLY A 7 -17.00 14.27 7.54
CA GLY A 7 -16.06 13.67 6.61
C GLY A 7 -14.63 13.79 7.08
N SER A 8 -14.21 12.90 7.97
CA SER A 8 -12.85 12.92 8.50
C SER A 8 -12.05 11.73 7.98
N SER A 9 -11.27 11.97 6.92
CA SER A 9 -10.46 10.93 6.33
C SER A 9 -9.41 10.42 7.32
N ASP A 10 -9.65 9.23 7.87
CA ASP A 10 -8.72 8.64 8.83
C ASP A 10 -7.90 7.54 8.18
N ALA A 11 -6.62 7.48 8.52
CA ALA A 11 -5.72 6.48 7.97
C ALA A 11 -5.60 5.28 8.91
N SER A 12 -5.64 5.54 10.21
CA SER A 12 -5.53 4.49 11.21
C SER A 12 -6.55 3.38 10.95
N LYS A 13 -7.68 3.76 10.34
CA LYS A 13 -8.73 2.80 10.03
C LYS A 13 -8.35 1.94 8.83
N VAL A 14 -7.67 2.55 7.87
CA VAL A 14 -7.24 1.84 6.67
C VAL A 14 -6.38 0.63 7.02
N THR A 15 -6.86 -0.56 6.68
CA THR A 15 -6.13 -1.79 6.95
C THR A 15 -5.55 -2.39 5.68
N SER A 16 -4.49 -3.18 5.83
CA SER A 16 -3.84 -3.81 4.69
C SER A 16 -3.53 -5.27 4.99
N LYS A 17 -3.87 -6.15 4.06
CA LYS A 17 -3.62 -7.58 4.22
C LYS A 17 -2.88 -8.14 3.01
N GLY A 18 -2.25 -9.30 3.18
CA GLY A 18 -1.51 -9.92 2.10
C GLY A 18 -0.12 -10.34 2.51
N ALA A 19 0.63 -10.92 1.57
CA ALA A 19 1.99 -11.36 1.83
C ALA A 19 3.01 -10.31 1.42
N GLY A 20 2.76 -9.68 0.27
CA GLY A 20 3.67 -8.66 -0.23
C GLY A 20 4.06 -7.66 0.84
N LEU A 21 3.17 -7.44 1.81
CA LEU A 21 3.42 -6.50 2.88
C LEU A 21 4.39 -7.09 3.91
N SER A 22 4.25 -8.39 4.15
CA SER A 22 5.11 -9.08 5.11
C SER A 22 6.49 -9.35 4.51
N LYS A 23 6.50 -9.97 3.33
CA LYS A 23 7.75 -10.28 2.65
C LYS A 23 7.51 -10.53 1.16
N ALA A 24 8.59 -10.51 0.37
CA ALA A 24 8.49 -10.74 -1.05
C ALA A 24 9.67 -11.58 -1.56
N PHE A 25 9.49 -12.18 -2.74
CA PHE A 25 10.54 -13.00 -3.32
C PHE A 25 11.00 -12.43 -4.65
N VAL A 26 12.27 -12.67 -5.00
CA VAL A 26 12.83 -12.19 -6.25
C VAL A 26 12.29 -12.96 -7.44
N GLY A 27 11.67 -12.26 -8.38
CA GLY A 27 11.12 -12.90 -9.56
C GLY A 27 9.63 -13.18 -9.42
N GLN A 28 9.17 -13.31 -8.18
CA GLN A 28 7.75 -13.57 -7.92
C GLN A 28 6.95 -12.28 -7.83
N LYS A 29 5.63 -12.40 -7.93
CA LYS A 29 4.76 -11.23 -7.86
C LYS A 29 3.99 -11.21 -6.54
N SER A 30 4.18 -10.14 -5.77
CA SER A 30 3.51 -10.00 -4.49
C SER A 30 2.40 -8.95 -4.56
N SER A 31 1.20 -9.32 -4.12
CA SER A 31 0.06 -8.41 -4.14
C SER A 31 -0.47 -8.17 -2.74
N PHE A 32 -1.13 -7.03 -2.55
CA PHE A 32 -1.69 -6.68 -1.25
C PHE A 32 -2.90 -5.77 -1.40
N LEU A 33 -3.96 -6.06 -0.67
CA LEU A 33 -5.18 -5.26 -0.72
C LEU A 33 -5.31 -4.37 0.51
N VAL A 34 -5.94 -3.21 0.34
CA VAL A 34 -6.13 -2.27 1.44
C VAL A 34 -7.61 -1.96 1.64
N ASP A 35 -8.14 -2.37 2.78
CA ASP A 35 -9.55 -2.13 3.09
C ASP A 35 -9.75 -0.72 3.63
N CYS A 36 -10.60 0.04 2.96
CA CYS A 36 -10.88 1.42 3.37
C CYS A 36 -12.38 1.67 3.41
N SER A 37 -13.13 0.70 3.91
CA SER A 37 -14.57 0.82 4.01
C SER A 37 -14.97 1.84 5.07
N LYS A 38 -14.31 1.78 6.22
CA LYS A 38 -14.57 2.70 7.32
C LYS A 38 -13.40 3.64 7.55
N ALA A 39 -12.76 4.04 6.46
CA ALA A 39 -11.62 4.95 6.54
C ALA A 39 -12.06 6.41 6.41
N GLY A 40 -12.78 6.70 5.33
CA GLY A 40 -13.25 8.06 5.10
C GLY A 40 -13.76 8.27 3.69
N SER A 41 -13.38 9.40 3.09
CA SER A 41 -13.80 9.72 1.73
C SER A 41 -12.63 10.21 0.90
N ASN A 42 -11.44 9.74 1.23
CA ASN A 42 -10.23 10.13 0.51
C ASN A 42 -9.82 9.06 -0.51
N MET A 43 -8.69 9.27 -1.16
CA MET A 43 -8.19 8.32 -2.15
C MET A 43 -7.05 7.49 -1.58
N LEU A 44 -6.52 6.58 -2.39
CA LEU A 44 -5.42 5.72 -1.97
C LEU A 44 -4.25 5.79 -2.95
N LEU A 45 -3.11 6.25 -2.46
CA LEU A 45 -1.93 6.37 -3.30
C LEU A 45 -0.76 5.60 -2.70
N ILE A 46 0.23 5.29 -3.52
CA ILE A 46 1.41 4.55 -3.08
C ILE A 46 2.69 5.32 -3.39
N GLY A 47 3.71 5.11 -2.55
CA GLY A 47 4.98 5.79 -2.75
C GLY A 47 6.16 4.86 -2.55
N VAL A 48 6.16 3.74 -3.26
CA VAL A 48 7.24 2.76 -3.16
C VAL A 48 8.60 3.45 -3.23
N HIS A 49 9.43 3.24 -2.21
CA HIS A 49 10.76 3.84 -2.16
C HIS A 49 11.82 2.81 -2.53
N GLY A 50 12.85 3.27 -3.23
CA GLY A 50 13.93 2.37 -3.63
C GLY A 50 15.25 2.72 -2.98
N PRO A 51 15.30 2.63 -1.64
CA PRO A 51 16.51 2.94 -0.88
C PRO A 51 17.61 1.91 -1.09
N THR A 52 17.23 0.73 -1.56
CA THR A 52 18.19 -0.34 -1.81
C THR A 52 18.00 -0.94 -3.20
N THR A 53 16.74 -1.09 -3.61
CA THR A 53 16.43 -1.64 -4.91
C THR A 53 15.02 -1.27 -5.34
N PRO A 54 14.91 -0.55 -6.47
CA PRO A 54 13.61 -0.11 -7.01
C PRO A 54 12.80 -1.27 -7.56
N CYS A 55 11.48 -1.12 -7.54
CA CYS A 55 10.58 -2.17 -8.02
C CYS A 55 10.38 -2.03 -9.54
N GLU A 56 10.05 -3.15 -10.18
CA GLU A 56 9.82 -3.16 -11.63
C GLU A 56 8.64 -2.27 -11.99
N GLU A 57 7.57 -2.36 -11.22
CA GLU A 57 6.37 -1.56 -11.47
C GLU A 57 5.37 -1.71 -10.33
N VAL A 58 4.35 -0.86 -10.34
CA VAL A 58 3.32 -0.90 -9.30
C VAL A 58 1.92 -0.80 -9.91
N SER A 59 1.25 -1.93 -10.04
CA SER A 59 -0.09 -1.96 -10.62
C SER A 59 -1.14 -1.75 -9.55
N MET A 60 -1.81 -0.60 -9.59
CA MET A 60 -2.85 -0.27 -8.61
C MET A 60 -4.22 -0.20 -9.29
N LYS A 61 -5.18 -0.94 -8.75
CA LYS A 61 -6.52 -0.95 -9.29
C LYS A 61 -7.57 -1.07 -8.17
N HIS A 62 -8.61 -0.26 -8.26
CA HIS A 62 -9.67 -0.27 -7.26
C HIS A 62 -10.68 -1.38 -7.55
N VAL A 63 -10.32 -2.61 -7.16
CA VAL A 63 -11.20 -3.75 -7.37
C VAL A 63 -12.63 -3.44 -6.99
N GLY A 64 -12.80 -2.47 -6.09
CA GLY A 64 -14.12 -2.09 -5.65
C GLY A 64 -14.40 -2.47 -4.21
N ASN A 65 -15.67 -2.40 -3.81
CA ASN A 65 -16.05 -2.75 -2.45
C ASN A 65 -15.13 -2.08 -1.43
N GLN A 66 -14.70 -0.86 -1.74
CA GLN A 66 -13.82 -0.10 -0.86
C GLN A 66 -12.48 -0.82 -0.70
N GLN A 67 -12.06 -1.52 -1.75
CA GLN A 67 -10.79 -2.25 -1.72
C GLN A 67 -9.90 -1.82 -2.87
N TYR A 68 -8.59 -1.79 -2.63
CA TYR A 68 -7.63 -1.40 -3.64
C TYR A 68 -6.54 -2.46 -3.82
N ASN A 69 -6.47 -3.04 -5.01
CA ASN A 69 -5.48 -4.07 -5.29
C ASN A 69 -4.18 -3.46 -5.79
N VAL A 70 -3.09 -3.72 -5.07
CA VAL A 70 -1.78 -3.20 -5.43
C VAL A 70 -0.74 -4.31 -5.51
N THR A 71 -0.22 -4.55 -6.71
CA THR A 71 0.78 -5.59 -6.91
C THR A 71 2.06 -5.01 -7.50
N TYR A 72 3.19 -5.60 -7.15
CA TYR A 72 4.47 -5.15 -7.66
C TYR A 72 5.42 -6.32 -7.89
N VAL A 73 6.59 -6.02 -8.44
CA VAL A 73 7.58 -7.05 -8.73
C VAL A 73 9.00 -6.56 -8.42
N VAL A 74 9.69 -7.27 -7.54
CA VAL A 74 11.05 -6.91 -7.15
C VAL A 74 12.07 -7.66 -7.99
N LYS A 75 13.21 -7.02 -8.24
CA LYS A 75 14.28 -7.62 -9.02
C LYS A 75 15.53 -7.84 -8.18
N GLU A 76 15.34 -7.90 -6.87
CA GLU A 76 16.46 -8.10 -5.95
C GLU A 76 15.95 -8.44 -4.55
N ARG A 77 16.86 -8.86 -3.68
CA ARG A 77 16.51 -9.23 -2.31
C ARG A 77 17.22 -8.32 -1.32
N GLY A 78 16.65 -8.22 -0.12
CA GLY A 78 17.23 -7.37 0.91
C GLY A 78 16.19 -6.75 1.81
N ASP A 79 16.39 -5.49 2.18
CA ASP A 79 15.46 -4.78 3.04
C ASP A 79 14.69 -3.72 2.27
N TYR A 80 13.42 -4.01 1.98
CA TYR A 80 12.59 -3.08 1.23
C TYR A 80 11.81 -2.16 2.18
N VAL A 81 11.30 -1.06 1.65
CA VAL A 81 10.54 -0.10 2.44
C VAL A 81 9.25 0.31 1.73
N LEU A 82 8.14 -0.26 2.17
CA LEU A 82 6.84 0.04 1.57
C LEU A 82 6.23 1.28 2.21
N ALA A 83 6.02 2.31 1.40
CA ALA A 83 5.44 3.56 1.90
C ALA A 83 4.03 3.75 1.36
N VAL A 84 3.03 3.62 2.22
CA VAL A 84 1.63 3.78 1.84
C VAL A 84 0.99 4.95 2.55
N LYS A 85 0.35 5.84 1.79
CA LYS A 85 -0.31 7.01 2.37
C LYS A 85 -1.80 6.99 2.04
N TRP A 86 -2.59 7.61 2.91
CA TRP A 86 -4.03 7.68 2.71
C TRP A 86 -4.56 9.10 2.96
N GLY A 87 -4.70 9.86 1.86
CA GLY A 87 -5.19 11.22 1.98
C GLY A 87 -4.35 12.06 2.93
N GLU A 88 -3.14 12.40 2.49
CA GLU A 88 -2.24 13.21 3.30
C GLU A 88 -2.00 12.55 4.66
N GLU A 89 -1.79 11.23 4.64
CA GLU A 89 -1.54 10.48 5.87
C GLU A 89 -0.74 9.22 5.58
N HIS A 90 -0.43 8.47 6.62
CA HIS A 90 0.34 7.23 6.48
C HIS A 90 -0.32 6.08 7.25
N ILE A 91 -0.85 5.12 6.52
CA ILE A 91 -1.51 3.97 7.14
C ILE A 91 -0.74 3.49 8.37
N PRO A 92 -1.47 2.93 9.33
CA PRO A 92 -0.87 2.41 10.58
C PRO A 92 -0.03 1.16 10.33
N GLY A 93 1.27 1.34 10.18
CA GLY A 93 2.16 0.22 9.94
C GLY A 93 3.31 0.57 9.04
N SER A 94 3.19 1.69 8.33
CA SER A 94 4.23 2.13 7.41
C SER A 94 5.14 3.18 8.07
N PRO A 95 6.39 3.24 7.61
CA PRO A 95 6.89 2.37 6.54
C PRO A 95 7.03 0.93 6.98
N PHE A 96 6.44 0.02 6.21
CA PHE A 96 6.50 -1.41 6.52
C PHE A 96 7.89 -1.98 6.22
N HIS A 97 8.22 -3.08 6.88
CA HIS A 97 9.52 -3.73 6.69
C HIS A 97 9.36 -5.05 5.95
N VAL A 98 9.67 -5.04 4.66
CA VAL A 98 9.57 -6.24 3.84
C VAL A 98 10.94 -6.87 3.62
N THR A 99 11.07 -8.13 4.00
CA THR A 99 12.33 -8.86 3.84
C THR A 99 12.23 -9.90 2.73
N VAL A 100 13.21 -9.89 1.83
CA VAL A 100 13.23 -10.84 0.72
C VAL A 100 14.39 -11.81 0.85
N PRO A 101 14.11 -13.10 0.64
CA PRO A 101 15.11 -14.17 0.73
C PRO A 101 16.13 -14.10 -0.40
N GLY A 1 -29.65 4.47 1.89
CA GLY A 1 -28.33 3.96 1.55
C GLY A 1 -27.31 5.07 1.41
N SER A 2 -27.24 5.66 0.21
CA SER A 2 -26.30 6.73 -0.06
C SER A 2 -26.87 8.08 0.36
N SER A 3 -26.35 8.62 1.47
CA SER A 3 -26.82 9.90 1.98
C SER A 3 -25.67 10.90 2.05
N GLY A 4 -24.52 10.44 2.55
CA GLY A 4 -23.37 11.31 2.68
C GLY A 4 -22.39 10.83 3.73
N SER A 5 -21.42 11.68 4.07
CA SER A 5 -20.42 11.33 5.06
C SER A 5 -20.23 12.46 6.07
N SER A 6 -19.40 12.22 7.08
CA SER A 6 -19.15 13.22 8.11
C SER A 6 -17.75 13.05 8.69
N GLY A 7 -16.89 14.02 8.42
CA GLY A 7 -15.52 13.96 8.92
C GLY A 7 -14.54 13.44 7.88
N SER A 8 -13.37 14.06 7.81
CA SER A 8 -12.35 13.67 6.85
C SER A 8 -11.96 12.20 7.05
N SER A 9 -11.53 11.56 5.98
CA SER A 9 -11.12 10.15 6.03
C SER A 9 -9.90 9.97 6.92
N ASP A 10 -9.92 8.94 7.75
CA ASP A 10 -8.80 8.65 8.64
C ASP A 10 -7.94 7.51 8.10
N ALA A 11 -6.65 7.56 8.41
CA ALA A 11 -5.72 6.54 7.94
C ALA A 11 -5.57 5.43 8.98
N SER A 12 -5.55 5.81 10.25
CA SER A 12 -5.41 4.84 11.34
C SER A 12 -6.50 3.77 11.26
N LYS A 13 -7.54 4.05 10.47
CA LYS A 13 -8.64 3.11 10.29
C LYS A 13 -8.38 2.16 9.13
N VAL A 14 -7.69 2.65 8.11
CA VAL A 14 -7.37 1.85 6.94
C VAL A 14 -6.55 0.62 7.33
N THR A 15 -6.86 -0.52 6.72
CA THR A 15 -6.15 -1.75 7.00
C THR A 15 -5.62 -2.38 5.72
N SER A 16 -4.46 -3.03 5.81
CA SER A 16 -3.84 -3.67 4.66
C SER A 16 -3.43 -5.11 5.00
N LYS A 17 -3.65 -6.02 4.05
CA LYS A 17 -3.31 -7.41 4.24
C LYS A 17 -2.60 -7.98 3.01
N GLY A 18 -1.88 -9.08 3.19
CA GLY A 18 -1.16 -9.69 2.09
C GLY A 18 0.26 -10.02 2.43
N ALA A 19 0.85 -10.97 1.70
CA ALA A 19 2.22 -11.38 1.94
C ALA A 19 3.21 -10.28 1.52
N GLY A 20 3.01 -9.75 0.32
CA GLY A 20 3.88 -8.69 -0.17
C GLY A 20 4.25 -7.69 0.91
N LEU A 21 3.30 -7.41 1.80
CA LEU A 21 3.53 -6.46 2.89
C LEU A 21 4.50 -7.03 3.91
N SER A 22 4.39 -8.33 4.17
CA SER A 22 5.26 -9.00 5.13
C SER A 22 6.60 -9.35 4.50
N LYS A 23 6.55 -10.09 3.40
CA LYS A 23 7.77 -10.49 2.70
C LYS A 23 7.50 -10.68 1.21
N ALA A 24 8.50 -10.39 0.39
CA ALA A 24 8.37 -10.54 -1.05
C ALA A 24 9.46 -11.44 -1.62
N PHE A 25 9.16 -12.11 -2.72
CA PHE A 25 10.12 -13.01 -3.36
C PHE A 25 10.49 -12.51 -4.75
N VAL A 26 11.79 -12.48 -5.04
CA VAL A 26 12.27 -12.02 -6.33
C VAL A 26 11.55 -12.71 -7.47
N GLY A 27 11.17 -11.93 -8.48
CA GLY A 27 10.46 -12.48 -9.62
C GLY A 27 8.97 -12.64 -9.36
N GLN A 28 8.63 -13.24 -8.22
CA GLN A 28 7.24 -13.46 -7.85
C GLN A 28 6.50 -12.13 -7.70
N LYS A 29 5.27 -12.09 -8.20
CA LYS A 29 4.46 -10.87 -8.12
C LYS A 29 3.67 -10.83 -6.82
N SER A 30 4.18 -10.07 -5.85
CA SER A 30 3.53 -9.94 -4.55
C SER A 30 2.35 -8.99 -4.63
N SER A 31 1.20 -9.42 -4.11
CA SER A 31 -0.01 -8.61 -4.12
C SER A 31 -0.51 -8.35 -2.71
N PHE A 32 -1.24 -7.26 -2.53
CA PHE A 32 -1.79 -6.91 -1.22
C PHE A 32 -2.99 -5.98 -1.37
N LEU A 33 -4.04 -6.27 -0.61
CA LEU A 33 -5.25 -5.46 -0.66
C LEU A 33 -5.33 -4.53 0.55
N VAL A 34 -5.99 -3.39 0.37
CA VAL A 34 -6.15 -2.42 1.46
C VAL A 34 -7.60 -1.98 1.60
N ASP A 35 -8.22 -2.33 2.71
CA ASP A 35 -9.60 -1.97 2.97
C ASP A 35 -9.69 -0.57 3.57
N CYS A 36 -10.31 0.35 2.83
CA CYS A 36 -10.46 1.72 3.29
C CYS A 36 -11.93 2.06 3.55
N SER A 37 -12.75 1.01 3.66
CA SER A 37 -14.17 1.20 3.90
C SER A 37 -14.41 2.01 5.16
N LYS A 38 -14.00 1.47 6.30
CA LYS A 38 -14.17 2.14 7.58
C LYS A 38 -13.38 3.45 7.61
N ALA A 39 -12.45 3.60 6.68
CA ALA A 39 -11.64 4.81 6.60
C ALA A 39 -12.51 6.03 6.31
N GLY A 40 -12.98 6.14 5.07
CA GLY A 40 -13.82 7.26 4.68
C GLY A 40 -13.96 7.38 3.18
N SER A 41 -13.78 8.61 2.67
CA SER A 41 -13.90 8.85 1.24
C SER A 41 -12.68 9.61 0.72
N ASN A 42 -11.51 8.97 0.81
CA ASN A 42 -10.27 9.57 0.34
C ASN A 42 -9.63 8.73 -0.74
N MET A 43 -8.48 9.18 -1.24
CA MET A 43 -7.76 8.47 -2.29
C MET A 43 -6.64 7.63 -1.70
N LEU A 44 -6.29 6.54 -2.39
CA LEU A 44 -5.22 5.66 -1.92
C LEU A 44 -4.07 5.62 -2.94
N LEU A 45 -2.89 6.00 -2.48
CA LEU A 45 -1.71 6.01 -3.35
C LEU A 45 -0.55 5.25 -2.71
N ILE A 46 0.50 5.01 -3.48
CA ILE A 46 1.66 4.29 -2.98
C ILE A 46 2.95 5.04 -3.32
N GLY A 47 3.93 4.96 -2.42
CA GLY A 47 5.19 5.63 -2.63
C GLY A 47 6.37 4.70 -2.44
N VAL A 48 6.38 3.59 -3.17
CA VAL A 48 7.46 2.61 -3.07
C VAL A 48 8.82 3.30 -3.10
N HIS A 49 9.47 3.39 -1.94
CA HIS A 49 10.78 4.02 -1.84
C HIS A 49 11.88 3.05 -2.24
N GLY A 50 12.88 3.56 -2.94
CA GLY A 50 13.99 2.71 -3.37
C GLY A 50 15.28 3.05 -2.65
N PRO A 51 15.31 2.81 -1.33
CA PRO A 51 16.49 3.08 -0.50
C PRO A 51 17.63 2.11 -0.79
N THR A 52 17.29 0.93 -1.28
CA THR A 52 18.29 -0.08 -1.60
C THR A 52 18.17 -0.53 -3.05
N THR A 53 16.93 -0.74 -3.50
CA THR A 53 16.69 -1.18 -4.87
C THR A 53 15.26 -0.83 -5.31
N PRO A 54 15.13 -0.20 -6.48
CA PRO A 54 13.84 0.21 -7.02
C PRO A 54 13.02 -1.00 -7.47
N CYS A 55 11.70 -0.82 -7.52
CA CYS A 55 10.80 -1.89 -7.94
C CYS A 55 10.57 -1.86 -9.45
N GLU A 56 10.27 -3.01 -10.01
CA GLU A 56 10.04 -3.12 -11.45
C GLU A 56 8.83 -2.30 -11.86
N GLU A 57 7.77 -2.37 -11.06
CA GLU A 57 6.54 -1.62 -11.36
C GLU A 57 5.56 -1.74 -10.19
N VAL A 58 4.42 -1.06 -10.32
CA VAL A 58 3.40 -1.09 -9.29
C VAL A 58 2.00 -0.96 -9.89
N SER A 59 1.27 -2.08 -9.92
CA SER A 59 -0.07 -2.10 -10.47
C SER A 59 -1.12 -1.85 -9.38
N MET A 60 -1.81 -0.73 -9.48
CA MET A 60 -2.83 -0.37 -8.51
C MET A 60 -4.21 -0.27 -9.17
N LYS A 61 -5.14 -1.09 -8.72
CA LYS A 61 -6.49 -1.09 -9.27
C LYS A 61 -7.53 -1.10 -8.16
N HIS A 62 -8.74 -0.63 -8.47
CA HIS A 62 -9.82 -0.59 -7.50
C HIS A 62 -10.87 -1.66 -7.80
N VAL A 63 -10.60 -2.88 -7.35
CA VAL A 63 -11.52 -3.99 -7.56
C VAL A 63 -12.93 -3.64 -7.11
N GLY A 64 -13.04 -2.63 -6.24
CA GLY A 64 -14.33 -2.22 -5.74
C GLY A 64 -14.55 -2.62 -4.30
N ASN A 65 -15.76 -2.39 -3.80
CA ASN A 65 -16.10 -2.73 -2.42
C ASN A 65 -15.12 -2.09 -1.45
N GLN A 66 -14.60 -0.92 -1.82
CA GLN A 66 -13.64 -0.20 -0.98
C GLN A 66 -12.34 -0.97 -0.86
N GLN A 67 -12.04 -1.78 -1.87
CA GLN A 67 -10.82 -2.58 -1.87
C GLN A 67 -9.87 -2.11 -2.97
N TYR A 68 -8.61 -1.92 -2.62
CA TYR A 68 -7.60 -1.48 -3.57
C TYR A 68 -6.49 -2.52 -3.72
N ASN A 69 -6.41 -3.11 -4.92
CA ASN A 69 -5.40 -4.12 -5.19
C ASN A 69 -4.11 -3.48 -5.67
N VAL A 70 -3.01 -3.78 -4.99
CA VAL A 70 -1.71 -3.24 -5.35
C VAL A 70 -0.66 -4.33 -5.45
N THR A 71 -0.20 -4.61 -6.66
CA THR A 71 0.80 -5.63 -6.90
C THR A 71 2.08 -5.04 -7.48
N TYR A 72 3.21 -5.63 -7.13
CA TYR A 72 4.51 -5.15 -7.61
C TYR A 72 5.48 -6.31 -7.82
N VAL A 73 6.65 -6.01 -8.36
CA VAL A 73 7.67 -7.02 -8.61
C VAL A 73 9.06 -6.50 -8.28
N VAL A 74 9.84 -7.31 -7.59
CA VAL A 74 11.20 -6.93 -7.22
C VAL A 74 12.23 -7.84 -7.88
N LYS A 75 13.08 -7.25 -8.71
CA LYS A 75 14.12 -8.01 -9.41
C LYS A 75 15.24 -8.39 -8.46
N GLU A 76 15.37 -7.65 -7.36
CA GLU A 76 16.41 -7.91 -6.38
C GLU A 76 15.80 -8.28 -5.03
N ARG A 77 16.65 -8.66 -4.09
CA ARG A 77 16.20 -9.03 -2.75
C ARG A 77 16.86 -8.17 -1.69
N GLY A 78 16.47 -8.37 -0.43
CA GLY A 78 17.03 -7.60 0.66
C GLY A 78 15.98 -6.83 1.43
N ASP A 79 16.43 -5.92 2.29
CA ASP A 79 15.52 -5.12 3.10
C ASP A 79 14.77 -4.11 2.22
N TYR A 80 13.44 -4.18 2.24
CA TYR A 80 12.61 -3.28 1.46
C TYR A 80 11.79 -2.37 2.35
N VAL A 81 11.38 -1.22 1.81
CA VAL A 81 10.59 -0.26 2.56
C VAL A 81 9.32 0.13 1.80
N LEU A 82 8.18 -0.29 2.33
CA LEU A 82 6.89 0.02 1.70
C LEU A 82 6.26 1.26 2.33
N ALA A 83 5.97 2.25 1.49
CA ALA A 83 5.37 3.49 1.96
C ALA A 83 3.97 3.67 1.39
N VAL A 84 2.96 3.52 2.24
CA VAL A 84 1.57 3.67 1.81
C VAL A 84 0.90 4.85 2.50
N LYS A 85 0.28 5.72 1.71
CA LYS A 85 -0.40 6.89 2.23
C LYS A 85 -1.91 6.81 1.99
N TRP A 86 -2.67 7.50 2.83
CA TRP A 86 -4.12 7.50 2.70
C TRP A 86 -4.67 8.92 2.79
N GLY A 87 -4.72 9.61 1.65
CA GLY A 87 -5.23 10.96 1.61
C GLY A 87 -4.47 11.89 2.56
N GLU A 88 -3.25 12.22 2.19
CA GLU A 88 -2.42 13.10 3.02
C GLU A 88 -2.18 12.50 4.39
N GLU A 89 -1.87 11.21 4.42
CA GLU A 89 -1.63 10.51 5.68
C GLU A 89 -0.83 9.23 5.44
N HIS A 90 -0.51 8.54 6.53
CA HIS A 90 0.26 7.30 6.45
C HIS A 90 -0.40 6.20 7.26
N ILE A 91 -0.90 5.18 6.56
CA ILE A 91 -1.57 4.06 7.21
C ILE A 91 -0.80 3.61 8.45
N PRO A 92 -1.52 3.09 9.45
CA PRO A 92 -0.92 2.61 10.69
C PRO A 92 -0.11 1.34 10.50
N GLY A 93 1.19 1.50 10.31
CA GLY A 93 2.06 0.35 10.10
C GLY A 93 3.21 0.65 9.16
N SER A 94 3.11 1.76 8.44
CA SER A 94 4.15 2.15 7.49
C SER A 94 5.07 3.20 8.11
N PRO A 95 6.32 3.24 7.62
CA PRO A 95 6.79 2.34 6.57
C PRO A 95 6.91 0.89 7.05
N PHE A 96 6.46 -0.05 6.23
CA PHE A 96 6.52 -1.46 6.57
C PHE A 96 7.89 -2.03 6.25
N HIS A 97 8.21 -3.17 6.89
CA HIS A 97 9.50 -3.81 6.68
C HIS A 97 9.33 -5.10 5.87
N VAL A 98 9.63 -5.03 4.58
CA VAL A 98 9.52 -6.20 3.71
C VAL A 98 10.88 -6.86 3.47
N THR A 99 10.99 -8.12 3.88
CA THR A 99 12.23 -8.86 3.71
C THR A 99 12.12 -9.90 2.60
N VAL A 100 13.05 -9.87 1.67
CA VAL A 100 13.05 -10.82 0.55
C VAL A 100 14.24 -11.76 0.64
N PRO A 101 13.95 -13.08 0.61
CA PRO A 101 14.98 -14.12 0.68
C PRO A 101 15.84 -14.17 -0.58
N GLY A 1 -17.06 14.64 -4.82
CA GLY A 1 -17.59 15.67 -3.96
C GLY A 1 -18.00 15.14 -2.60
N SER A 2 -19.08 15.70 -2.05
CA SER A 2 -19.57 15.28 -0.74
C SER A 2 -20.89 14.52 -0.88
N SER A 3 -20.87 13.25 -0.51
CA SER A 3 -22.05 12.40 -0.59
C SER A 3 -23.06 12.78 0.49
N GLY A 4 -22.58 12.90 1.73
CA GLY A 4 -23.45 13.25 2.83
C GLY A 4 -22.71 13.27 4.16
N SER A 5 -23.41 12.86 5.22
CA SER A 5 -22.81 12.85 6.56
C SER A 5 -21.64 11.87 6.62
N SER A 6 -20.43 12.41 6.75
CA SER A 6 -19.23 11.60 6.82
C SER A 6 -18.10 12.35 7.50
N GLY A 7 -17.06 11.62 7.89
CA GLY A 7 -15.93 12.23 8.56
C GLY A 7 -14.68 12.24 7.70
N SER A 8 -13.76 13.15 8.00
CA SER A 8 -12.51 13.26 7.24
C SER A 8 -11.90 11.88 7.02
N SER A 9 -11.03 11.79 6.01
CA SER A 9 -10.37 10.53 5.68
C SER A 9 -9.38 10.13 6.78
N ASP A 10 -9.58 8.94 7.34
CA ASP A 10 -8.70 8.44 8.39
C ASP A 10 -7.80 7.34 7.87
N ALA A 11 -6.56 7.32 8.35
CA ALA A 11 -5.59 6.31 7.94
C ALA A 11 -5.56 5.13 8.91
N SER A 12 -5.71 5.43 10.19
CA SER A 12 -5.70 4.40 11.22
C SER A 12 -6.77 3.35 10.94
N LYS A 13 -7.88 3.77 10.34
CA LYS A 13 -8.98 2.86 10.02
C LYS A 13 -8.63 2.00 8.82
N VAL A 14 -7.76 2.53 7.96
CA VAL A 14 -7.34 1.81 6.76
C VAL A 14 -6.52 0.57 7.12
N THR A 15 -6.99 -0.59 6.68
CA THR A 15 -6.30 -1.85 6.96
C THR A 15 -5.74 -2.45 5.68
N SER A 16 -4.64 -3.20 5.82
CA SER A 16 -4.01 -3.84 4.67
C SER A 16 -3.72 -5.31 4.96
N LYS A 17 -4.06 -6.17 3.99
CA LYS A 17 -3.84 -7.60 4.14
C LYS A 17 -3.05 -8.15 2.95
N GLY A 18 -2.59 -9.40 3.09
CA GLY A 18 -1.83 -10.02 2.01
C GLY A 18 -0.46 -10.48 2.47
N ALA A 19 0.41 -10.77 1.51
CA ALA A 19 1.76 -11.23 1.82
C ALA A 19 2.79 -10.15 1.51
N GLY A 20 2.66 -9.53 0.35
CA GLY A 20 3.58 -8.48 -0.04
C GLY A 20 3.84 -7.49 1.08
N LEU A 21 2.93 -7.43 2.04
CA LEU A 21 3.07 -6.53 3.17
C LEU A 21 4.01 -7.11 4.23
N SER A 22 3.96 -8.41 4.40
CA SER A 22 4.80 -9.09 5.39
C SER A 22 6.17 -9.40 4.80
N LYS A 23 6.19 -9.87 3.56
CA LYS A 23 7.44 -10.21 2.87
C LYS A 23 7.24 -10.25 1.37
N ALA A 24 8.29 -10.63 0.64
CA ALA A 24 8.22 -10.72 -0.81
C ALA A 24 9.38 -11.55 -1.36
N PHE A 25 9.10 -12.33 -2.40
CA PHE A 25 10.12 -13.17 -3.02
C PHE A 25 10.55 -12.61 -4.37
N VAL A 26 11.86 -12.40 -4.52
CA VAL A 26 12.40 -11.86 -5.76
C VAL A 26 11.76 -12.53 -6.98
N GLY A 27 11.43 -11.73 -7.98
CA GLY A 27 10.82 -12.27 -9.19
C GLY A 27 9.32 -12.48 -9.03
N GLN A 28 8.94 -13.17 -7.97
CA GLN A 28 7.53 -13.44 -7.70
C GLN A 28 6.75 -12.15 -7.52
N LYS A 29 5.56 -12.10 -8.12
CA LYS A 29 4.70 -10.92 -8.01
C LYS A 29 3.87 -10.96 -6.74
N SER A 30 4.16 -10.03 -5.82
CA SER A 30 3.45 -9.95 -4.56
C SER A 30 2.30 -8.95 -4.64
N SER A 31 1.15 -9.32 -4.09
CA SER A 31 -0.02 -8.45 -4.11
C SER A 31 -0.56 -8.24 -2.70
N PHE A 32 -1.35 -7.19 -2.52
CA PHE A 32 -1.94 -6.87 -1.22
C PHE A 32 -3.11 -5.93 -1.37
N LEU A 33 -4.19 -6.22 -0.65
CA LEU A 33 -5.40 -5.39 -0.70
C LEU A 33 -5.47 -4.47 0.51
N VAL A 34 -6.09 -3.31 0.32
CA VAL A 34 -6.24 -2.34 1.41
C VAL A 34 -7.70 -1.96 1.60
N ASP A 35 -8.26 -2.33 2.75
CA ASP A 35 -9.65 -2.03 3.06
C ASP A 35 -9.78 -0.60 3.59
N CYS A 36 -10.67 0.17 2.96
CA CYS A 36 -10.90 1.55 3.37
C CYS A 36 -12.39 1.85 3.49
N SER A 37 -13.15 0.84 3.89
CA SER A 37 -14.60 0.98 4.05
C SER A 37 -14.92 2.06 5.08
N LYS A 38 -14.36 1.92 6.27
CA LYS A 38 -14.58 2.89 7.34
C LYS A 38 -13.40 3.84 7.48
N ALA A 39 -12.68 4.05 6.38
CA ALA A 39 -11.53 4.93 6.37
C ALA A 39 -11.92 6.32 5.87
N GLY A 40 -12.35 6.40 4.62
CA GLY A 40 -12.74 7.66 4.03
C GLY A 40 -12.82 7.61 2.51
N SER A 41 -13.40 8.65 1.92
CA SER A 41 -13.54 8.71 0.47
C SER A 41 -12.30 9.35 -0.16
N ASN A 42 -11.13 9.07 0.42
CA ASN A 42 -9.88 9.62 -0.09
C ASN A 42 -9.28 8.71 -1.17
N MET A 43 -8.10 9.08 -1.66
CA MET A 43 -7.43 8.30 -2.68
C MET A 43 -6.24 7.55 -2.10
N LEU A 44 -6.06 6.30 -2.54
CA LEU A 44 -4.96 5.48 -2.05
C LEU A 44 -3.79 5.52 -3.02
N LEU A 45 -2.63 5.95 -2.52
CA LEU A 45 -1.42 6.03 -3.34
C LEU A 45 -0.27 5.27 -2.69
N ILE A 46 0.77 5.01 -3.47
CA ILE A 46 1.94 4.30 -2.98
C ILE A 46 3.22 5.08 -3.26
N GLY A 47 4.23 4.88 -2.40
CA GLY A 47 5.49 5.58 -2.58
C GLY A 47 6.68 4.66 -2.42
N VAL A 48 6.67 3.55 -3.16
CA VAL A 48 7.75 2.57 -3.10
C VAL A 48 9.11 3.27 -3.12
N HIS A 49 9.97 2.92 -2.17
CA HIS A 49 11.30 3.50 -2.08
C HIS A 49 12.12 3.18 -3.32
N GLY A 50 13.13 4.01 -3.60
CA GLY A 50 13.97 3.79 -4.76
C GLY A 50 15.35 4.40 -4.59
N PRO A 51 16.07 3.97 -3.54
CA PRO A 51 17.42 4.46 -3.25
C PRO A 51 18.44 3.97 -4.28
N THR A 52 18.36 2.70 -4.63
CA THR A 52 19.28 2.11 -5.60
C THR A 52 18.53 1.31 -6.66
N THR A 53 17.91 0.22 -6.22
CA THR A 53 17.16 -0.64 -7.14
C THR A 53 15.69 -0.73 -6.72
N PRO A 54 14.86 0.17 -7.26
CA PRO A 54 13.43 0.22 -6.96
C PRO A 54 12.68 -0.97 -7.56
N CYS A 55 11.36 -0.93 -7.48
CA CYS A 55 10.52 -1.99 -8.02
C CYS A 55 10.37 -1.87 -9.53
N GLU A 56 10.13 -3.00 -10.19
CA GLU A 56 9.97 -3.01 -11.64
C GLU A 56 8.76 -2.18 -12.06
N GLU A 57 7.67 -2.31 -11.30
CA GLU A 57 6.45 -1.59 -11.60
C GLU A 57 5.47 -1.67 -10.43
N VAL A 58 4.33 -0.99 -10.55
CA VAL A 58 3.32 -0.98 -9.51
C VAL A 58 1.92 -0.93 -10.11
N SER A 59 1.21 -2.05 -10.07
CA SER A 59 -0.13 -2.13 -10.61
C SER A 59 -1.17 -1.87 -9.52
N MET A 60 -1.78 -0.69 -9.56
CA MET A 60 -2.80 -0.32 -8.58
C MET A 60 -4.16 -0.17 -9.23
N LYS A 61 -5.14 -0.91 -8.72
CA LYS A 61 -6.50 -0.86 -9.26
C LYS A 61 -7.53 -0.98 -8.14
N HIS A 62 -8.60 -0.19 -8.23
CA HIS A 62 -9.66 -0.22 -7.23
C HIS A 62 -10.72 -1.24 -7.60
N VAL A 63 -10.46 -2.50 -7.29
CA VAL A 63 -11.40 -3.58 -7.58
C VAL A 63 -12.82 -3.20 -7.17
N GLY A 64 -12.93 -2.23 -6.26
CA GLY A 64 -14.23 -1.80 -5.78
C GLY A 64 -14.54 -2.28 -4.38
N ASN A 65 -15.79 -2.13 -3.97
CA ASN A 65 -16.21 -2.55 -2.65
C ASN A 65 -15.28 -2.00 -1.57
N GLN A 66 -14.71 -0.83 -1.84
CA GLN A 66 -13.79 -0.20 -0.89
C GLN A 66 -12.51 -1.00 -0.76
N GLN A 67 -12.11 -1.67 -1.84
CA GLN A 67 -10.90 -2.48 -1.84
C GLN A 67 -9.95 -2.02 -2.94
N TYR A 68 -8.68 -1.84 -2.58
CA TYR A 68 -7.66 -1.40 -3.53
C TYR A 68 -6.61 -2.49 -3.75
N ASN A 69 -6.57 -3.01 -4.97
CA ASN A 69 -5.61 -4.07 -5.31
C ASN A 69 -4.29 -3.46 -5.78
N VAL A 70 -3.21 -3.83 -5.10
CA VAL A 70 -1.88 -3.32 -5.46
C VAL A 70 -0.87 -4.45 -5.53
N THR A 71 -0.09 -4.47 -6.61
CA THR A 71 0.92 -5.50 -6.81
C THR A 71 2.22 -4.91 -7.35
N TYR A 72 3.33 -5.56 -7.04
CA TYR A 72 4.64 -5.10 -7.48
C TYR A 72 5.59 -6.27 -7.69
N VAL A 73 6.79 -5.97 -8.20
CA VAL A 73 7.80 -6.99 -8.44
C VAL A 73 9.19 -6.50 -8.04
N VAL A 74 9.73 -7.08 -6.97
CA VAL A 74 11.06 -6.71 -6.49
C VAL A 74 12.14 -7.54 -7.16
N LYS A 75 13.10 -6.86 -7.78
CA LYS A 75 14.20 -7.54 -8.46
C LYS A 75 15.43 -7.61 -7.56
N GLU A 76 15.25 -7.29 -6.29
CA GLU A 76 16.34 -7.33 -5.32
C GLU A 76 15.89 -7.93 -4.00
N ARG A 77 16.82 -8.58 -3.30
CA ARG A 77 16.51 -9.21 -2.02
C ARG A 77 17.13 -8.43 -0.87
N GLY A 78 16.62 -8.66 0.33
CA GLY A 78 17.13 -7.98 1.51
C GLY A 78 16.04 -7.28 2.30
N ASP A 79 16.32 -6.07 2.77
CA ASP A 79 15.36 -5.31 3.54
C ASP A 79 14.59 -4.33 2.65
N TYR A 80 13.27 -4.39 2.70
CA TYR A 80 12.42 -3.52 1.89
C TYR A 80 11.55 -2.63 2.78
N VAL A 81 11.27 -1.43 2.30
CA VAL A 81 10.44 -0.49 3.05
C VAL A 81 9.20 -0.10 2.25
N LEU A 82 8.05 -0.64 2.65
CA LEU A 82 6.79 -0.34 1.97
C LEU A 82 6.13 0.89 2.57
N ALA A 83 6.04 1.96 1.78
CA ALA A 83 5.43 3.20 2.24
C ALA A 83 4.04 3.37 1.64
N VAL A 84 3.01 3.19 2.47
CA VAL A 84 1.63 3.32 2.02
C VAL A 84 0.94 4.50 2.71
N LYS A 85 0.63 5.53 1.94
CA LYS A 85 -0.04 6.72 2.47
C LYS A 85 -1.51 6.72 2.10
N TRP A 86 -2.32 7.39 2.92
CA TRP A 86 -3.75 7.48 2.68
C TRP A 86 -4.25 8.91 2.84
N GLY A 87 -4.37 9.62 1.73
CA GLY A 87 -4.83 11.00 1.77
C GLY A 87 -4.04 11.84 2.75
N GLU A 88 -2.78 12.10 2.42
CA GLU A 88 -1.91 12.90 3.28
C GLU A 88 -1.78 12.26 4.66
N GLU A 89 -1.55 10.95 4.69
CA GLU A 89 -1.40 10.22 5.94
C GLU A 89 -0.60 8.94 5.73
N HIS A 90 -0.34 8.22 6.82
CA HIS A 90 0.42 6.98 6.76
C HIS A 90 -0.31 5.86 7.50
N ILE A 91 -0.82 4.88 6.75
CA ILE A 91 -1.53 3.76 7.34
C ILE A 91 -0.82 3.24 8.58
N PRO A 92 -1.60 2.70 9.54
CA PRO A 92 -1.07 2.16 10.78
C PRO A 92 -0.28 0.87 10.57
N GLY A 93 1.04 1.01 10.39
CA GLY A 93 1.88 -0.14 10.18
C GLY A 93 3.06 0.17 9.28
N SER A 94 3.01 1.32 8.61
CA SER A 94 4.08 1.72 7.71
C SER A 94 5.01 2.73 8.38
N PRO A 95 6.28 2.74 7.95
CA PRO A 95 6.77 1.84 6.90
C PRO A 95 6.84 0.38 7.35
N PHE A 96 6.23 -0.50 6.56
CA PHE A 96 6.22 -1.93 6.89
C PHE A 96 7.60 -2.55 6.65
N HIS A 97 7.89 -3.61 7.39
CA HIS A 97 9.17 -4.30 7.26
C HIS A 97 9.05 -5.50 6.33
N VAL A 98 9.42 -5.31 5.07
CA VAL A 98 9.35 -6.39 4.09
C VAL A 98 10.72 -7.01 3.85
N THR A 99 10.87 -8.26 4.27
CA THR A 99 12.13 -8.98 4.12
C THR A 99 12.05 -9.98 2.96
N VAL A 100 13.00 -9.88 2.04
CA VAL A 100 13.05 -10.77 0.89
C VAL A 100 14.20 -11.77 1.01
N PRO A 101 13.86 -13.06 0.98
CA PRO A 101 14.84 -14.14 1.09
C PRO A 101 15.72 -14.25 -0.15
N GLY A 1 -32.12 3.42 5.72
CA GLY A 1 -30.76 3.66 6.16
C GLY A 1 -30.70 4.60 7.35
N SER A 2 -29.48 4.91 7.80
CA SER A 2 -29.28 5.79 8.94
C SER A 2 -29.58 7.24 8.57
N SER A 3 -29.48 8.13 9.55
CA SER A 3 -29.74 9.55 9.33
C SER A 3 -28.44 10.34 9.29
N GLY A 4 -27.67 10.25 10.37
CA GLY A 4 -26.41 10.97 10.44
C GLY A 4 -25.29 10.23 9.72
N SER A 5 -24.69 10.90 8.74
CA SER A 5 -23.60 10.29 7.98
C SER A 5 -22.25 10.81 8.47
N SER A 6 -21.23 9.96 8.33
CA SER A 6 -19.88 10.33 8.77
C SER A 6 -19.00 10.71 7.57
N GLY A 7 -18.54 11.96 7.57
CA GLY A 7 -17.70 12.43 6.49
C GLY A 7 -16.29 12.73 6.94
N SER A 8 -15.46 11.69 7.03
CA SER A 8 -14.07 11.86 7.45
C SER A 8 -13.23 10.68 6.97
N SER A 9 -11.92 10.91 6.87
CA SER A 9 -10.99 9.87 6.41
C SER A 9 -9.91 9.62 7.46
N ASP A 10 -9.97 8.45 8.09
CA ASP A 10 -8.99 8.08 9.11
C ASP A 10 -8.09 6.96 8.61
N ALA A 11 -6.80 7.24 8.51
CA ALA A 11 -5.84 6.25 8.05
C ALA A 11 -5.67 5.13 9.06
N SER A 12 -5.68 5.49 10.35
CA SER A 12 -5.54 4.51 11.42
C SER A 12 -6.52 3.35 11.24
N LYS A 13 -7.65 3.65 10.61
CA LYS A 13 -8.68 2.63 10.38
C LYS A 13 -8.35 1.80 9.16
N VAL A 14 -7.66 2.41 8.19
CA VAL A 14 -7.27 1.71 6.98
C VAL A 14 -6.42 0.49 7.29
N THR A 15 -6.88 -0.68 6.85
CA THR A 15 -6.17 -1.93 7.08
C THR A 15 -5.65 -2.52 5.77
N SER A 16 -4.54 -3.25 5.85
CA SER A 16 -3.94 -3.86 4.67
C SER A 16 -3.65 -5.33 4.92
N LYS A 17 -3.84 -6.15 3.89
CA LYS A 17 -3.60 -7.58 3.99
C LYS A 17 -2.81 -8.08 2.79
N GLY A 18 -2.04 -9.14 2.99
CA GLY A 18 -1.24 -9.70 1.92
C GLY A 18 0.21 -9.88 2.30
N ALA A 19 0.79 -11.02 1.91
CA ALA A 19 2.18 -11.31 2.22
C ALA A 19 3.09 -10.15 1.80
N GLY A 20 2.83 -9.61 0.60
CA GLY A 20 3.63 -8.51 0.11
C GLY A 20 3.89 -7.45 1.17
N LEU A 21 2.96 -7.33 2.11
CA LEU A 21 3.09 -6.34 3.19
C LEU A 21 4.11 -6.80 4.22
N SER A 22 4.17 -8.11 4.44
CA SER A 22 5.09 -8.68 5.41
C SER A 22 6.45 -8.95 4.77
N LYS A 23 6.45 -9.72 3.68
CA LYS A 23 7.67 -10.04 2.97
C LYS A 23 7.39 -10.32 1.49
N ALA A 24 8.45 -10.41 0.70
CA ALA A 24 8.32 -10.68 -0.73
C ALA A 24 9.39 -11.66 -1.21
N PHE A 25 9.18 -12.23 -2.38
CA PHE A 25 10.12 -13.19 -2.95
C PHE A 25 10.55 -12.76 -4.36
N VAL A 26 11.83 -12.92 -4.66
CA VAL A 26 12.36 -12.56 -5.97
C VAL A 26 11.58 -13.25 -7.09
N GLY A 27 11.14 -12.47 -8.06
CA GLY A 27 10.40 -13.04 -9.18
C GLY A 27 8.93 -13.18 -8.87
N GLN A 28 8.62 -13.78 -7.73
CA GLN A 28 7.24 -13.98 -7.32
C GLN A 28 6.50 -12.66 -7.21
N LYS A 29 5.33 -12.57 -7.85
CA LYS A 29 4.52 -11.36 -7.82
C LYS A 29 3.83 -11.20 -6.47
N SER A 30 4.21 -10.16 -5.74
CA SER A 30 3.62 -9.89 -4.42
C SER A 30 2.45 -8.93 -4.55
N SER A 31 1.29 -9.34 -4.03
CA SER A 31 0.09 -8.52 -4.08
C SER A 31 -0.48 -8.30 -2.69
N PHE A 32 -1.30 -7.28 -2.54
CA PHE A 32 -1.92 -6.96 -1.26
C PHE A 32 -3.14 -6.07 -1.44
N LEU A 33 -4.20 -6.37 -0.69
CA LEU A 33 -5.43 -5.60 -0.79
C LEU A 33 -5.60 -4.71 0.44
N VAL A 34 -6.01 -3.46 0.21
CA VAL A 34 -6.22 -2.50 1.29
C VAL A 34 -7.68 -2.11 1.41
N ASP A 35 -8.26 -2.34 2.58
CA ASP A 35 -9.66 -2.00 2.82
C ASP A 35 -9.79 -0.58 3.37
N CYS A 36 -10.41 0.29 2.57
CA CYS A 36 -10.59 1.68 2.98
C CYS A 36 -12.07 1.98 3.21
N SER A 37 -12.81 0.98 3.68
CA SER A 37 -14.23 1.14 3.94
C SER A 37 -14.47 1.89 5.24
N LYS A 38 -14.01 1.31 6.35
CA LYS A 38 -14.16 1.91 7.67
C LYS A 38 -13.45 3.26 7.73
N ALA A 39 -12.39 3.40 6.95
CA ALA A 39 -11.64 4.65 6.91
C ALA A 39 -12.53 5.83 6.56
N GLY A 40 -13.03 5.85 5.32
CA GLY A 40 -13.90 6.94 4.89
C GLY A 40 -13.93 7.08 3.39
N SER A 41 -13.73 8.30 2.90
CA SER A 41 -13.75 8.57 1.47
C SER A 41 -12.52 9.39 1.06
N ASN A 42 -11.42 8.70 0.79
CA ASN A 42 -10.19 9.36 0.38
C ASN A 42 -9.51 8.60 -0.75
N MET A 43 -8.37 9.11 -1.20
CA MET A 43 -7.62 8.48 -2.28
C MET A 43 -6.46 7.66 -1.72
N LEU A 44 -6.27 6.47 -2.28
CA LEU A 44 -5.19 5.58 -1.84
C LEU A 44 -4.06 5.57 -2.85
N LEU A 45 -2.93 6.17 -2.48
CA LEU A 45 -1.77 6.22 -3.35
C LEU A 45 -0.59 5.47 -2.73
N ILE A 46 0.43 5.20 -3.54
CA ILE A 46 1.61 4.49 -3.08
C ILE A 46 2.88 5.24 -3.46
N GLY A 47 3.91 5.09 -2.63
CA GLY A 47 5.18 5.75 -2.89
C GLY A 47 6.37 4.86 -2.64
N VAL A 48 6.36 3.68 -3.26
CA VAL A 48 7.44 2.72 -3.10
C VAL A 48 8.79 3.42 -3.12
N HIS A 49 9.48 3.43 -1.99
CA HIS A 49 10.79 4.06 -1.87
C HIS A 49 11.85 3.24 -2.60
N GLY A 50 12.81 3.93 -3.21
CA GLY A 50 13.87 3.25 -3.92
C GLY A 50 15.23 3.87 -3.67
N PRO A 51 15.68 3.81 -2.40
CA PRO A 51 16.97 4.36 -1.99
C PRO A 51 18.14 3.55 -2.53
N THR A 52 17.98 2.24 -2.55
CA THR A 52 19.02 1.34 -3.04
C THR A 52 18.53 0.51 -4.22
N THR A 53 17.47 -0.26 -3.99
CA THR A 53 16.89 -1.09 -5.04
C THR A 53 15.38 -0.93 -5.12
N PRO A 54 14.93 -0.07 -6.05
CA PRO A 54 13.50 0.20 -6.25
C PRO A 54 12.76 -1.00 -6.85
N CYS A 55 11.46 -0.85 -7.03
CA CYS A 55 10.64 -1.92 -7.59
C CYS A 55 10.51 -1.77 -9.10
N GLU A 56 10.27 -2.89 -9.77
CA GLU A 56 10.13 -2.89 -11.22
C GLU A 56 8.93 -2.05 -11.66
N GLU A 57 7.82 -2.21 -10.95
CA GLU A 57 6.61 -1.46 -11.26
C GLU A 57 5.55 -1.67 -10.17
N VAL A 58 4.44 -0.95 -10.30
CA VAL A 58 3.36 -1.05 -9.33
C VAL A 58 2.00 -0.89 -10.01
N SER A 59 1.17 -1.93 -9.93
CA SER A 59 -0.15 -1.91 -10.54
C SER A 59 -1.23 -1.72 -9.48
N MET A 60 -1.87 -0.55 -9.49
CA MET A 60 -2.92 -0.26 -8.53
C MET A 60 -4.28 -0.21 -9.21
N LYS A 61 -5.23 -0.97 -8.67
CA LYS A 61 -6.58 -1.02 -9.22
C LYS A 61 -7.63 -0.86 -8.14
N HIS A 62 -8.75 -0.26 -8.49
CA HIS A 62 -9.84 -0.05 -7.53
C HIS A 62 -10.95 -1.07 -7.73
N VAL A 63 -10.63 -2.34 -7.48
CA VAL A 63 -11.60 -3.41 -7.64
C VAL A 63 -13.00 -2.97 -7.22
N GLY A 64 -13.06 -2.04 -6.27
CA GLY A 64 -14.34 -1.54 -5.79
C GLY A 64 -14.58 -1.86 -4.33
N ASN A 65 -15.82 -1.66 -3.89
CA ASN A 65 -16.19 -1.93 -2.50
C ASN A 65 -15.12 -1.39 -1.54
N GLN A 66 -14.54 -0.25 -1.90
CA GLN A 66 -13.51 0.36 -1.07
C GLN A 66 -12.28 -0.53 -0.98
N GLN A 67 -11.96 -1.21 -2.08
CA GLN A 67 -10.80 -2.08 -2.14
C GLN A 67 -9.81 -1.61 -3.19
N TYR A 68 -8.52 -1.71 -2.87
CA TYR A 68 -7.47 -1.30 -3.79
C TYR A 68 -6.45 -2.41 -3.98
N ASN A 69 -6.40 -2.96 -5.19
CA ASN A 69 -5.48 -4.04 -5.50
C ASN A 69 -4.14 -3.48 -5.97
N VAL A 70 -3.09 -3.73 -5.19
CA VAL A 70 -1.75 -3.25 -5.53
C VAL A 70 -0.76 -4.40 -5.60
N THR A 71 -0.03 -4.47 -6.72
CA THR A 71 0.96 -5.53 -6.91
C THR A 71 2.25 -4.97 -7.52
N TYR A 72 3.37 -5.51 -7.09
CA TYR A 72 4.68 -5.07 -7.59
C TYR A 72 5.61 -6.26 -7.81
N VAL A 73 6.78 -5.98 -8.35
CA VAL A 73 7.77 -7.02 -8.62
C VAL A 73 9.18 -6.56 -8.25
N VAL A 74 9.90 -7.41 -7.53
CA VAL A 74 11.26 -7.09 -7.10
C VAL A 74 12.27 -8.02 -7.77
N LYS A 75 13.18 -7.43 -8.55
CA LYS A 75 14.21 -8.19 -9.24
C LYS A 75 15.45 -8.34 -8.38
N GLU A 76 15.28 -8.18 -7.08
CA GLU A 76 16.40 -8.30 -6.15
C GLU A 76 15.91 -8.69 -4.75
N ARG A 77 16.85 -9.08 -3.89
CA ARG A 77 16.50 -9.48 -2.53
C ARG A 77 17.24 -8.62 -1.51
N GLY A 78 16.55 -8.27 -0.43
CA GLY A 78 17.15 -7.45 0.61
C GLY A 78 16.13 -6.75 1.46
N ASP A 79 16.57 -5.77 2.24
CA ASP A 79 15.67 -5.02 3.11
C ASP A 79 14.88 -3.98 2.32
N TYR A 80 13.65 -4.35 1.97
CA TYR A 80 12.78 -3.46 1.21
C TYR A 80 11.96 -2.56 2.14
N VAL A 81 11.35 -1.53 1.57
CA VAL A 81 10.53 -0.61 2.35
C VAL A 81 9.25 -0.25 1.61
N LEU A 82 8.12 -0.51 2.24
CA LEU A 82 6.82 -0.22 1.64
C LEU A 82 6.18 1.01 2.28
N ALA A 83 5.86 2.01 1.46
CA ALA A 83 5.25 3.24 1.94
C ALA A 83 3.82 3.38 1.43
N VAL A 84 2.85 3.18 2.32
CA VAL A 84 1.44 3.29 1.96
C VAL A 84 0.79 4.49 2.63
N LYS A 85 0.22 5.38 1.83
CA LYS A 85 -0.44 6.57 2.33
C LYS A 85 -1.95 6.49 2.12
N TRP A 86 -2.69 7.22 2.94
CA TRP A 86 -4.15 7.24 2.84
C TRP A 86 -4.67 8.66 2.74
N GLY A 87 -4.69 9.20 1.53
CA GLY A 87 -5.16 10.55 1.32
C GLY A 87 -4.52 11.55 2.28
N GLU A 88 -3.28 11.93 1.97
CA GLU A 88 -2.56 12.88 2.81
C GLU A 88 -2.35 12.32 4.21
N GLU A 89 -2.03 11.03 4.29
CA GLU A 89 -1.80 10.37 5.56
C GLU A 89 -1.00 9.09 5.38
N HIS A 90 -0.64 8.46 6.50
CA HIS A 90 0.13 7.21 6.45
C HIS A 90 -0.53 6.13 7.31
N ILE A 91 -0.94 5.05 6.67
CA ILE A 91 -1.58 3.94 7.37
C ILE A 91 -0.75 3.49 8.57
N PRO A 92 -1.43 2.96 9.60
CA PRO A 92 -0.78 2.47 10.81
C PRO A 92 0.04 1.20 10.56
N GLY A 93 1.36 1.36 10.46
CA GLY A 93 2.22 0.22 10.23
C GLY A 93 3.35 0.54 9.27
N SER A 94 3.21 1.64 8.54
CA SER A 94 4.23 2.04 7.57
C SER A 94 5.19 3.06 8.20
N PRO A 95 6.43 3.09 7.68
CA PRO A 95 6.86 2.21 6.60
C PRO A 95 6.97 0.75 7.04
N PHE A 96 6.51 -0.16 6.18
CA PHE A 96 6.55 -1.58 6.48
C PHE A 96 7.89 -2.19 6.07
N HIS A 97 8.36 -3.16 6.84
CA HIS A 97 9.63 -3.82 6.56
C HIS A 97 9.41 -5.11 5.78
N VAL A 98 9.77 -5.10 4.50
CA VAL A 98 9.61 -6.28 3.65
C VAL A 98 10.95 -6.93 3.34
N THR A 99 11.15 -8.15 3.83
CA THR A 99 12.39 -8.88 3.62
C THR A 99 12.24 -9.91 2.51
N VAL A 100 13.23 -9.98 1.63
CA VAL A 100 13.20 -10.92 0.53
C VAL A 100 14.39 -11.89 0.60
N PRO A 101 14.08 -13.20 0.55
CA PRO A 101 15.10 -14.24 0.61
C PRO A 101 15.95 -14.30 -0.65
N GLY A 1 -11.05 16.52 1.16
CA GLY A 1 -12.09 17.49 1.44
C GLY A 1 -11.77 18.36 2.63
N SER A 2 -11.89 19.67 2.47
CA SER A 2 -11.60 20.61 3.54
C SER A 2 -12.78 20.71 4.50
N SER A 3 -12.54 20.40 5.77
CA SER A 3 -13.58 20.45 6.79
C SER A 3 -14.91 19.91 6.24
N GLY A 4 -14.81 18.81 5.50
CA GLY A 4 -16.01 18.21 4.93
C GLY A 4 -16.47 16.99 5.70
N SER A 5 -17.71 17.02 6.17
CA SER A 5 -18.28 15.91 6.93
C SER A 5 -17.94 14.57 6.28
N SER A 6 -18.33 14.42 5.02
CA SER A 6 -18.06 13.19 4.27
C SER A 6 -16.57 12.88 4.24
N GLY A 7 -15.77 13.91 3.98
CA GLY A 7 -14.33 13.72 3.92
C GLY A 7 -13.72 13.43 5.29
N SER A 8 -12.56 14.00 5.55
CA SER A 8 -11.88 13.79 6.82
C SER A 8 -11.55 12.30 7.02
N SER A 9 -11.24 11.62 5.92
CA SER A 9 -10.92 10.20 5.98
C SER A 9 -9.77 9.94 6.94
N ASP A 10 -9.82 8.80 7.63
CA ASP A 10 -8.79 8.44 8.59
C ASP A 10 -7.99 7.24 8.08
N ALA A 11 -6.69 7.23 8.37
CA ALA A 11 -5.81 6.15 7.95
C ALA A 11 -5.78 5.04 8.99
N SER A 12 -5.84 5.43 10.27
CA SER A 12 -5.80 4.46 11.36
C SER A 12 -6.80 3.34 11.13
N LYS A 13 -7.88 3.66 10.42
CA LYS A 13 -8.91 2.67 10.12
C LYS A 13 -8.52 1.82 8.91
N VAL A 14 -7.84 2.43 7.95
CA VAL A 14 -7.41 1.73 6.74
C VAL A 14 -6.59 0.51 7.10
N THR A 15 -7.02 -0.65 6.58
CA THR A 15 -6.32 -1.90 6.84
C THR A 15 -5.72 -2.48 5.54
N SER A 16 -4.69 -3.29 5.69
CA SER A 16 -4.04 -3.91 4.55
C SER A 16 -3.72 -5.38 4.82
N LYS A 17 -4.10 -6.24 3.89
CA LYS A 17 -3.86 -7.67 4.02
C LYS A 17 -3.05 -8.20 2.84
N GLY A 18 -2.31 -9.28 3.08
CA GLY A 18 -1.51 -9.87 2.02
C GLY A 18 -0.10 -10.21 2.48
N ALA A 19 0.65 -10.91 1.63
CA ALA A 19 2.01 -11.30 1.96
C ALA A 19 3.00 -10.18 1.62
N GLY A 20 2.87 -9.63 0.41
CA GLY A 20 3.75 -8.56 -0.01
C GLY A 20 4.04 -7.58 1.10
N LEU A 21 3.08 -7.39 2.00
CA LEU A 21 3.23 -6.46 3.11
C LEU A 21 4.13 -7.05 4.19
N SER A 22 4.01 -8.36 4.40
CA SER A 22 4.83 -9.05 5.41
C SER A 22 6.20 -9.42 4.83
N LYS A 23 6.19 -10.15 3.72
CA LYS A 23 7.42 -10.57 3.07
C LYS A 23 7.20 -10.80 1.58
N ALA A 24 8.24 -10.59 0.79
CA ALA A 24 8.16 -10.77 -0.64
C ALA A 24 9.29 -11.66 -1.15
N PHE A 25 9.16 -12.15 -2.38
CA PHE A 25 10.17 -13.02 -2.97
C PHE A 25 10.57 -12.52 -4.36
N VAL A 26 11.87 -12.48 -4.61
CA VAL A 26 12.39 -12.02 -5.89
C VAL A 26 11.66 -12.70 -7.05
N GLY A 27 11.25 -11.91 -8.03
CA GLY A 27 10.55 -12.45 -9.19
C GLY A 27 9.06 -12.65 -8.92
N GLN A 28 8.75 -13.34 -7.83
CA GLN A 28 7.36 -13.59 -7.46
C GLN A 28 6.57 -12.29 -7.36
N LYS A 29 5.37 -12.28 -7.92
CA LYS A 29 4.52 -11.10 -7.88
C LYS A 29 3.76 -11.00 -6.55
N SER A 30 4.19 -10.07 -5.71
CA SER A 30 3.56 -9.89 -4.40
C SER A 30 2.40 -8.90 -4.50
N SER A 31 1.24 -9.31 -4.02
CA SER A 31 0.05 -8.46 -4.06
C SER A 31 -0.49 -8.21 -2.65
N PHE A 32 -1.29 -7.16 -2.49
CA PHE A 32 -1.87 -6.82 -1.20
C PHE A 32 -3.07 -5.89 -1.37
N LEU A 33 -4.12 -6.16 -0.61
CA LEU A 33 -5.34 -5.35 -0.67
C LEU A 33 -5.44 -4.41 0.53
N VAL A 34 -6.11 -3.29 0.34
CA VAL A 34 -6.28 -2.32 1.40
C VAL A 34 -7.72 -1.84 1.50
N ASP A 35 -8.40 -2.24 2.57
CA ASP A 35 -9.79 -1.86 2.78
C ASP A 35 -9.89 -0.44 3.32
N CYS A 36 -10.65 0.40 2.63
CA CYS A 36 -10.83 1.79 3.03
C CYS A 36 -12.30 2.09 3.31
N SER A 37 -13.04 1.07 3.74
CA SER A 37 -14.45 1.22 4.05
C SER A 37 -14.64 2.08 5.29
N LYS A 38 -14.03 1.67 6.40
CA LYS A 38 -14.14 2.40 7.65
C LYS A 38 -13.36 3.71 7.59
N ALA A 39 -12.42 3.79 6.65
CA ALA A 39 -11.60 4.98 6.49
C ALA A 39 -12.46 6.18 6.11
N GLY A 40 -12.99 6.16 4.88
CA GLY A 40 -13.81 7.25 4.42
C GLY A 40 -13.91 7.30 2.90
N SER A 41 -13.69 8.47 2.33
CA SER A 41 -13.75 8.65 0.89
C SER A 41 -12.51 9.38 0.36
N ASN A 42 -11.35 8.80 0.61
CA ASN A 42 -10.09 9.39 0.17
C ASN A 42 -9.42 8.52 -0.89
N MET A 43 -8.22 8.92 -1.30
CA MET A 43 -7.47 8.17 -2.30
C MET A 43 -6.34 7.36 -1.65
N LEU A 44 -5.88 6.33 -2.36
CA LEU A 44 -4.81 5.48 -1.85
C LEU A 44 -3.64 5.45 -2.83
N LEU A 45 -2.53 6.06 -2.42
CA LEU A 45 -1.33 6.09 -3.25
C LEU A 45 -0.18 5.35 -2.59
N ILE A 46 0.86 5.07 -3.37
CA ILE A 46 2.03 4.36 -2.86
C ILE A 46 3.31 5.11 -3.17
N GLY A 47 4.27 5.04 -2.26
CA GLY A 47 5.54 5.72 -2.46
C GLY A 47 6.74 4.80 -2.29
N VAL A 48 6.74 3.71 -3.04
CA VAL A 48 7.84 2.73 -2.95
C VAL A 48 9.18 3.44 -2.91
N HIS A 49 10.14 2.84 -2.20
CA HIS A 49 11.47 3.40 -2.08
C HIS A 49 12.27 3.21 -3.37
N GLY A 50 13.27 4.05 -3.58
CA GLY A 50 14.08 3.96 -4.78
C GLY A 50 15.47 4.54 -4.58
N PRO A 51 16.21 4.01 -3.60
CA PRO A 51 17.57 4.46 -3.29
C PRO A 51 18.56 4.08 -4.38
N THR A 52 18.56 2.82 -4.76
CA THR A 52 19.47 2.33 -5.80
C THR A 52 18.74 1.43 -6.80
N THR A 53 18.15 0.35 -6.30
CA THR A 53 17.42 -0.58 -7.16
C THR A 53 15.93 -0.57 -6.83
N PRO A 54 15.18 0.30 -7.52
CA PRO A 54 13.73 0.42 -7.31
C PRO A 54 12.96 -0.79 -7.82
N CYS A 55 11.65 -0.75 -7.71
CA CYS A 55 10.80 -1.86 -8.17
C CYS A 55 10.56 -1.78 -9.67
N GLU A 56 10.29 -2.94 -10.27
CA GLU A 56 10.05 -3.01 -11.71
C GLU A 56 8.82 -2.19 -12.10
N GLU A 57 7.77 -2.28 -11.29
CA GLU A 57 6.54 -1.56 -11.54
C GLU A 57 5.57 -1.69 -10.37
N VAL A 58 4.46 -0.97 -10.45
CA VAL A 58 3.45 -1.01 -9.40
C VAL A 58 2.04 -0.98 -9.98
N SER A 59 1.37 -2.13 -9.97
CA SER A 59 0.02 -2.23 -10.49
C SER A 59 -1.01 -1.91 -9.41
N MET A 60 -1.68 -0.77 -9.56
CA MET A 60 -2.70 -0.35 -8.61
C MET A 60 -4.07 -0.22 -9.28
N LYS A 61 -5.03 -0.99 -8.78
CA LYS A 61 -6.38 -0.96 -9.33
C LYS A 61 -7.42 -1.06 -8.22
N HIS A 62 -8.51 -0.30 -8.37
CA HIS A 62 -9.58 -0.31 -7.38
C HIS A 62 -10.60 -1.40 -7.69
N VAL A 63 -10.28 -2.63 -7.30
CA VAL A 63 -11.17 -3.77 -7.53
C VAL A 63 -12.62 -3.42 -7.17
N GLY A 64 -12.78 -2.43 -6.30
CA GLY A 64 -14.11 -2.01 -5.89
C GLY A 64 -14.43 -2.44 -4.47
N ASN A 65 -15.69 -2.28 -4.09
CA ASN A 65 -16.14 -2.65 -2.75
C ASN A 65 -15.23 -2.06 -1.69
N GLN A 66 -14.73 -0.86 -1.95
CA GLN A 66 -13.84 -0.18 -1.01
C GLN A 66 -12.53 -0.94 -0.85
N GLN A 67 -12.16 -1.70 -1.89
CA GLN A 67 -10.93 -2.48 -1.85
C GLN A 67 -9.99 -2.04 -2.97
N TYR A 68 -8.72 -1.80 -2.61
CA TYR A 68 -7.72 -1.37 -3.58
C TYR A 68 -6.66 -2.44 -3.77
N ASN A 69 -6.58 -2.97 -4.98
CA ASN A 69 -5.60 -4.01 -5.29
C ASN A 69 -4.27 -3.40 -5.74
N VAL A 70 -3.19 -3.76 -5.05
CA VAL A 70 -1.88 -3.25 -5.37
C VAL A 70 -0.85 -4.37 -5.41
N THR A 71 -0.19 -4.52 -6.57
CA THR A 71 0.82 -5.55 -6.74
C THR A 71 2.08 -4.99 -7.38
N TYR A 72 3.24 -5.42 -6.88
CA TYR A 72 4.51 -4.96 -7.40
C TYR A 72 5.46 -6.13 -7.67
N VAL A 73 6.58 -5.84 -8.31
CA VAL A 73 7.57 -6.87 -8.62
C VAL A 73 8.98 -6.40 -8.30
N VAL A 74 9.59 -7.02 -7.30
CA VAL A 74 10.95 -6.67 -6.89
C VAL A 74 11.97 -7.60 -7.53
N LYS A 75 13.03 -7.03 -8.07
CA LYS A 75 14.08 -7.80 -8.70
C LYS A 75 15.28 -7.96 -7.77
N GLU A 76 15.09 -7.60 -6.51
CA GLU A 76 16.16 -7.70 -5.52
C GLU A 76 15.65 -8.34 -4.24
N ARG A 77 16.58 -8.73 -3.37
CA ARG A 77 16.23 -9.36 -2.09
C ARG A 77 16.84 -8.60 -0.92
N GLY A 78 16.44 -8.97 0.29
CA GLY A 78 16.95 -8.31 1.47
C GLY A 78 15.88 -7.53 2.22
N ASP A 79 16.27 -6.39 2.79
CA ASP A 79 15.33 -5.56 3.53
C ASP A 79 14.62 -4.58 2.60
N TYR A 80 13.32 -4.43 2.79
CA TYR A 80 12.52 -3.53 1.97
C TYR A 80 11.72 -2.57 2.83
N VAL A 81 11.35 -1.43 2.26
CA VAL A 81 10.58 -0.43 2.97
C VAL A 81 9.33 -0.03 2.19
N LEU A 82 8.17 -0.45 2.68
CA LEU A 82 6.90 -0.14 2.03
C LEU A 82 6.25 1.08 2.66
N ALA A 83 6.05 2.11 1.84
CA ALA A 83 5.43 3.35 2.32
C ALA A 83 4.04 3.53 1.70
N VAL A 84 3.02 3.34 2.52
CA VAL A 84 1.64 3.48 2.07
C VAL A 84 0.95 4.65 2.76
N LYS A 85 0.50 5.62 1.98
CA LYS A 85 -0.18 6.79 2.52
C LYS A 85 -1.68 6.74 2.21
N TRP A 86 -2.47 7.42 3.03
CA TRP A 86 -3.92 7.46 2.84
C TRP A 86 -4.44 8.89 2.93
N GLY A 87 -4.49 9.58 1.79
CA GLY A 87 -4.97 10.94 1.77
C GLY A 87 -4.25 11.84 2.76
N GLU A 88 -3.00 12.18 2.44
CA GLU A 88 -2.20 13.02 3.32
C GLU A 88 -2.04 12.39 4.70
N GLU A 89 -1.73 11.10 4.71
CA GLU A 89 -1.55 10.37 5.96
C GLU A 89 -0.74 9.09 5.73
N HIS A 90 -0.52 8.34 6.81
CA HIS A 90 0.24 7.10 6.73
C HIS A 90 -0.47 5.98 7.49
N ILE A 91 -0.98 5.00 6.74
CA ILE A 91 -1.67 3.87 7.35
C ILE A 91 -0.95 3.37 8.59
N PRO A 92 -1.73 2.84 9.55
CA PRO A 92 -1.18 2.32 10.81
C PRO A 92 -0.37 1.04 10.61
N GLY A 93 0.93 1.19 10.43
CA GLY A 93 1.79 0.04 10.23
C GLY A 93 2.97 0.34 9.33
N SER A 94 2.90 1.47 8.63
CA SER A 94 3.97 1.87 7.72
C SER A 94 4.92 2.85 8.40
N PRO A 95 6.18 2.86 7.95
CA PRO A 95 6.64 1.98 6.89
C PRO A 95 6.69 0.51 7.32
N PHE A 96 6.19 -0.37 6.46
CA PHE A 96 6.17 -1.80 6.76
C PHE A 96 7.53 -2.43 6.45
N HIS A 97 7.91 -3.41 7.26
CA HIS A 97 9.18 -4.10 7.08
C HIS A 97 8.99 -5.38 6.26
N VAL A 98 9.40 -5.33 5.00
CA VAL A 98 9.28 -6.48 4.12
C VAL A 98 10.64 -7.14 3.88
N THR A 99 10.76 -8.40 4.27
CA THR A 99 12.01 -9.14 4.10
C THR A 99 11.92 -10.08 2.90
N VAL A 100 12.97 -10.07 2.08
CA VAL A 100 13.01 -10.93 0.90
C VAL A 100 14.23 -11.85 0.93
N PRO A 101 13.98 -13.16 0.96
CA PRO A 101 15.04 -14.17 1.00
C PRO A 101 15.81 -14.25 -0.32
N GLY A 1 -6.49 17.77 -6.91
CA GLY A 1 -6.56 18.70 -8.01
C GLY A 1 -7.95 19.29 -8.17
N SER A 2 -8.42 19.42 -9.40
CA SER A 2 -9.73 19.98 -9.68
C SER A 2 -10.74 19.57 -8.61
N SER A 3 -10.74 18.28 -8.28
CA SER A 3 -11.65 17.75 -7.27
C SER A 3 -10.89 17.28 -6.04
N GLY A 4 -11.40 17.63 -4.86
CA GLY A 4 -10.75 17.22 -3.63
C GLY A 4 -11.40 16.02 -3.00
N SER A 5 -11.05 15.74 -1.75
CA SER A 5 -11.60 14.60 -1.03
C SER A 5 -12.80 15.00 -0.19
N SER A 6 -13.94 14.34 -0.40
CA SER A 6 -15.15 14.64 0.34
C SER A 6 -15.50 13.50 1.29
N GLY A 7 -15.82 13.85 2.54
CA GLY A 7 -16.17 12.85 3.53
C GLY A 7 -15.04 12.59 4.51
N SER A 8 -15.40 12.42 5.78
CA SER A 8 -14.42 12.17 6.83
C SER A 8 -13.64 10.89 6.55
N SER A 9 -12.41 11.04 6.06
CA SER A 9 -11.56 9.90 5.75
C SER A 9 -10.36 9.84 6.68
N ASP A 10 -10.25 8.75 7.42
CA ASP A 10 -9.14 8.56 8.36
C ASP A 10 -8.19 7.46 7.87
N ALA A 11 -6.92 7.60 8.22
CA ALA A 11 -5.92 6.61 7.82
C ALA A 11 -5.82 5.48 8.85
N SER A 12 -5.85 5.84 10.12
CA SER A 12 -5.76 4.87 11.20
C SER A 12 -6.78 3.75 11.00
N LYS A 13 -7.83 4.04 10.24
CA LYS A 13 -8.87 3.05 9.97
C LYS A 13 -8.46 2.13 8.84
N VAL A 14 -7.70 2.66 7.88
CA VAL A 14 -7.24 1.88 6.74
C VAL A 14 -6.52 0.61 7.19
N THR A 15 -6.84 -0.51 6.56
CA THR A 15 -6.22 -1.79 6.90
C THR A 15 -5.61 -2.44 5.67
N SER A 16 -4.48 -3.12 5.86
CA SER A 16 -3.79 -3.78 4.77
C SER A 16 -3.45 -5.23 5.15
N LYS A 17 -3.64 -6.14 4.19
CA LYS A 17 -3.35 -7.55 4.42
C LYS A 17 -2.73 -8.18 3.17
N GLY A 18 -1.84 -9.15 3.39
CA GLY A 18 -1.19 -9.82 2.28
C GLY A 18 0.29 -10.06 2.53
N ALA A 19 0.84 -11.07 1.87
CA ALA A 19 2.25 -11.40 2.02
C ALA A 19 3.13 -10.20 1.68
N GLY A 20 2.90 -9.61 0.51
CA GLY A 20 3.67 -8.46 0.09
C GLY A 20 3.96 -7.49 1.23
N LEU A 21 3.02 -7.41 2.17
CA LEU A 21 3.16 -6.51 3.31
C LEU A 21 4.16 -7.07 4.31
N SER A 22 4.14 -8.39 4.49
CA SER A 22 5.05 -9.05 5.42
C SER A 22 6.42 -9.28 4.78
N LYS A 23 6.42 -9.94 3.64
CA LYS A 23 7.66 -10.23 2.92
C LYS A 23 7.39 -10.51 1.45
N ALA A 24 8.43 -10.44 0.64
CA ALA A 24 8.31 -10.68 -0.80
C ALA A 24 9.41 -11.62 -1.29
N PHE A 25 9.23 -12.12 -2.51
CA PHE A 25 10.21 -13.03 -3.11
C PHE A 25 10.54 -12.61 -4.54
N VAL A 26 11.84 -12.54 -4.84
CA VAL A 26 12.29 -12.15 -6.17
C VAL A 26 11.44 -12.80 -7.25
N GLY A 27 10.95 -11.99 -8.18
CA GLY A 27 10.12 -12.51 -9.26
C GLY A 27 8.69 -12.73 -8.83
N GLN A 28 8.50 -13.37 -7.67
CA GLN A 28 7.17 -13.64 -7.16
C GLN A 28 6.34 -12.36 -7.07
N LYS A 29 5.33 -12.26 -7.91
CA LYS A 29 4.45 -11.09 -7.93
C LYS A 29 3.76 -10.91 -6.58
N SER A 30 4.29 -10.02 -5.75
CA SER A 30 3.73 -9.75 -4.43
C SER A 30 2.53 -8.82 -4.54
N SER A 31 1.41 -9.23 -3.95
CA SER A 31 0.19 -8.44 -3.98
C SER A 31 -0.34 -8.22 -2.57
N PHE A 32 -1.16 -7.18 -2.40
CA PHE A 32 -1.74 -6.85 -1.11
C PHE A 32 -3.00 -6.00 -1.27
N LEU A 33 -4.04 -6.35 -0.52
CA LEU A 33 -5.31 -5.63 -0.58
C LEU A 33 -5.45 -4.68 0.61
N VAL A 34 -5.95 -3.48 0.35
CA VAL A 34 -6.14 -2.49 1.40
C VAL A 34 -7.61 -2.10 1.53
N ASP A 35 -8.21 -2.43 2.66
CA ASP A 35 -9.61 -2.11 2.91
C ASP A 35 -9.76 -0.71 3.51
N CYS A 36 -10.48 0.15 2.80
CA CYS A 36 -10.69 1.52 3.26
C CYS A 36 -12.16 1.78 3.55
N SER A 37 -12.87 0.73 3.98
CA SER A 37 -14.29 0.85 4.28
C SER A 37 -14.51 1.66 5.55
N LYS A 38 -13.83 1.27 6.63
CA LYS A 38 -13.95 1.97 7.90
C LYS A 38 -13.39 3.38 7.81
N ALA A 39 -12.41 3.57 6.93
CA ALA A 39 -11.79 4.87 6.73
C ALA A 39 -12.75 5.84 6.07
N GLY A 40 -12.99 5.65 4.77
CA GLY A 40 -13.89 6.52 4.05
C GLY A 40 -13.82 6.30 2.55
N SER A 41 -13.89 7.40 1.79
CA SER A 41 -13.84 7.32 0.34
C SER A 41 -12.67 8.12 -0.21
N ASN A 42 -11.52 8.01 0.45
CA ASN A 42 -10.33 8.72 0.02
C ASN A 42 -9.59 7.95 -1.06
N MET A 43 -8.47 8.51 -1.53
CA MET A 43 -7.67 7.88 -2.57
C MET A 43 -6.45 7.20 -1.97
N LEU A 44 -6.24 5.94 -2.35
CA LEU A 44 -5.11 5.17 -1.85
C LEU A 44 -3.93 5.25 -2.81
N LEU A 45 -2.89 5.97 -2.40
CA LEU A 45 -1.70 6.13 -3.22
C LEU A 45 -0.52 5.36 -2.62
N ILE A 46 0.50 5.12 -3.44
CA ILE A 46 1.69 4.39 -2.99
C ILE A 46 2.95 5.19 -3.28
N GLY A 47 3.91 5.13 -2.35
CA GLY A 47 5.15 5.85 -2.54
C GLY A 47 6.36 4.95 -2.40
N VAL A 48 6.38 3.85 -3.16
CA VAL A 48 7.48 2.90 -3.11
C VAL A 48 8.82 3.62 -3.11
N HIS A 49 9.66 3.30 -2.13
CA HIS A 49 10.97 3.91 -2.00
C HIS A 49 12.06 2.98 -2.54
N GLY A 50 13.06 3.56 -3.19
CA GLY A 50 14.14 2.77 -3.73
C GLY A 50 15.47 3.04 -3.04
N PRO A 51 15.54 2.67 -1.75
CA PRO A 51 16.75 2.86 -0.94
C PRO A 51 17.88 1.94 -1.37
N THR A 52 17.53 0.69 -1.66
CA THR A 52 18.52 -0.29 -2.08
C THR A 52 18.41 -0.59 -3.57
N THR A 53 17.18 -0.65 -4.06
CA THR A 53 16.93 -0.94 -5.47
C THR A 53 15.48 -0.62 -5.85
N PRO A 54 15.30 0.03 -7.02
CA PRO A 54 13.98 0.39 -7.51
C PRO A 54 13.16 -0.82 -7.94
N CYS A 55 11.84 -0.65 -8.00
CA CYS A 55 10.95 -1.72 -8.40
C CYS A 55 10.66 -1.67 -9.89
N GLU A 56 10.33 -2.82 -10.47
CA GLU A 56 10.03 -2.91 -11.89
C GLU A 56 8.81 -2.06 -12.25
N GLU A 57 7.77 -2.15 -11.42
CA GLU A 57 6.55 -1.39 -11.65
C GLU A 57 5.59 -1.54 -10.47
N VAL A 58 4.51 -0.75 -10.49
CA VAL A 58 3.52 -0.80 -9.42
C VAL A 58 2.11 -0.80 -9.98
N SER A 59 1.50 -1.98 -10.02
CA SER A 59 0.15 -2.12 -10.54
C SER A 59 -0.89 -1.89 -9.44
N MET A 60 -1.66 -0.81 -9.59
CA MET A 60 -2.69 -0.46 -8.61
C MET A 60 -4.04 -0.32 -9.28
N LYS A 61 -5.05 -0.97 -8.69
CA LYS A 61 -6.41 -0.91 -9.24
C LYS A 61 -7.44 -0.92 -8.11
N HIS A 62 -8.59 -0.32 -8.36
CA HIS A 62 -9.67 -0.27 -7.38
C HIS A 62 -10.76 -1.30 -7.70
N VAL A 63 -10.49 -2.56 -7.35
CA VAL A 63 -11.44 -3.63 -7.60
C VAL A 63 -12.84 -3.25 -7.13
N GLY A 64 -12.91 -2.35 -6.15
CA GLY A 64 -14.18 -1.92 -5.62
C GLY A 64 -14.36 -2.27 -4.15
N ASN A 65 -15.57 -2.06 -3.63
CA ASN A 65 -15.86 -2.35 -2.24
C ASN A 65 -14.82 -1.72 -1.32
N GLN A 66 -14.41 -0.50 -1.64
CA GLN A 66 -13.41 0.21 -0.85
C GLN A 66 -12.11 -0.59 -0.77
N GLN A 67 -11.88 -1.44 -1.76
CA GLN A 67 -10.68 -2.26 -1.80
C GLN A 67 -9.73 -1.78 -2.91
N TYR A 68 -8.43 -1.85 -2.63
CA TYR A 68 -7.43 -1.42 -3.60
C TYR A 68 -6.41 -2.52 -3.84
N ASN A 69 -6.37 -3.05 -5.06
CA ASN A 69 -5.44 -4.10 -5.42
C ASN A 69 -4.12 -3.51 -5.90
N VAL A 70 -3.07 -3.73 -5.11
CA VAL A 70 -1.74 -3.22 -5.47
C VAL A 70 -0.72 -4.36 -5.52
N THR A 71 -0.03 -4.46 -6.65
CA THR A 71 0.98 -5.51 -6.83
C THR A 71 2.25 -4.94 -7.45
N TYR A 72 3.39 -5.48 -7.05
CA TYR A 72 4.68 -5.02 -7.55
C TYR A 72 5.58 -6.20 -7.87
N VAL A 73 6.75 -5.91 -8.44
CA VAL A 73 7.71 -6.94 -8.80
C VAL A 73 9.14 -6.49 -8.53
N VAL A 74 9.89 -7.31 -7.79
CA VAL A 74 11.27 -6.99 -7.46
C VAL A 74 12.23 -8.04 -8.00
N LYS A 75 13.30 -7.60 -8.63
CA LYS A 75 14.29 -8.51 -9.19
C LYS A 75 15.49 -8.66 -8.25
N GLU A 76 15.61 -7.73 -7.30
CA GLU A 76 16.70 -7.76 -6.34
C GLU A 76 16.20 -8.11 -4.95
N ARG A 77 17.04 -8.78 -4.16
CA ARG A 77 16.68 -9.17 -2.81
C ARG A 77 17.44 -8.35 -1.77
N GLY A 78 16.87 -8.22 -0.58
CA GLY A 78 17.52 -7.47 0.46
C GLY A 78 16.52 -6.88 1.44
N ASP A 79 16.67 -5.58 1.72
CA ASP A 79 15.77 -4.89 2.65
C ASP A 79 14.86 -3.93 1.90
N TYR A 80 13.57 -4.27 1.83
CA TYR A 80 12.60 -3.44 1.14
C TYR A 80 11.66 -2.77 2.13
N VAL A 81 11.13 -1.60 1.76
CA VAL A 81 10.22 -0.85 2.61
C VAL A 81 9.00 -0.37 1.83
N LEU A 82 7.81 -0.72 2.32
CA LEU A 82 6.57 -0.31 1.67
C LEU A 82 6.04 0.98 2.27
N ALA A 83 5.52 1.86 1.41
CA ALA A 83 4.97 3.13 1.86
C ALA A 83 3.54 3.32 1.36
N VAL A 84 2.60 3.39 2.28
CA VAL A 84 1.19 3.56 1.93
C VAL A 84 0.60 4.77 2.65
N LYS A 85 0.05 5.70 1.88
CA LYS A 85 -0.55 6.91 2.43
C LYS A 85 -2.06 6.92 2.20
N TRP A 86 -2.79 7.58 3.09
CA TRP A 86 -4.24 7.66 2.97
C TRP A 86 -4.71 9.11 3.16
N GLY A 87 -4.93 9.80 2.05
CA GLY A 87 -5.39 11.18 2.12
C GLY A 87 -4.50 12.04 2.99
N GLU A 88 -3.31 12.36 2.48
CA GLU A 88 -2.35 13.18 3.23
C GLU A 88 -2.08 12.59 4.61
N GLU A 89 -1.79 11.29 4.63
CA GLU A 89 -1.51 10.60 5.88
C GLU A 89 -0.74 9.30 5.63
N HIS A 90 -0.43 8.58 6.71
CA HIS A 90 0.30 7.33 6.60
C HIS A 90 -0.40 6.22 7.38
N ILE A 91 -1.03 5.31 6.65
CA ILE A 91 -1.74 4.19 7.27
C ILE A 91 -1.00 3.69 8.51
N PRO A 92 -1.76 3.14 9.47
CA PRO A 92 -1.20 2.61 10.71
C PRO A 92 -0.39 1.34 10.48
N GLY A 93 0.93 1.49 10.39
CA GLY A 93 1.80 0.34 10.18
C GLY A 93 2.95 0.65 9.23
N SER A 94 2.79 1.71 8.44
CA SER A 94 3.82 2.11 7.49
C SER A 94 4.76 3.13 8.11
N PRO A 95 6.01 3.15 7.63
CA PRO A 95 6.48 2.22 6.58
C PRO A 95 6.57 0.79 7.08
N PHE A 96 6.24 -0.15 6.21
CA PHE A 96 6.28 -1.57 6.55
C PHE A 96 7.63 -2.18 6.18
N HIS A 97 8.06 -3.19 6.94
CA HIS A 97 9.32 -3.85 6.69
C HIS A 97 9.12 -5.14 5.90
N VAL A 98 9.72 -5.21 4.72
CA VAL A 98 9.61 -6.39 3.86
C VAL A 98 10.97 -7.00 3.58
N THR A 99 11.10 -8.28 3.86
CA THR A 99 12.36 -9.00 3.63
C THR A 99 12.24 -9.96 2.46
N VAL A 100 13.21 -9.90 1.55
CA VAL A 100 13.22 -10.78 0.39
C VAL A 100 14.44 -11.70 0.39
N PRO A 101 14.19 -13.01 0.28
CA PRO A 101 15.26 -14.02 0.27
C PRO A 101 16.09 -13.96 -1.01
N GLY A 1 -23.72 12.99 -9.31
CA GLY A 1 -24.22 14.19 -8.66
C GLY A 1 -23.18 15.30 -8.65
N SER A 2 -23.65 16.54 -8.80
CA SER A 2 -22.76 17.69 -8.82
C SER A 2 -22.40 18.12 -7.41
N SER A 3 -23.43 18.36 -6.58
CA SER A 3 -23.23 18.79 -5.21
C SER A 3 -22.58 17.67 -4.39
N GLY A 4 -21.31 17.85 -4.07
CA GLY A 4 -20.60 16.85 -3.29
C GLY A 4 -19.51 17.46 -2.42
N SER A 5 -19.69 17.37 -1.10
CA SER A 5 -18.72 17.92 -0.16
C SER A 5 -18.56 17.01 1.05
N SER A 6 -17.36 17.04 1.64
CA SER A 6 -17.08 16.21 2.81
C SER A 6 -15.77 16.64 3.48
N GLY A 7 -15.53 16.12 4.67
CA GLY A 7 -14.32 16.47 5.39
C GLY A 7 -13.99 15.45 6.48
N SER A 8 -13.72 14.22 6.07
CA SER A 8 -13.39 13.16 7.02
C SER A 8 -12.58 12.05 6.33
N SER A 9 -11.49 11.64 6.96
CA SER A 9 -10.64 10.59 6.41
C SER A 9 -9.59 10.15 7.44
N ASP A 10 -9.72 8.92 7.92
CA ASP A 10 -8.79 8.38 8.89
C ASP A 10 -7.93 7.27 8.29
N ALA A 11 -6.65 7.26 8.62
CA ALA A 11 -5.73 6.25 8.10
C ALA A 11 -5.63 5.07 9.06
N SER A 12 -5.62 5.36 10.35
CA SER A 12 -5.51 4.32 11.38
C SER A 12 -6.56 3.22 11.14
N LYS A 13 -7.67 3.60 10.52
CA LYS A 13 -8.75 2.67 10.24
C LYS A 13 -8.42 1.82 9.01
N VAL A 14 -7.64 2.38 8.10
CA VAL A 14 -7.25 1.68 6.88
C VAL A 14 -6.45 0.43 7.21
N THR A 15 -6.91 -0.71 6.72
CA THR A 15 -6.25 -1.98 6.96
C THR A 15 -5.73 -2.60 5.66
N SER A 16 -4.60 -3.28 5.74
CA SER A 16 -4.01 -3.91 4.56
C SER A 16 -3.71 -5.38 4.82
N LYS A 17 -4.00 -6.23 3.83
CA LYS A 17 -3.78 -7.66 3.95
C LYS A 17 -2.97 -8.18 2.77
N GLY A 18 -2.21 -9.24 3.00
CA GLY A 18 -1.40 -9.82 1.94
C GLY A 18 0.01 -10.15 2.39
N ALA A 19 0.75 -10.86 1.54
CA ALA A 19 2.12 -11.23 1.87
C ALA A 19 3.09 -10.09 1.59
N GLY A 20 2.96 -9.48 0.42
CA GLY A 20 3.83 -8.38 0.05
C GLY A 20 4.08 -7.44 1.22
N LEU A 21 3.07 -7.24 2.06
CA LEU A 21 3.18 -6.36 3.21
C LEU A 21 4.13 -6.95 4.25
N SER A 22 4.05 -8.27 4.44
CA SER A 22 4.90 -8.96 5.40
C SER A 22 6.27 -9.24 4.81
N LYS A 23 6.30 -9.93 3.68
CA LYS A 23 7.54 -10.27 3.01
C LYS A 23 7.32 -10.51 1.52
N ALA A 24 8.40 -10.47 0.75
CA ALA A 24 8.32 -10.68 -0.69
C ALA A 24 9.39 -11.65 -1.16
N PHE A 25 9.35 -11.99 -2.44
CA PHE A 25 10.32 -12.92 -3.02
C PHE A 25 10.78 -12.45 -4.40
N VAL A 26 12.08 -12.58 -4.66
CA VAL A 26 12.64 -12.16 -5.95
C VAL A 26 11.93 -12.85 -7.10
N GLY A 27 11.57 -12.08 -8.12
CA GLY A 27 10.90 -12.63 -9.27
C GLY A 27 9.41 -12.83 -9.04
N GLN A 28 9.06 -13.35 -7.87
CA GLN A 28 7.67 -13.60 -7.52
C GLN A 28 6.86 -12.31 -7.59
N LYS A 29 5.55 -12.43 -7.45
CA LYS A 29 4.66 -11.28 -7.49
C LYS A 29 3.94 -11.10 -6.16
N SER A 30 4.28 -10.03 -5.45
CA SER A 30 3.67 -9.73 -4.15
C SER A 30 2.46 -8.81 -4.33
N SER A 31 1.37 -9.16 -3.67
CA SER A 31 0.14 -8.37 -3.74
C SER A 31 -0.41 -8.08 -2.35
N PHE A 32 -1.20 -7.02 -2.24
CA PHE A 32 -1.78 -6.62 -0.96
C PHE A 32 -3.07 -5.84 -1.18
N LEU A 33 -4.09 -6.16 -0.39
CA LEU A 33 -5.37 -5.47 -0.49
C LEU A 33 -5.54 -4.46 0.64
N VAL A 34 -6.08 -3.29 0.31
CA VAL A 34 -6.30 -2.25 1.31
C VAL A 34 -7.79 -1.97 1.49
N ASP A 35 -8.30 -2.31 2.66
CA ASP A 35 -9.71 -2.10 2.97
C ASP A 35 -9.94 -0.71 3.56
N CYS A 36 -10.56 0.16 2.76
CA CYS A 36 -10.83 1.53 3.20
C CYS A 36 -12.33 1.78 3.32
N SER A 37 -13.05 0.78 3.81
CA SER A 37 -14.50 0.88 3.97
C SER A 37 -14.85 1.90 5.05
N LYS A 38 -14.40 1.65 6.27
CA LYS A 38 -14.68 2.55 7.38
C LYS A 38 -13.48 3.44 7.67
N ALA A 39 -12.76 3.80 6.60
CA ALA A 39 -11.59 4.66 6.74
C ALA A 39 -11.91 6.09 6.33
N GLY A 40 -12.43 6.25 5.12
CA GLY A 40 -12.78 7.58 4.64
C GLY A 40 -13.01 7.59 3.14
N SER A 41 -13.49 8.73 2.63
CA SER A 41 -13.76 8.87 1.21
C SER A 41 -12.60 9.56 0.50
N ASN A 42 -11.38 9.19 0.88
CA ASN A 42 -10.17 9.77 0.29
C ASN A 42 -9.60 8.87 -0.78
N MET A 43 -8.47 9.26 -1.35
CA MET A 43 -7.81 8.47 -2.39
C MET A 43 -6.65 7.68 -1.81
N LEU A 44 -6.37 6.52 -2.40
CA LEU A 44 -5.28 5.66 -1.96
C LEU A 44 -4.13 5.67 -2.96
N LEU A 45 -2.97 6.12 -2.51
CA LEU A 45 -1.79 6.18 -3.37
C LEU A 45 -0.62 5.42 -2.74
N ILE A 46 0.41 5.18 -3.54
CA ILE A 46 1.59 4.47 -3.06
C ILE A 46 2.86 5.25 -3.37
N GLY A 47 3.89 5.04 -2.55
CA GLY A 47 5.15 5.74 -2.73
C GLY A 47 6.35 4.85 -2.49
N VAL A 48 6.42 3.73 -3.20
CA VAL A 48 7.51 2.78 -3.05
C VAL A 48 8.86 3.50 -3.04
N HIS A 49 9.69 3.17 -2.06
CA HIS A 49 11.01 3.79 -1.94
C HIS A 49 12.05 3.03 -2.76
N GLY A 50 12.99 3.77 -3.34
CA GLY A 50 14.03 3.15 -4.15
C GLY A 50 15.37 3.80 -3.97
N PRO A 51 15.89 3.75 -2.73
CA PRO A 51 17.20 4.34 -2.40
C PRO A 51 18.36 3.58 -3.03
N THR A 52 18.16 2.27 -3.23
CA THR A 52 19.19 1.43 -3.82
C THR A 52 18.66 0.67 -5.02
N THR A 53 17.57 -0.08 -4.81
CA THR A 53 16.96 -0.86 -5.87
C THR A 53 15.44 -0.71 -5.87
N PRO A 54 14.92 0.09 -6.82
CA PRO A 54 13.48 0.34 -6.93
C PRO A 54 12.71 -0.90 -7.41
N CYS A 55 11.41 -0.76 -7.54
CA CYS A 55 10.56 -1.87 -7.99
C CYS A 55 10.38 -1.83 -9.50
N GLU A 56 10.11 -2.99 -10.08
CA GLU A 56 9.91 -3.09 -11.53
C GLU A 56 8.70 -2.28 -11.98
N GLU A 57 7.62 -2.37 -11.20
CA GLU A 57 6.40 -1.65 -11.52
C GLU A 57 5.38 -1.78 -10.39
N VAL A 58 4.33 -0.97 -10.45
CA VAL A 58 3.28 -1.00 -9.44
C VAL A 58 1.90 -0.91 -10.07
N SER A 59 1.19 -2.04 -10.10
CA SER A 59 -0.14 -2.09 -10.68
C SER A 59 -1.21 -1.89 -9.60
N MET A 60 -1.86 -0.74 -9.63
CA MET A 60 -2.90 -0.42 -8.67
C MET A 60 -4.26 -0.31 -9.35
N LYS A 61 -5.21 -1.12 -8.90
CA LYS A 61 -6.56 -1.10 -9.46
C LYS A 61 -7.61 -1.07 -8.36
N HIS A 62 -8.71 -0.35 -8.63
CA HIS A 62 -9.79 -0.23 -7.66
C HIS A 62 -10.89 -1.24 -7.94
N VAL A 63 -10.69 -2.48 -7.47
CA VAL A 63 -11.66 -3.54 -7.68
C VAL A 63 -13.04 -3.12 -7.20
N GLY A 64 -13.09 -2.06 -6.40
CA GLY A 64 -14.35 -1.57 -5.88
C GLY A 64 -14.57 -1.97 -4.44
N ASN A 65 -15.76 -1.69 -3.93
CA ASN A 65 -16.10 -2.01 -2.54
C ASN A 65 -15.06 -1.46 -1.58
N GLN A 66 -14.47 -0.32 -1.94
CA GLN A 66 -13.46 0.32 -1.11
C GLN A 66 -12.21 -0.56 -1.02
N GLN A 67 -11.99 -1.38 -2.03
CA GLN A 67 -10.83 -2.27 -2.06
C GLN A 67 -9.87 -1.88 -3.18
N TYR A 68 -8.61 -1.67 -2.82
CA TYR A 68 -7.60 -1.29 -3.79
C TYR A 68 -6.56 -2.39 -3.96
N ASN A 69 -6.53 -2.99 -5.15
CA ASN A 69 -5.59 -4.06 -5.44
C ASN A 69 -4.27 -3.50 -5.96
N VAL A 70 -3.20 -3.72 -5.19
CA VAL A 70 -1.88 -3.23 -5.58
C VAL A 70 -0.86 -4.36 -5.57
N THR A 71 -0.15 -4.51 -6.68
CA THR A 71 0.86 -5.56 -6.81
C THR A 71 2.15 -5.01 -7.42
N TYR A 72 3.28 -5.52 -6.95
CA TYR A 72 4.58 -5.09 -7.45
C TYR A 72 5.50 -6.28 -7.69
N VAL A 73 6.68 -6.01 -8.25
CA VAL A 73 7.66 -7.05 -8.53
C VAL A 73 9.07 -6.59 -8.19
N VAL A 74 9.77 -7.38 -7.39
CA VAL A 74 11.14 -7.06 -6.99
C VAL A 74 12.14 -7.96 -7.70
N LYS A 75 13.18 -7.35 -8.27
CA LYS A 75 14.21 -8.10 -8.98
C LYS A 75 15.47 -8.25 -8.12
N GLU A 76 15.29 -8.09 -6.81
CA GLU A 76 16.41 -8.22 -5.88
C GLU A 76 15.90 -8.59 -4.48
N ARG A 77 16.83 -9.06 -3.64
CA ARG A 77 16.48 -9.45 -2.28
C ARG A 77 17.06 -8.46 -1.27
N GLY A 78 16.78 -8.70 0.02
CA GLY A 78 17.29 -7.83 1.06
C GLY A 78 16.17 -7.22 1.89
N ASP A 79 16.41 -6.02 2.40
CA ASP A 79 15.41 -5.33 3.22
C ASP A 79 14.68 -4.26 2.40
N TYR A 80 13.40 -4.47 2.19
CA TYR A 80 12.58 -3.53 1.43
C TYR A 80 11.78 -2.63 2.36
N VAL A 81 11.28 -1.53 1.80
CA VAL A 81 10.48 -0.58 2.58
C VAL A 81 9.24 -0.14 1.81
N LEU A 82 8.07 -0.54 2.28
CA LEU A 82 6.82 -0.19 1.63
C LEU A 82 6.20 1.05 2.28
N ALA A 83 5.82 2.01 1.46
CA ALA A 83 5.22 3.25 1.94
C ALA A 83 3.80 3.42 1.41
N VAL A 84 2.82 3.31 2.29
CA VAL A 84 1.42 3.45 1.90
C VAL A 84 0.76 4.64 2.61
N LYS A 85 0.33 5.62 1.84
CA LYS A 85 -0.32 6.80 2.40
C LYS A 85 -1.82 6.79 2.11
N TRP A 86 -2.59 7.43 2.98
CA TRP A 86 -4.04 7.51 2.82
C TRP A 86 -4.53 8.94 2.96
N GLY A 87 -4.67 9.63 1.84
CA GLY A 87 -5.14 11.00 1.86
C GLY A 87 -4.35 11.87 2.83
N GLU A 88 -3.10 12.17 2.48
CA GLU A 88 -2.25 12.98 3.32
C GLU A 88 -2.07 12.35 4.70
N GLU A 89 -1.73 11.06 4.70
CA GLU A 89 -1.52 10.34 5.95
C GLU A 89 -0.73 9.04 5.70
N HIS A 90 -0.38 8.36 6.79
CA HIS A 90 0.37 7.12 6.69
C HIS A 90 -0.34 5.99 7.44
N ILE A 91 -0.81 5.01 6.69
CA ILE A 91 -1.51 3.86 7.29
C ILE A 91 -0.76 3.33 8.49
N PRO A 92 -1.51 2.75 9.44
CA PRO A 92 -0.94 2.18 10.66
C PRO A 92 -0.14 0.90 10.38
N GLY A 93 1.17 1.06 10.19
CA GLY A 93 2.02 -0.07 9.92
C GLY A 93 3.19 0.28 9.01
N SER A 94 3.13 1.46 8.41
CA SER A 94 4.19 1.91 7.51
C SER A 94 5.12 2.90 8.21
N PRO A 95 6.38 2.94 7.77
CA PRO A 95 6.86 2.10 6.67
C PRO A 95 6.95 0.62 7.06
N PHE A 96 6.41 -0.24 6.21
CA PHE A 96 6.42 -1.68 6.47
C PHE A 96 7.79 -2.27 6.14
N HIS A 97 8.20 -3.26 6.94
CA HIS A 97 9.49 -3.91 6.73
C HIS A 97 9.32 -5.22 5.94
N VAL A 98 9.59 -5.16 4.65
CA VAL A 98 9.47 -6.32 3.79
C VAL A 98 10.82 -7.01 3.59
N THR A 99 10.98 -8.16 4.24
CA THR A 99 12.23 -8.93 4.14
C THR A 99 12.17 -9.95 3.03
N VAL A 100 13.14 -9.91 2.13
CA VAL A 100 13.19 -10.84 1.00
C VAL A 100 14.36 -11.81 1.16
N PRO A 101 14.12 -13.09 0.85
CA PRO A 101 15.14 -14.14 0.94
C PRO A 101 16.21 -13.99 -0.14
N GLY A 1 -14.22 12.88 -14.19
CA GLY A 1 -15.64 12.59 -14.08
C GLY A 1 -16.17 12.82 -12.68
N SER A 2 -15.67 12.05 -11.72
CA SER A 2 -16.10 12.17 -10.34
C SER A 2 -14.90 12.17 -9.40
N SER A 3 -14.97 13.00 -8.36
CA SER A 3 -13.90 13.09 -7.38
C SER A 3 -14.41 12.85 -5.97
N GLY A 4 -15.47 13.57 -5.59
CA GLY A 4 -16.05 13.41 -4.27
C GLY A 4 -16.03 14.71 -3.48
N SER A 5 -16.80 14.73 -2.39
CA SER A 5 -16.88 15.92 -1.54
C SER A 5 -16.04 15.75 -0.29
N SER A 6 -15.06 16.63 -0.10
CA SER A 6 -14.18 16.57 1.05
C SER A 6 -14.97 16.23 2.31
N GLY A 7 -14.61 15.12 2.95
CA GLY A 7 -15.29 14.70 4.16
C GLY A 7 -14.33 14.27 5.25
N SER A 8 -14.57 13.10 5.82
CA SER A 8 -13.73 12.57 6.88
C SER A 8 -12.97 11.33 6.42
N SER A 9 -11.65 11.41 6.43
CA SER A 9 -10.81 10.30 6.01
C SER A 9 -9.73 10.00 7.05
N ASP A 10 -9.88 8.88 7.73
CA ASP A 10 -8.91 8.46 8.76
C ASP A 10 -7.99 7.38 8.23
N ALA A 11 -6.71 7.48 8.56
CA ALA A 11 -5.72 6.50 8.13
C ALA A 11 -5.65 5.33 9.10
N SER A 12 -5.59 5.64 10.39
CA SER A 12 -5.50 4.61 11.43
C SER A 12 -6.61 3.57 11.24
N LYS A 13 -7.65 3.95 10.50
CA LYS A 13 -8.78 3.05 10.25
C LYS A 13 -8.49 2.14 9.06
N VAL A 14 -7.75 2.66 8.09
CA VAL A 14 -7.40 1.88 6.91
C VAL A 14 -6.69 0.60 7.27
N THR A 15 -7.15 -0.52 6.73
CA THR A 15 -6.56 -1.82 7.00
C THR A 15 -6.00 -2.44 5.72
N SER A 16 -4.91 -3.20 5.88
CA SER A 16 -4.27 -3.86 4.73
C SER A 16 -3.99 -5.32 5.04
N LYS A 17 -4.16 -6.17 4.03
CA LYS A 17 -3.93 -7.60 4.18
C LYS A 17 -3.06 -8.14 3.05
N GLY A 18 -2.65 -9.40 3.16
CA GLY A 18 -1.82 -10.00 2.14
C GLY A 18 -0.38 -10.16 2.57
N ALA A 19 0.35 -11.03 1.88
CA ALA A 19 1.75 -11.27 2.20
C ALA A 19 2.65 -10.21 1.57
N GLY A 20 2.08 -9.43 0.65
CA GLY A 20 2.84 -8.39 -0.01
C GLY A 20 3.22 -7.27 0.92
N LEU A 21 2.82 -7.38 2.18
CA LEU A 21 3.12 -6.36 3.18
C LEU A 21 3.94 -6.94 4.33
N SER A 22 4.25 -8.23 4.22
CA SER A 22 5.04 -8.90 5.25
C SER A 22 6.41 -9.32 4.71
N LYS A 23 6.47 -9.55 3.40
CA LYS A 23 7.71 -9.95 2.76
C LYS A 23 7.54 -10.04 1.24
N ALA A 24 8.63 -10.30 0.55
CA ALA A 24 8.60 -10.42 -0.91
C ALA A 24 9.65 -11.39 -1.41
N PHE A 25 9.43 -11.94 -2.60
CA PHE A 25 10.37 -12.89 -3.20
C PHE A 25 10.82 -12.42 -4.57
N VAL A 26 12.11 -12.57 -4.85
CA VAL A 26 12.67 -12.15 -6.13
C VAL A 26 11.97 -12.87 -7.28
N GLY A 27 11.42 -12.08 -8.21
CA GLY A 27 10.73 -12.65 -9.35
C GLY A 27 9.24 -12.80 -9.11
N GLN A 28 8.88 -13.48 -8.03
CA GLN A 28 7.48 -13.70 -7.69
C GLN A 28 6.72 -12.37 -7.64
N LYS A 29 5.43 -12.43 -7.97
CA LYS A 29 4.59 -11.23 -7.97
C LYS A 29 3.87 -11.09 -6.64
N SER A 30 4.34 -10.15 -5.81
CA SER A 30 3.74 -9.92 -4.50
C SER A 30 2.53 -8.99 -4.63
N SER A 31 1.43 -9.38 -3.98
CA SER A 31 0.21 -8.59 -4.02
C SER A 31 -0.38 -8.42 -2.63
N PHE A 32 -1.07 -7.30 -2.42
CA PHE A 32 -1.68 -7.02 -1.11
C PHE A 32 -2.91 -6.12 -1.28
N LEU A 33 -3.95 -6.42 -0.52
CA LEU A 33 -5.18 -5.64 -0.57
C LEU A 33 -5.22 -4.61 0.55
N VAL A 34 -5.91 -3.50 0.30
CA VAL A 34 -6.04 -2.44 1.30
C VAL A 34 -7.47 -1.96 1.42
N ASP A 35 -8.10 -2.25 2.55
CA ASP A 35 -9.49 -1.85 2.79
C ASP A 35 -9.54 -0.42 3.33
N CYS A 36 -10.38 0.41 2.70
CA CYS A 36 -10.53 1.79 3.12
C CYS A 36 -12.00 2.15 3.29
N SER A 37 -12.81 1.15 3.65
CA SER A 37 -14.24 1.36 3.85
C SER A 37 -14.51 2.08 5.17
N LYS A 38 -14.21 1.41 6.27
CA LYS A 38 -14.42 1.98 7.60
C LYS A 38 -13.56 3.22 7.80
N ALA A 39 -12.62 3.44 6.87
CA ALA A 39 -11.74 4.61 6.94
C ALA A 39 -12.44 5.85 6.42
N GLY A 40 -12.78 5.84 5.14
CA GLY A 40 -13.45 6.99 4.55
C GLY A 40 -13.61 6.85 3.04
N SER A 41 -13.55 7.97 2.33
CA SER A 41 -13.71 7.97 0.88
C SER A 41 -12.58 8.75 0.22
N ASN A 42 -11.36 8.54 0.71
CA ASN A 42 -10.19 9.23 0.16
C ASN A 42 -9.54 8.41 -0.94
N MET A 43 -8.43 8.91 -1.47
CA MET A 43 -7.71 8.22 -2.53
C MET A 43 -6.50 7.47 -1.97
N LEU A 44 -6.31 6.23 -2.41
CA LEU A 44 -5.20 5.42 -1.95
C LEU A 44 -4.02 5.52 -2.91
N LEU A 45 -2.91 6.06 -2.43
CA LEU A 45 -1.71 6.21 -3.24
C LEU A 45 -0.54 5.42 -2.64
N ILE A 46 0.46 5.15 -3.48
CA ILE A 46 1.63 4.40 -3.03
C ILE A 46 2.91 5.17 -3.30
N GLY A 47 3.88 5.05 -2.41
CA GLY A 47 5.14 5.75 -2.56
C GLY A 47 6.34 4.84 -2.36
N VAL A 48 6.39 3.75 -3.12
CA VAL A 48 7.49 2.79 -3.02
C VAL A 48 8.84 3.50 -3.04
N HIS A 49 9.57 3.41 -1.93
CA HIS A 49 10.88 4.04 -1.82
C HIS A 49 11.97 3.15 -2.40
N GLY A 50 12.99 3.76 -2.99
CA GLY A 50 14.07 3.00 -3.57
C GLY A 50 15.39 3.20 -2.83
N PRO A 51 15.41 2.81 -1.56
CA PRO A 51 16.60 2.94 -0.72
C PRO A 51 17.71 1.98 -1.13
N THR A 52 17.34 0.80 -1.61
CA THR A 52 18.30 -0.20 -2.05
C THR A 52 18.15 -0.49 -3.53
N THR A 53 16.91 -0.67 -3.97
CA THR A 53 16.63 -0.97 -5.37
C THR A 53 15.19 -0.65 -5.72
N PRO A 54 14.98 0.05 -6.85
CA PRO A 54 13.65 0.43 -7.32
C PRO A 54 12.84 -0.76 -7.81
N CYS A 55 11.52 -0.60 -7.87
CA CYS A 55 10.64 -1.67 -8.31
C CYS A 55 10.37 -1.56 -9.81
N GLU A 56 10.09 -2.70 -10.43
CA GLU A 56 9.81 -2.73 -11.86
C GLU A 56 8.57 -1.91 -12.20
N GLU A 57 7.53 -2.06 -11.39
CA GLU A 57 6.28 -1.33 -11.60
C GLU A 57 5.33 -1.54 -10.43
N VAL A 58 4.26 -0.75 -10.40
CA VAL A 58 3.27 -0.84 -9.33
C VAL A 58 1.85 -0.82 -9.90
N SER A 59 1.25 -2.00 -10.03
CA SER A 59 -0.10 -2.11 -10.56
C SER A 59 -1.14 -1.89 -9.45
N MET A 60 -1.79 -0.73 -9.49
CA MET A 60 -2.80 -0.39 -8.50
C MET A 60 -4.17 -0.23 -9.16
N LYS A 61 -5.14 -1.01 -8.70
CA LYS A 61 -6.49 -0.96 -9.24
C LYS A 61 -7.53 -1.00 -8.11
N HIS A 62 -8.72 -0.49 -8.39
CA HIS A 62 -9.80 -0.48 -7.41
C HIS A 62 -10.81 -1.59 -7.69
N VAL A 63 -10.50 -2.80 -7.22
CA VAL A 63 -11.37 -3.94 -7.42
C VAL A 63 -12.80 -3.62 -7.00
N GLY A 64 -12.94 -2.66 -6.09
CA GLY A 64 -14.26 -2.28 -5.61
C GLY A 64 -14.46 -2.61 -4.14
N ASN A 65 -15.60 -2.17 -3.60
CA ASN A 65 -15.91 -2.43 -2.19
C ASN A 65 -14.89 -1.77 -1.28
N GLN A 66 -14.39 -0.60 -1.69
CA GLN A 66 -13.41 0.13 -0.91
C GLN A 66 -12.10 -0.66 -0.81
N GLN A 67 -11.85 -1.52 -1.80
CA GLN A 67 -10.64 -2.32 -1.81
C GLN A 67 -9.74 -1.93 -2.98
N TYR A 68 -8.44 -1.86 -2.71
CA TYR A 68 -7.47 -1.48 -3.74
C TYR A 68 -6.40 -2.57 -3.89
N ASN A 69 -6.30 -3.11 -5.09
CA ASN A 69 -5.31 -4.15 -5.37
C ASN A 69 -3.99 -3.55 -5.84
N VAL A 70 -2.93 -3.78 -5.06
CA VAL A 70 -1.61 -3.26 -5.40
C VAL A 70 -0.59 -4.38 -5.50
N THR A 71 -0.03 -4.57 -6.69
CA THR A 71 0.96 -5.62 -6.91
C THR A 71 2.24 -5.03 -7.51
N TYR A 72 3.38 -5.52 -7.05
CA TYR A 72 4.68 -5.06 -7.53
C TYR A 72 5.61 -6.22 -7.83
N VAL A 73 6.78 -5.91 -8.38
CA VAL A 73 7.77 -6.94 -8.71
C VAL A 73 9.17 -6.48 -8.35
N VAL A 74 9.99 -7.41 -7.87
CA VAL A 74 11.37 -7.11 -7.50
C VAL A 74 12.34 -8.13 -8.08
N LYS A 75 13.36 -7.64 -8.77
CA LYS A 75 14.36 -8.52 -9.37
C LYS A 75 15.59 -8.65 -8.47
N GLU A 76 15.40 -8.37 -7.18
CA GLU A 76 16.49 -8.46 -6.21
C GLU A 76 15.96 -8.75 -4.82
N ARG A 77 16.86 -9.05 -3.89
CA ARG A 77 16.48 -9.34 -2.52
C ARG A 77 17.16 -8.38 -1.55
N GLY A 78 16.78 -8.46 -0.28
CA GLY A 78 17.36 -7.59 0.73
C GLY A 78 16.32 -6.95 1.61
N ASP A 79 16.52 -5.68 1.95
CA ASP A 79 15.58 -4.95 2.80
C ASP A 79 14.88 -3.86 2.00
N TYR A 80 13.55 -3.96 1.93
CA TYR A 80 12.74 -2.99 1.20
C TYR A 80 11.90 -2.15 2.15
N VAL A 81 11.51 -0.97 1.69
CA VAL A 81 10.69 -0.07 2.51
C VAL A 81 9.42 0.32 1.77
N LEU A 82 8.30 -0.24 2.21
CA LEU A 82 7.00 0.06 1.59
C LEU A 82 6.33 1.25 2.27
N ALA A 83 5.93 2.23 1.46
CA ALA A 83 5.26 3.42 1.99
C ALA A 83 3.87 3.60 1.39
N VAL A 84 2.86 3.50 2.23
CA VAL A 84 1.48 3.65 1.79
C VAL A 84 0.78 4.80 2.51
N LYS A 85 0.34 5.79 1.75
CA LYS A 85 -0.34 6.95 2.31
C LYS A 85 -1.86 6.86 2.06
N TRP A 86 -2.62 7.54 2.90
CA TRP A 86 -4.09 7.55 2.77
C TRP A 86 -4.63 8.96 2.91
N GLY A 87 -4.78 9.67 1.80
CA GLY A 87 -5.30 11.02 1.82
C GLY A 87 -4.50 11.92 2.73
N GLU A 88 -3.27 12.24 2.33
CA GLU A 88 -2.41 13.10 3.13
C GLU A 88 -2.14 12.50 4.50
N GLU A 89 -1.96 11.18 4.54
CA GLU A 89 -1.70 10.48 5.79
C GLU A 89 -0.89 9.21 5.54
N HIS A 90 -0.58 8.49 6.62
CA HIS A 90 0.19 7.26 6.52
C HIS A 90 -0.49 6.14 7.30
N ILE A 91 -0.93 5.11 6.58
CA ILE A 91 -1.60 3.97 7.21
C ILE A 91 -0.80 3.46 8.41
N PRO A 92 -1.52 2.91 9.40
CA PRO A 92 -0.90 2.37 10.62
C PRO A 92 -0.11 1.10 10.35
N GLY A 93 1.21 1.25 10.24
CA GLY A 93 2.07 0.10 9.99
C GLY A 93 3.24 0.44 9.08
N SER A 94 3.16 1.60 8.43
CA SER A 94 4.22 2.03 7.52
C SER A 94 5.15 3.02 8.20
N PRO A 95 6.40 3.07 7.74
CA PRO A 95 6.88 2.22 6.65
C PRO A 95 6.97 0.75 7.06
N PHE A 96 6.54 -0.14 6.17
CA PHE A 96 6.57 -1.56 6.43
C PHE A 96 7.95 -2.14 6.14
N HIS A 97 8.28 -3.24 6.81
CA HIS A 97 9.58 -3.89 6.63
C HIS A 97 9.43 -5.16 5.80
N VAL A 98 9.68 -5.05 4.51
CA VAL A 98 9.59 -6.20 3.61
C VAL A 98 10.91 -6.93 3.49
N THR A 99 10.95 -8.17 3.99
CA THR A 99 12.17 -8.97 3.93
C THR A 99 12.10 -10.00 2.81
N VAL A 100 13.10 -9.98 1.95
CA VAL A 100 13.17 -10.91 0.82
C VAL A 100 14.30 -11.92 1.00
N PRO A 101 13.98 -13.21 0.84
CA PRO A 101 14.96 -14.29 0.98
C PRO A 101 15.97 -14.30 -0.17
N GLY A 1 1.13 15.48 8.26
CA GLY A 1 0.27 16.42 8.94
C GLY A 1 -1.20 16.18 8.63
N SER A 2 -1.91 17.25 8.27
CA SER A 2 -3.33 17.15 7.95
C SER A 2 -3.73 18.20 6.92
N SER A 3 -4.83 17.94 6.21
CA SER A 3 -5.32 18.86 5.19
C SER A 3 -5.54 20.25 5.79
N GLY A 4 -6.50 20.34 6.72
CA GLY A 4 -6.79 21.62 7.34
C GLY A 4 -7.09 21.48 8.83
N SER A 5 -8.34 21.13 9.14
CA SER A 5 -8.76 20.97 10.53
C SER A 5 -9.10 19.52 10.82
N SER A 6 -9.66 18.83 9.83
CA SER A 6 -10.03 17.43 10.00
C SER A 6 -10.36 16.80 8.64
N GLY A 7 -10.32 15.47 8.60
CA GLY A 7 -10.61 14.77 7.36
C GLY A 7 -11.61 13.65 7.56
N SER A 8 -12.61 13.58 6.69
CA SER A 8 -13.64 12.55 6.78
C SER A 8 -13.03 11.17 6.57
N SER A 9 -11.76 11.13 6.20
CA SER A 9 -11.05 9.87 5.97
C SER A 9 -9.86 9.74 6.92
N ASP A 10 -9.86 8.65 7.69
CA ASP A 10 -8.78 8.40 8.63
C ASP A 10 -7.94 7.20 8.20
N ALA A 11 -6.62 7.35 8.26
CA ALA A 11 -5.71 6.28 7.86
C ALA A 11 -5.64 5.20 8.95
N SER A 12 -5.71 5.63 10.20
CA SER A 12 -5.65 4.70 11.33
C SER A 12 -6.64 3.56 11.15
N LYS A 13 -7.77 3.87 10.53
CA LYS A 13 -8.81 2.87 10.30
C LYS A 13 -8.45 1.99 9.10
N VAL A 14 -7.76 2.57 8.13
CA VAL A 14 -7.35 1.84 6.93
C VAL A 14 -6.54 0.61 7.29
N THR A 15 -6.98 -0.56 6.80
CA THR A 15 -6.29 -1.81 7.07
C THR A 15 -5.74 -2.42 5.78
N SER A 16 -4.61 -3.11 5.89
CA SER A 16 -3.98 -3.74 4.74
C SER A 16 -3.70 -5.21 5.02
N LYS A 17 -3.99 -6.06 4.05
CA LYS A 17 -3.75 -7.50 4.18
C LYS A 17 -3.02 -8.05 2.96
N GLY A 18 -2.33 -9.17 3.15
CA GLY A 18 -1.60 -9.79 2.06
C GLY A 18 -0.17 -10.12 2.44
N ALA A 19 0.44 -11.02 1.67
CA ALA A 19 1.82 -11.44 1.94
C ALA A 19 2.80 -10.31 1.63
N GLY A 20 2.62 -9.68 0.47
CA GLY A 20 3.50 -8.59 0.08
C GLY A 20 3.84 -7.67 1.23
N LEU A 21 2.87 -7.49 2.13
CA LEU A 21 3.08 -6.62 3.29
C LEU A 21 4.00 -7.28 4.31
N SER A 22 3.82 -8.59 4.51
CA SER A 22 4.63 -9.33 5.46
C SER A 22 6.02 -9.61 4.88
N LYS A 23 6.06 -10.23 3.70
CA LYS A 23 7.32 -10.55 3.05
C LYS A 23 7.14 -10.64 1.54
N ALA A 24 8.25 -10.68 0.81
CA ALA A 24 8.21 -10.77 -0.65
C ALA A 24 9.27 -11.75 -1.16
N PHE A 25 9.12 -12.16 -2.41
CA PHE A 25 10.05 -13.10 -3.03
C PHE A 25 10.47 -12.62 -4.40
N VAL A 26 11.79 -12.64 -4.65
CA VAL A 26 12.33 -12.20 -5.93
C VAL A 26 11.61 -12.88 -7.09
N GLY A 27 11.29 -12.11 -8.13
CA GLY A 27 10.61 -12.65 -9.29
C GLY A 27 9.14 -12.86 -9.04
N GLN A 28 8.79 -13.41 -7.88
CA GLN A 28 7.39 -13.64 -7.54
C GLN A 28 6.62 -12.34 -7.44
N LYS A 29 5.43 -12.32 -8.02
CA LYS A 29 4.59 -11.13 -8.01
C LYS A 29 3.87 -10.99 -6.67
N SER A 30 4.35 -10.07 -5.84
CA SER A 30 3.76 -9.84 -4.53
C SER A 30 2.56 -8.91 -4.63
N SER A 31 1.43 -9.33 -4.06
CA SER A 31 0.21 -8.54 -4.09
C SER A 31 -0.34 -8.34 -2.69
N PHE A 32 -1.08 -7.26 -2.49
CA PHE A 32 -1.67 -6.96 -1.19
C PHE A 32 -2.90 -6.05 -1.35
N LEU A 33 -3.94 -6.34 -0.57
CA LEU A 33 -5.17 -5.56 -0.62
C LEU A 33 -5.26 -4.60 0.57
N VAL A 34 -5.99 -3.51 0.38
CA VAL A 34 -6.16 -2.51 1.45
C VAL A 34 -7.60 -2.05 1.54
N ASP A 35 -8.25 -2.35 2.66
CA ASP A 35 -9.64 -1.97 2.88
C ASP A 35 -9.73 -0.53 3.41
N CYS A 36 -10.40 0.33 2.64
CA CYS A 36 -10.56 1.72 3.04
C CYS A 36 -12.03 2.09 3.17
N SER A 37 -12.84 1.13 3.64
CA SER A 37 -14.26 1.35 3.82
C SER A 37 -14.54 2.17 5.08
N LYS A 38 -14.17 1.61 6.22
CA LYS A 38 -14.38 2.30 7.50
C LYS A 38 -13.66 3.64 7.52
N ALA A 39 -12.57 3.74 6.77
CA ALA A 39 -11.79 4.97 6.70
C ALA A 39 -12.65 6.14 6.22
N GLY A 40 -13.07 6.08 4.96
CA GLY A 40 -13.90 7.14 4.40
C GLY A 40 -14.01 7.05 2.90
N SER A 41 -13.73 8.15 2.22
CA SER A 41 -13.81 8.19 0.76
C SER A 41 -12.57 8.86 0.16
N ASN A 42 -11.40 8.51 0.70
CA ASN A 42 -10.15 9.08 0.22
C ASN A 42 -9.53 8.19 -0.86
N MET A 43 -8.37 8.61 -1.37
CA MET A 43 -7.68 7.85 -2.40
C MET A 43 -6.45 7.16 -1.84
N LEU A 44 -6.24 5.91 -2.23
CA LEU A 44 -5.09 5.14 -1.76
C LEU A 44 -3.91 5.27 -2.72
N LEU A 45 -2.83 5.87 -2.25
CA LEU A 45 -1.63 6.06 -3.07
C LEU A 45 -0.45 5.31 -2.49
N ILE A 46 0.57 5.10 -3.31
CA ILE A 46 1.77 4.39 -2.87
C ILE A 46 3.03 5.20 -3.19
N GLY A 47 4.03 5.10 -2.31
CA GLY A 47 5.27 5.82 -2.53
C GLY A 47 6.49 4.93 -2.35
N VAL A 48 6.58 3.88 -3.17
CA VAL A 48 7.70 2.95 -3.10
C VAL A 48 9.03 3.71 -3.03
N HIS A 49 10.00 3.12 -2.33
CA HIS A 49 11.31 3.73 -2.19
C HIS A 49 12.17 3.47 -3.42
N GLY A 50 13.22 4.26 -3.59
CA GLY A 50 14.09 4.11 -4.73
C GLY A 50 15.50 4.62 -4.46
N PRO A 51 16.13 4.08 -3.39
CA PRO A 51 17.49 4.48 -3.00
C PRO A 51 18.54 3.99 -3.99
N THR A 52 18.49 2.71 -4.31
CA THR A 52 19.44 2.12 -5.25
C THR A 52 18.73 1.24 -6.28
N THR A 53 18.11 0.17 -5.81
CA THR A 53 17.39 -0.75 -6.69
C THR A 53 15.88 -0.58 -6.55
N PRO A 54 15.31 0.29 -7.39
CA PRO A 54 13.86 0.56 -7.38
C PRO A 54 13.05 -0.62 -7.89
N CYS A 55 11.73 -0.48 -7.83
CA CYS A 55 10.83 -1.55 -8.29
C CYS A 55 10.57 -1.43 -9.79
N GLU A 56 10.30 -2.57 -10.42
CA GLU A 56 10.04 -2.60 -11.86
C GLU A 56 8.80 -1.79 -12.20
N GLU A 57 7.77 -1.92 -11.37
CA GLU A 57 6.51 -1.21 -11.59
C GLU A 57 5.56 -1.40 -10.41
N VAL A 58 4.40 -0.76 -10.48
CA VAL A 58 3.41 -0.86 -9.41
C VAL A 58 1.99 -0.92 -9.99
N SER A 59 1.40 -2.11 -9.97
CA SER A 59 0.05 -2.30 -10.49
C SER A 59 -0.99 -2.00 -9.42
N MET A 60 -1.73 -0.91 -9.61
CA MET A 60 -2.77 -0.51 -8.66
C MET A 60 -4.13 -0.42 -9.35
N LYS A 61 -5.10 -1.15 -8.81
CA LYS A 61 -6.44 -1.16 -9.36
C LYS A 61 -7.50 -1.21 -8.26
N HIS A 62 -8.53 -0.37 -8.39
CA HIS A 62 -9.59 -0.33 -7.40
C HIS A 62 -10.66 -1.38 -7.69
N VAL A 63 -10.33 -2.63 -7.44
CA VAL A 63 -11.25 -3.74 -7.67
C VAL A 63 -12.67 -3.34 -7.30
N GLY A 64 -12.80 -2.49 -6.28
CA GLY A 64 -14.11 -2.05 -5.84
C GLY A 64 -14.40 -2.43 -4.40
N ASN A 65 -15.66 -2.30 -4.00
CA ASN A 65 -16.06 -2.64 -2.63
C ASN A 65 -15.13 -1.96 -1.61
N GLN A 66 -14.63 -0.79 -1.97
CA GLN A 66 -13.73 -0.04 -1.09
C GLN A 66 -12.41 -0.80 -0.91
N GLN A 67 -12.01 -1.54 -1.93
CA GLN A 67 -10.77 -2.30 -1.88
C GLN A 67 -9.81 -1.86 -2.99
N TYR A 68 -8.53 -1.79 -2.66
CA TYR A 68 -7.51 -1.38 -3.64
C TYR A 68 -6.46 -2.47 -3.80
N ASN A 69 -6.37 -3.03 -5.00
CA ASN A 69 -5.40 -4.07 -5.29
C ASN A 69 -4.07 -3.47 -5.75
N VAL A 70 -3.02 -3.76 -5.01
CA VAL A 70 -1.69 -3.25 -5.33
C VAL A 70 -0.68 -4.38 -5.44
N THR A 71 0.00 -4.46 -6.59
CA THR A 71 1.00 -5.50 -6.81
C THR A 71 2.29 -4.90 -7.38
N TYR A 72 3.42 -5.41 -6.91
CA TYR A 72 4.72 -4.93 -7.37
C TYR A 72 5.66 -6.10 -7.68
N VAL A 73 6.81 -5.78 -8.25
CA VAL A 73 7.79 -6.80 -8.60
C VAL A 73 9.21 -6.33 -8.29
N VAL A 74 9.91 -7.09 -7.44
CA VAL A 74 11.27 -6.75 -7.06
C VAL A 74 12.27 -7.73 -7.66
N LYS A 75 13.42 -7.22 -8.09
CA LYS A 75 14.47 -8.04 -8.68
C LYS A 75 15.50 -8.44 -7.64
N GLU A 76 15.72 -7.56 -6.67
CA GLU A 76 16.69 -7.83 -5.61
C GLU A 76 16.00 -8.33 -4.35
N ARG A 77 16.78 -8.91 -3.44
CA ARG A 77 16.25 -9.43 -2.19
C ARG A 77 16.79 -8.65 -0.99
N GLY A 78 16.36 -9.04 0.20
CA GLY A 78 16.80 -8.36 1.41
C GLY A 78 15.70 -7.60 2.09
N ASP A 79 16.08 -6.62 2.91
CA ASP A 79 15.11 -5.80 3.62
C ASP A 79 14.45 -4.79 2.69
N TYR A 80 13.12 -4.73 2.72
CA TYR A 80 12.39 -3.80 1.86
C TYR A 80 11.52 -2.88 2.71
N VAL A 81 11.04 -1.80 2.09
CA VAL A 81 10.20 -0.83 2.77
C VAL A 81 8.95 -0.51 1.95
N LEU A 82 7.80 -0.53 2.60
CA LEU A 82 6.53 -0.23 1.93
C LEU A 82 5.88 1.00 2.53
N ALA A 83 5.79 2.06 1.73
CA ALA A 83 5.18 3.31 2.18
C ALA A 83 3.76 3.45 1.63
N VAL A 84 2.77 3.36 2.52
CA VAL A 84 1.38 3.48 2.12
C VAL A 84 0.72 4.68 2.79
N LYS A 85 0.27 5.63 1.97
CA LYS A 85 -0.38 6.83 2.48
C LYS A 85 -1.88 6.79 2.24
N TRP A 86 -2.64 7.50 3.07
CA TRP A 86 -4.09 7.53 2.94
C TRP A 86 -4.61 8.97 3.04
N GLY A 87 -4.67 9.65 1.90
CA GLY A 87 -5.15 11.02 1.89
C GLY A 87 -4.36 11.93 2.82
N GLU A 88 -3.14 12.27 2.41
CA GLU A 88 -2.28 13.12 3.22
C GLU A 88 -2.06 12.52 4.60
N GLU A 89 -1.81 11.21 4.64
CA GLU A 89 -1.58 10.52 5.89
C GLU A 89 -0.79 9.22 5.67
N HIS A 90 -0.41 8.57 6.76
CA HIS A 90 0.34 7.32 6.68
C HIS A 90 -0.35 6.22 7.48
N ILE A 91 -0.88 5.23 6.77
CA ILE A 91 -1.57 4.11 7.42
C ILE A 91 -0.79 3.63 8.63
N PRO A 92 -1.53 3.09 9.62
CA PRO A 92 -0.93 2.57 10.85
C PRO A 92 -0.12 1.30 10.62
N GLY A 93 1.21 1.43 10.64
CA GLY A 93 2.07 0.29 10.44
C GLY A 93 3.24 0.60 9.51
N SER A 94 3.06 1.62 8.67
CA SER A 94 4.11 2.01 7.74
C SER A 94 5.07 3.01 8.38
N PRO A 95 6.33 3.00 7.90
CA PRO A 95 6.76 2.11 6.82
C PRO A 95 6.83 0.66 7.26
N PHE A 96 6.21 -0.22 6.48
CA PHE A 96 6.21 -1.64 6.79
C PHE A 96 7.57 -2.28 6.50
N HIS A 97 7.79 -3.48 7.04
CA HIS A 97 9.04 -4.18 6.84
C HIS A 97 8.82 -5.45 6.04
N VAL A 98 9.31 -5.46 4.79
CA VAL A 98 9.16 -6.62 3.92
C VAL A 98 10.51 -7.30 3.68
N THR A 99 10.61 -8.57 4.05
CA THR A 99 11.83 -9.33 3.87
C THR A 99 11.77 -10.20 2.62
N VAL A 100 12.90 -10.32 1.93
CA VAL A 100 12.96 -11.13 0.72
C VAL A 100 14.17 -12.07 0.75
N PRO A 101 13.91 -13.38 0.62
CA PRO A 101 14.96 -14.39 0.63
C PRO A 101 15.83 -14.34 -0.62
N GLY A 1 -17.80 14.65 20.89
CA GLY A 1 -17.24 13.59 20.07
C GLY A 1 -16.69 14.11 18.76
N SER A 2 -16.16 13.21 17.95
CA SER A 2 -15.58 13.58 16.65
C SER A 2 -16.63 14.26 15.77
N SER A 3 -17.76 13.58 15.59
CA SER A 3 -18.84 14.11 14.76
C SER A 3 -18.32 14.54 13.39
N GLY A 4 -17.45 13.71 12.82
CA GLY A 4 -16.89 14.02 11.51
C GLY A 4 -17.65 13.37 10.38
N SER A 5 -18.66 14.07 9.87
CA SER A 5 -19.48 13.56 8.78
C SER A 5 -18.91 13.97 7.43
N SER A 6 -18.61 15.26 7.28
CA SER A 6 -18.06 15.78 6.04
C SER A 6 -17.05 14.80 5.43
N GLY A 7 -16.14 14.32 6.26
CA GLY A 7 -15.14 13.38 5.79
C GLY A 7 -14.09 13.08 6.84
N SER A 8 -13.03 13.88 6.88
CA SER A 8 -11.95 13.71 7.83
C SER A 8 -11.43 12.27 7.79
N SER A 9 -11.31 11.73 6.59
CA SER A 9 -10.83 10.36 6.41
C SER A 9 -9.69 10.06 7.37
N ASP A 10 -9.73 8.88 7.98
CA ASP A 10 -8.70 8.46 8.93
C ASP A 10 -7.88 7.31 8.37
N ALA A 11 -6.59 7.30 8.68
CA ALA A 11 -5.69 6.24 8.21
C ALA A 11 -5.66 5.07 9.19
N SER A 12 -5.62 5.39 10.48
CA SER A 12 -5.58 4.36 11.51
C SER A 12 -6.65 3.30 11.26
N LYS A 13 -7.72 3.69 10.58
CA LYS A 13 -8.81 2.78 10.27
C LYS A 13 -8.46 1.90 9.07
N VAL A 14 -7.83 2.50 8.07
CA VAL A 14 -7.43 1.77 6.87
C VAL A 14 -6.58 0.55 7.21
N THR A 15 -6.94 -0.60 6.64
CA THR A 15 -6.21 -1.83 6.90
C THR A 15 -5.68 -2.43 5.60
N SER A 16 -4.64 -3.25 5.70
CA SER A 16 -4.04 -3.88 4.54
C SER A 16 -3.72 -5.35 4.82
N LYS A 17 -4.03 -6.22 3.87
CA LYS A 17 -3.77 -7.65 4.02
C LYS A 17 -3.01 -8.19 2.81
N GLY A 18 -2.28 -9.28 3.02
CA GLY A 18 -1.52 -9.87 1.93
C GLY A 18 -0.11 -10.27 2.36
N ALA A 19 0.61 -10.95 1.48
CA ALA A 19 1.97 -11.38 1.77
C ALA A 19 2.97 -10.26 1.49
N GLY A 20 2.80 -9.60 0.36
CA GLY A 20 3.71 -8.52 -0.01
C GLY A 20 3.95 -7.56 1.14
N LEU A 21 2.95 -7.40 1.99
CA LEU A 21 3.07 -6.49 3.14
C LEU A 21 3.95 -7.10 4.22
N SER A 22 3.92 -8.43 4.33
CA SER A 22 4.73 -9.14 5.33
C SER A 22 6.12 -9.41 4.80
N LYS A 23 6.20 -10.10 3.67
CA LYS A 23 7.49 -10.44 3.06
C LYS A 23 7.33 -10.67 1.56
N ALA A 24 8.39 -10.40 0.80
CA ALA A 24 8.38 -10.58 -0.63
C ALA A 24 9.42 -11.60 -1.07
N PHE A 25 9.29 -12.08 -2.31
CA PHE A 25 10.23 -13.06 -2.85
C PHE A 25 10.64 -12.69 -4.27
N VAL A 26 11.92 -12.38 -4.44
CA VAL A 26 12.45 -12.01 -5.75
C VAL A 26 11.76 -12.79 -6.86
N GLY A 27 11.28 -12.08 -7.88
CA GLY A 27 10.61 -12.72 -8.99
C GLY A 27 9.13 -12.92 -8.73
N GLN A 28 8.80 -13.47 -7.56
CA GLN A 28 7.41 -13.72 -7.20
C GLN A 28 6.63 -12.42 -7.14
N LYS A 29 5.42 -12.43 -7.70
CA LYS A 29 4.56 -11.25 -7.72
C LYS A 29 3.85 -11.08 -6.38
N SER A 30 4.23 -10.04 -5.65
CA SER A 30 3.61 -9.77 -4.35
C SER A 30 2.46 -8.77 -4.49
N SER A 31 1.29 -9.17 -4.01
CA SER A 31 0.11 -8.31 -4.09
C SER A 31 -0.49 -8.10 -2.70
N PHE A 32 -1.26 -7.02 -2.56
CA PHE A 32 -1.89 -6.71 -1.28
C PHE A 32 -3.08 -5.78 -1.48
N LEU A 33 -4.18 -6.09 -0.79
CA LEU A 33 -5.39 -5.28 -0.90
C LEU A 33 -5.58 -4.41 0.33
N VAL A 34 -6.24 -3.27 0.16
CA VAL A 34 -6.49 -2.34 1.25
C VAL A 34 -7.98 -2.06 1.40
N ASP A 35 -8.51 -2.35 2.59
CA ASP A 35 -9.92 -2.12 2.87
C ASP A 35 -10.15 -0.74 3.48
N CYS A 36 -10.85 0.12 2.75
CA CYS A 36 -11.13 1.47 3.21
C CYS A 36 -12.64 1.70 3.37
N SER A 37 -13.33 0.66 3.83
CA SER A 37 -14.77 0.73 4.02
C SER A 37 -15.11 1.68 5.18
N LYS A 38 -14.36 1.57 6.26
CA LYS A 38 -14.58 2.41 7.43
C LYS A 38 -13.37 3.33 7.67
N ALA A 39 -12.78 3.80 6.60
CA ALA A 39 -11.62 4.69 6.70
C ALA A 39 -11.98 6.10 6.25
N GLY A 40 -12.48 6.22 5.02
CA GLY A 40 -12.84 7.53 4.50
C GLY A 40 -13.01 7.52 2.99
N SER A 41 -13.46 8.65 2.45
CA SER A 41 -13.66 8.76 1.00
C SER A 41 -12.43 9.39 0.33
N ASN A 42 -11.26 9.09 0.86
CA ASN A 42 -10.01 9.61 0.31
C ASN A 42 -9.45 8.69 -0.76
N MET A 43 -8.32 9.07 -1.33
CA MET A 43 -7.67 8.28 -2.37
C MET A 43 -6.54 7.44 -1.78
N LEU A 44 -6.15 6.39 -2.50
CA LEU A 44 -5.08 5.52 -2.04
C LEU A 44 -3.90 5.55 -3.02
N LEU A 45 -2.73 5.89 -2.51
CA LEU A 45 -1.53 5.96 -3.33
C LEU A 45 -0.36 5.26 -2.66
N ILE A 46 0.73 5.07 -3.40
CA ILE A 46 1.91 4.41 -2.87
C ILE A 46 3.18 5.20 -3.20
N GLY A 47 4.17 5.08 -2.33
CA GLY A 47 5.43 5.79 -2.55
C GLY A 47 6.64 4.88 -2.42
N VAL A 48 6.63 3.79 -3.19
CA VAL A 48 7.74 2.84 -3.16
C VAL A 48 9.09 3.56 -3.19
N HIS A 49 10.00 3.13 -2.32
CA HIS A 49 11.33 3.73 -2.24
C HIS A 49 12.16 3.36 -3.47
N GLY A 50 13.19 4.16 -3.74
CA GLY A 50 14.05 3.91 -4.87
C GLY A 50 15.43 4.52 -4.71
N PRO A 51 16.10 4.16 -3.60
CA PRO A 51 17.45 4.66 -3.30
C PRO A 51 18.50 4.09 -4.24
N THR A 52 18.46 2.78 -4.45
CA THR A 52 19.42 2.11 -5.33
C THR A 52 18.71 1.23 -6.34
N THR A 53 17.96 0.24 -5.84
CA THR A 53 17.24 -0.68 -6.71
C THR A 53 15.72 -0.55 -6.50
N PRO A 54 15.07 0.24 -7.36
CA PRO A 54 13.62 0.46 -7.28
C PRO A 54 12.83 -0.79 -7.66
N CYS A 55 11.51 -0.63 -7.75
CA CYS A 55 10.64 -1.74 -8.10
C CYS A 55 10.41 -1.79 -9.60
N GLU A 56 10.10 -2.99 -10.11
CA GLU A 56 9.86 -3.17 -11.54
C GLU A 56 8.65 -2.35 -12.00
N GLU A 57 7.58 -2.39 -11.21
CA GLU A 57 6.37 -1.65 -11.54
C GLU A 57 5.38 -1.69 -10.39
N VAL A 58 4.34 -0.86 -10.47
CA VAL A 58 3.32 -0.81 -9.43
C VAL A 58 1.92 -0.74 -10.04
N SER A 59 1.16 -1.82 -9.89
CA SER A 59 -0.20 -1.88 -10.44
C SER A 59 -1.23 -1.58 -9.35
N MET A 60 -1.78 -0.38 -9.39
CA MET A 60 -2.78 0.03 -8.40
C MET A 60 -4.15 0.23 -9.07
N LYS A 61 -5.13 -0.57 -8.64
CA LYS A 61 -6.48 -0.49 -9.18
C LYS A 61 -7.52 -0.62 -8.07
N HIS A 62 -8.71 -0.09 -8.34
CA HIS A 62 -9.79 -0.15 -7.36
C HIS A 62 -10.82 -1.21 -7.76
N VAL A 63 -10.53 -2.46 -7.40
CA VAL A 63 -11.43 -3.56 -7.71
C VAL A 63 -12.86 -3.25 -7.31
N GLY A 64 -13.02 -2.36 -6.32
CA GLY A 64 -14.33 -1.99 -5.86
C GLY A 64 -14.57 -2.37 -4.41
N ASN A 65 -15.78 -2.08 -3.91
CA ASN A 65 -16.12 -2.39 -2.54
C ASN A 65 -15.10 -1.79 -1.57
N GLN A 66 -14.56 -0.63 -1.93
CA GLN A 66 -13.58 0.04 -1.09
C GLN A 66 -12.30 -0.77 -1.00
N GLN A 67 -12.05 -1.59 -2.01
CA GLN A 67 -10.85 -2.43 -2.04
C GLN A 67 -9.88 -1.95 -3.12
N TYR A 68 -8.63 -1.75 -2.71
CA TYR A 68 -7.60 -1.29 -3.64
C TYR A 68 -6.54 -2.37 -3.87
N ASN A 69 -6.45 -2.85 -5.11
CA ASN A 69 -5.48 -3.89 -5.45
C ASN A 69 -4.14 -3.28 -5.85
N VAL A 70 -3.10 -3.61 -5.09
CA VAL A 70 -1.76 -3.09 -5.37
C VAL A 70 -0.74 -4.23 -5.44
N THR A 71 -0.10 -4.36 -6.60
CA THR A 71 0.90 -5.40 -6.81
C THR A 71 2.19 -4.82 -7.38
N TYR A 72 3.31 -5.43 -7.05
CA TYR A 72 4.61 -4.98 -7.52
C TYR A 72 5.56 -6.16 -7.75
N VAL A 73 6.73 -5.87 -8.29
CA VAL A 73 7.72 -6.90 -8.55
C VAL A 73 9.13 -6.42 -8.20
N VAL A 74 9.92 -7.31 -7.60
CA VAL A 74 11.28 -6.98 -7.22
C VAL A 74 12.26 -8.03 -7.71
N LYS A 75 13.43 -7.58 -8.15
CA LYS A 75 14.46 -8.49 -8.63
C LYS A 75 15.58 -8.66 -7.61
N GLU A 76 15.51 -7.87 -6.53
CA GLU A 76 16.52 -7.93 -5.48
C GLU A 76 15.91 -8.46 -4.18
N ARG A 77 16.77 -8.87 -3.26
CA ARG A 77 16.32 -9.39 -1.97
C ARG A 77 16.89 -8.57 -0.82
N GLY A 78 16.48 -8.92 0.39
CA GLY A 78 16.95 -8.20 1.56
C GLY A 78 15.86 -7.42 2.26
N ASP A 79 16.24 -6.40 3.02
CA ASP A 79 15.28 -5.58 3.74
C ASP A 79 14.67 -4.53 2.82
N TYR A 80 13.34 -4.55 2.71
CA TYR A 80 12.64 -3.60 1.85
C TYR A 80 11.84 -2.60 2.69
N VAL A 81 11.47 -1.48 2.08
CA VAL A 81 10.70 -0.45 2.76
C VAL A 81 9.45 -0.09 1.98
N LEU A 82 8.30 -0.53 2.48
CA LEU A 82 7.02 -0.26 1.83
C LEU A 82 6.35 0.96 2.44
N ALA A 83 6.17 2.01 1.62
CA ALA A 83 5.54 3.23 2.08
C ALA A 83 4.13 3.36 1.53
N VAL A 84 3.14 3.38 2.42
CA VAL A 84 1.75 3.50 2.02
C VAL A 84 1.08 4.69 2.71
N LYS A 85 0.42 5.54 1.93
CA LYS A 85 -0.26 6.71 2.45
C LYS A 85 -1.75 6.65 2.16
N TRP A 86 -2.55 7.31 2.99
CA TRP A 86 -4.00 7.34 2.81
C TRP A 86 -4.53 8.76 2.87
N GLY A 87 -4.57 9.43 1.72
CA GLY A 87 -5.06 10.79 1.66
C GLY A 87 -4.35 11.70 2.64
N GLU A 88 -3.11 12.06 2.31
CA GLU A 88 -2.32 12.94 3.16
C GLU A 88 -2.15 12.34 4.55
N GLU A 89 -1.78 11.05 4.59
CA GLU A 89 -1.59 10.35 5.85
C GLU A 89 -0.80 9.06 5.65
N HIS A 90 -0.57 8.34 6.74
CA HIS A 90 0.18 7.08 6.67
C HIS A 90 -0.53 5.98 7.44
N ILE A 91 -0.98 4.96 6.72
CA ILE A 91 -1.69 3.84 7.33
C ILE A 91 -0.91 3.29 8.52
N PRO A 92 -1.63 2.72 9.50
CA PRO A 92 -1.02 2.14 10.70
C PRO A 92 -0.25 0.85 10.40
N GLY A 93 1.07 0.99 10.27
CA GLY A 93 1.90 -0.16 9.97
C GLY A 93 3.07 0.18 9.06
N SER A 94 3.05 1.39 8.51
CA SER A 94 4.11 1.83 7.61
C SER A 94 5.05 2.81 8.32
N PRO A 95 6.32 2.83 7.89
CA PRO A 95 6.80 1.98 6.81
C PRO A 95 6.85 0.50 7.22
N PHE A 96 6.33 -0.37 6.36
CA PHE A 96 6.33 -1.80 6.63
C PHE A 96 7.69 -2.41 6.35
N HIS A 97 8.09 -3.38 7.18
CA HIS A 97 9.38 -4.04 7.00
C HIS A 97 9.21 -5.34 6.22
N VAL A 98 9.49 -5.29 4.92
CA VAL A 98 9.37 -6.46 4.06
C VAL A 98 10.73 -7.12 3.84
N THR A 99 10.89 -8.32 4.37
CA THR A 99 12.15 -9.06 4.23
C THR A 99 12.07 -10.07 3.09
N VAL A 100 13.01 -9.96 2.15
CA VAL A 100 13.05 -10.87 1.01
C VAL A 100 14.23 -11.82 1.10
N PRO A 101 13.94 -13.14 1.06
CA PRO A 101 14.97 -14.18 1.14
C PRO A 101 15.83 -14.24 -0.11
N GLY A 1 -28.16 11.68 -6.75
CA GLY A 1 -26.90 12.38 -6.88
C GLY A 1 -25.80 11.48 -7.42
N SER A 2 -24.57 11.72 -6.99
CA SER A 2 -23.43 10.94 -7.43
C SER A 2 -22.61 10.43 -6.25
N SER A 3 -21.90 9.33 -6.46
CA SER A 3 -21.08 8.74 -5.40
C SER A 3 -20.26 9.81 -4.70
N GLY A 4 -20.16 9.71 -3.38
CA GLY A 4 -19.39 10.67 -2.60
C GLY A 4 -19.88 10.79 -1.18
N SER A 5 -19.15 10.20 -0.25
CA SER A 5 -19.52 10.24 1.16
C SER A 5 -18.94 11.47 1.85
N SER A 6 -19.41 11.75 3.05
CA SER A 6 -18.94 12.91 3.81
C SER A 6 -18.41 12.48 5.17
N GLY A 7 -17.19 12.92 5.49
CA GLY A 7 -16.59 12.58 6.77
C GLY A 7 -15.07 12.66 6.72
N SER A 8 -14.46 12.87 7.88
CA SER A 8 -13.01 12.96 7.98
C SER A 8 -12.36 11.59 7.83
N SER A 9 -11.66 11.39 6.72
CA SER A 9 -10.99 10.13 6.44
C SER A 9 -9.89 9.87 7.46
N ASP A 10 -9.92 8.68 8.07
CA ASP A 10 -8.92 8.30 9.06
C ASP A 10 -8.02 7.20 8.53
N ALA A 11 -6.72 7.45 8.55
CA ALA A 11 -5.74 6.48 8.07
C ALA A 11 -5.57 5.34 9.07
N SER A 12 -5.55 5.68 10.35
CA SER A 12 -5.38 4.69 11.41
C SER A 12 -6.42 3.57 11.27
N LYS A 13 -7.55 3.89 10.62
CA LYS A 13 -8.61 2.92 10.43
C LYS A 13 -8.32 2.03 9.22
N VAL A 14 -7.63 2.59 8.24
CA VAL A 14 -7.28 1.84 7.03
C VAL A 14 -6.38 0.64 7.37
N THR A 15 -6.77 -0.53 6.88
CA THR A 15 -6.01 -1.75 7.13
C THR A 15 -5.42 -2.29 5.84
N SER A 16 -4.53 -3.28 5.97
CA SER A 16 -3.89 -3.89 4.81
C SER A 16 -3.46 -5.31 5.11
N LYS A 17 -3.82 -6.24 4.22
CA LYS A 17 -3.47 -7.64 4.40
C LYS A 17 -2.79 -8.20 3.15
N GLY A 18 -2.01 -9.25 3.32
CA GLY A 18 -1.32 -9.87 2.19
C GLY A 18 0.12 -10.19 2.51
N ALA A 19 0.73 -11.04 1.68
CA ALA A 19 2.12 -11.44 1.88
C ALA A 19 3.07 -10.30 1.54
N GLY A 20 2.85 -9.68 0.39
CA GLY A 20 3.70 -8.58 -0.04
C GLY A 20 4.01 -7.62 1.10
N LEU A 21 3.06 -7.45 2.01
CA LEU A 21 3.25 -6.56 3.15
C LEU A 21 4.22 -7.16 4.16
N SER A 22 4.12 -8.47 4.38
CA SER A 22 4.98 -9.16 5.32
C SER A 22 6.37 -9.38 4.73
N LYS A 23 6.42 -10.00 3.55
CA LYS A 23 7.68 -10.27 2.88
C LYS A 23 7.47 -10.44 1.38
N ALA A 24 8.53 -10.22 0.61
CA ALA A 24 8.46 -10.35 -0.84
C ALA A 24 9.47 -11.37 -1.35
N PHE A 25 9.24 -11.87 -2.56
CA PHE A 25 10.14 -12.86 -3.16
C PHE A 25 10.63 -12.39 -4.53
N VAL A 26 11.93 -12.52 -4.76
CA VAL A 26 12.53 -12.10 -6.02
C VAL A 26 11.79 -12.72 -7.20
N GLY A 27 11.52 -11.90 -8.21
CA GLY A 27 10.82 -12.38 -9.39
C GLY A 27 9.34 -12.57 -9.15
N GLN A 28 9.00 -13.24 -8.06
CA GLN A 28 7.60 -13.48 -7.72
C GLN A 28 6.80 -12.19 -7.76
N LYS A 29 5.48 -12.33 -7.73
CA LYS A 29 4.58 -11.17 -7.77
C LYS A 29 3.86 -11.01 -6.44
N SER A 30 4.31 -10.05 -5.63
CA SER A 30 3.71 -9.78 -4.33
C SER A 30 2.50 -8.87 -4.47
N SER A 31 1.37 -9.30 -3.94
CA SER A 31 0.14 -8.52 -4.01
C SER A 31 -0.47 -8.33 -2.63
N PHE A 32 -1.27 -7.28 -2.47
CA PHE A 32 -1.91 -6.99 -1.20
C PHE A 32 -3.15 -6.14 -1.39
N LEU A 33 -4.15 -6.35 -0.55
CA LEU A 33 -5.40 -5.61 -0.63
C LEU A 33 -5.55 -4.67 0.56
N VAL A 34 -6.03 -3.46 0.30
CA VAL A 34 -6.22 -2.47 1.36
C VAL A 34 -7.70 -2.08 1.48
N ASP A 35 -8.27 -2.34 2.65
CA ASP A 35 -9.67 -2.01 2.90
C ASP A 35 -9.81 -0.61 3.48
N CYS A 36 -10.48 0.26 2.73
CA CYS A 36 -10.69 1.64 3.16
C CYS A 36 -12.15 1.90 3.51
N SER A 37 -12.79 0.91 4.13
CA SER A 37 -14.19 1.01 4.51
C SER A 37 -14.34 1.74 5.85
N LYS A 38 -13.67 1.22 6.86
CA LYS A 38 -13.72 1.82 8.20
C LYS A 38 -13.20 3.25 8.18
N ALA A 39 -12.27 3.52 7.27
CA ALA A 39 -11.69 4.84 7.14
C ALA A 39 -12.76 5.88 6.79
N GLY A 40 -13.26 5.81 5.57
CA GLY A 40 -14.28 6.75 5.14
C GLY A 40 -14.38 6.84 3.63
N SER A 41 -13.61 7.75 3.04
CA SER A 41 -13.62 7.94 1.59
C SER A 41 -12.48 8.85 1.16
N ASN A 42 -11.46 8.26 0.56
CA ASN A 42 -10.30 9.01 0.09
C ASN A 42 -9.57 8.26 -1.01
N MET A 43 -8.47 8.84 -1.48
CA MET A 43 -7.67 8.21 -2.53
C MET A 43 -6.50 7.44 -1.96
N LEU A 44 -6.27 6.23 -2.47
CA LEU A 44 -5.18 5.40 -2.00
C LEU A 44 -4.03 5.39 -3.01
N LEU A 45 -2.90 5.96 -2.61
CA LEU A 45 -1.73 6.03 -3.47
C LEU A 45 -0.55 5.28 -2.85
N ILE A 46 0.47 5.01 -3.65
CA ILE A 46 1.65 4.31 -3.17
C ILE A 46 2.93 5.08 -3.51
N GLY A 47 3.92 4.99 -2.63
CA GLY A 47 5.17 5.68 -2.87
C GLY A 47 6.37 4.78 -2.68
N VAL A 48 6.36 3.64 -3.36
CA VAL A 48 7.47 2.68 -3.27
C VAL A 48 8.81 3.39 -3.22
N HIS A 49 9.41 3.43 -2.02
CA HIS A 49 10.70 4.08 -1.84
C HIS A 49 11.84 3.19 -2.35
N GLY A 50 12.89 3.81 -2.85
CA GLY A 50 14.03 3.06 -3.35
C GLY A 50 15.29 3.30 -2.55
N PRO A 51 15.26 2.91 -1.27
CA PRO A 51 16.40 3.06 -0.36
C PRO A 51 17.56 2.15 -0.72
N THR A 52 17.26 1.02 -1.35
CA THR A 52 18.27 0.06 -1.75
C THR A 52 18.20 -0.23 -3.25
N THR A 53 17.04 -0.69 -3.70
CA THR A 53 16.84 -1.00 -5.10
C THR A 53 15.42 -0.67 -5.55
N PRO A 54 15.29 -0.18 -6.79
CA PRO A 54 13.99 0.20 -7.36
C PRO A 54 13.11 -1.01 -7.64
N CYS A 55 11.84 -0.76 -7.94
CA CYS A 55 10.89 -1.83 -8.23
C CYS A 55 10.62 -1.92 -9.73
N GLU A 56 10.25 -3.11 -10.18
CA GLU A 56 9.96 -3.33 -11.60
C GLU A 56 8.78 -2.48 -12.05
N GLU A 57 7.72 -2.47 -11.24
CA GLU A 57 6.53 -1.69 -11.56
C GLU A 57 5.53 -1.73 -10.40
N VAL A 58 4.43 -0.99 -10.54
CA VAL A 58 3.41 -0.94 -9.51
C VAL A 58 2.01 -0.92 -10.12
N SER A 59 1.32 -2.06 -10.04
CA SER A 59 -0.03 -2.18 -10.58
C SER A 59 -1.08 -1.89 -9.51
N MET A 60 -1.75 -0.75 -9.65
CA MET A 60 -2.78 -0.35 -8.69
C MET A 60 -4.16 -0.37 -9.35
N LYS A 61 -5.11 -1.01 -8.69
CA LYS A 61 -6.48 -1.09 -9.21
C LYS A 61 -7.50 -0.93 -8.08
N HIS A 62 -8.68 -0.44 -8.42
CA HIS A 62 -9.75 -0.26 -7.44
C HIS A 62 -10.88 -1.25 -7.66
N VAL A 63 -10.61 -2.52 -7.42
CA VAL A 63 -11.61 -3.56 -7.60
C VAL A 63 -12.99 -3.08 -7.17
N GLY A 64 -13.02 -2.21 -6.17
CA GLY A 64 -14.28 -1.68 -5.68
C GLY A 64 -14.54 -2.04 -4.24
N ASN A 65 -15.75 -1.75 -3.76
CA ASN A 65 -16.11 -2.04 -2.38
C ASN A 65 -15.06 -1.51 -1.41
N GLN A 66 -14.49 -0.36 -1.74
CA GLN A 66 -13.47 0.25 -0.90
C GLN A 66 -12.22 -0.63 -0.83
N GLN A 67 -11.93 -1.31 -1.93
CA GLN A 67 -10.77 -2.20 -2.00
C GLN A 67 -9.82 -1.77 -3.11
N TYR A 68 -8.52 -1.77 -2.81
CA TYR A 68 -7.51 -1.38 -3.79
C TYR A 68 -6.48 -2.47 -3.98
N ASN A 69 -6.42 -3.02 -5.18
CA ASN A 69 -5.48 -4.10 -5.50
C ASN A 69 -4.14 -3.51 -5.96
N VAL A 70 -3.11 -3.72 -5.15
CA VAL A 70 -1.78 -3.22 -5.47
C VAL A 70 -0.75 -4.36 -5.54
N THR A 71 -0.10 -4.50 -6.68
CA THR A 71 0.89 -5.55 -6.87
C THR A 71 2.15 -5.00 -7.54
N TYR A 72 3.30 -5.47 -7.09
CA TYR A 72 4.58 -5.03 -7.66
C TYR A 72 5.51 -6.22 -7.90
N VAL A 73 6.65 -5.94 -8.50
CA VAL A 73 7.63 -6.98 -8.80
C VAL A 73 9.06 -6.51 -8.50
N VAL A 74 9.78 -7.30 -7.71
CA VAL A 74 11.15 -6.96 -7.35
C VAL A 74 12.15 -7.86 -8.07
N LYS A 75 13.26 -7.28 -8.50
CA LYS A 75 14.30 -8.04 -9.20
C LYS A 75 15.42 -8.44 -8.24
N GLU A 76 15.63 -7.63 -7.22
CA GLU A 76 16.67 -7.91 -6.23
C GLU A 76 16.05 -8.22 -4.86
N ARG A 77 16.83 -8.86 -3.99
CA ARG A 77 16.36 -9.21 -2.66
C ARG A 77 16.98 -8.29 -1.61
N GLY A 78 16.55 -8.45 -0.36
CA GLY A 78 17.08 -7.63 0.71
C GLY A 78 15.98 -6.97 1.53
N ASP A 79 16.34 -5.95 2.29
CA ASP A 79 15.38 -5.22 3.12
C ASP A 79 14.71 -4.12 2.32
N TYR A 80 13.42 -4.29 2.06
CA TYR A 80 12.66 -3.30 1.30
C TYR A 80 11.83 -2.42 2.23
N VAL A 81 11.34 -1.31 1.71
CA VAL A 81 10.52 -0.39 2.48
C VAL A 81 9.25 0.00 1.74
N LEU A 82 8.11 -0.46 2.23
CA LEU A 82 6.83 -0.17 1.60
C LEU A 82 6.21 1.10 2.19
N ALA A 83 5.77 1.99 1.33
CA ALA A 83 5.15 3.24 1.76
C ALA A 83 3.71 3.35 1.26
N VAL A 84 2.78 3.36 2.20
CA VAL A 84 1.36 3.46 1.85
C VAL A 84 0.71 4.64 2.56
N LYS A 85 0.20 5.59 1.76
CA LYS A 85 -0.45 6.77 2.31
C LYS A 85 -1.96 6.71 2.09
N TRP A 86 -2.70 7.40 2.95
CA TRP A 86 -4.15 7.42 2.86
C TRP A 86 -4.69 8.86 2.84
N GLY A 87 -4.82 9.42 1.64
CA GLY A 87 -5.30 10.77 1.50
C GLY A 87 -4.58 11.74 2.43
N GLU A 88 -3.36 12.09 2.07
CA GLU A 88 -2.56 13.02 2.87
C GLU A 88 -2.29 12.45 4.26
N GLU A 89 -1.94 11.16 4.30
CA GLU A 89 -1.66 10.49 5.56
C GLU A 89 -0.88 9.20 5.33
N HIS A 90 -0.49 8.55 6.43
CA HIS A 90 0.27 7.31 6.34
C HIS A 90 -0.39 6.22 7.19
N ILE A 91 -0.90 5.19 6.51
CA ILE A 91 -1.56 4.08 7.19
C ILE A 91 -0.76 3.63 8.41
N PRO A 92 -1.45 3.10 9.42
CA PRO A 92 -0.83 2.61 10.65
C PRO A 92 0.00 1.36 10.43
N GLY A 93 1.31 1.53 10.30
CA GLY A 93 2.20 0.40 10.09
C GLY A 93 3.33 0.73 9.13
N SER A 94 3.11 1.71 8.27
CA SER A 94 4.12 2.13 7.29
C SER A 94 5.04 3.18 7.88
N PRO A 95 6.30 3.20 7.40
CA PRO A 95 6.76 2.29 6.36
C PRO A 95 6.89 0.85 6.87
N PHE A 96 6.36 -0.10 6.10
CA PHE A 96 6.41 -1.50 6.47
C PHE A 96 7.77 -2.11 6.11
N HIS A 97 8.17 -3.14 6.86
CA HIS A 97 9.44 -3.82 6.61
C HIS A 97 9.22 -5.12 5.85
N VAL A 98 9.50 -5.08 4.55
CA VAL A 98 9.34 -6.26 3.70
C VAL A 98 10.70 -6.86 3.33
N THR A 99 10.97 -8.05 3.83
CA THR A 99 12.23 -8.74 3.57
C THR A 99 12.08 -9.72 2.41
N VAL A 100 13.16 -9.93 1.67
CA VAL A 100 13.16 -10.85 0.54
C VAL A 100 14.33 -11.82 0.61
N PRO A 101 14.02 -13.13 0.58
CA PRO A 101 15.04 -14.19 0.64
C PRO A 101 15.89 -14.25 -0.63
N GLY A 1 -12.59 28.23 -5.87
CA GLY A 1 -11.52 27.64 -6.67
C GLY A 1 -11.90 26.28 -7.23
N SER A 2 -10.91 25.42 -7.39
CA SER A 2 -11.15 24.07 -7.93
C SER A 2 -10.73 23.01 -6.92
N SER A 3 -9.47 23.07 -6.49
CA SER A 3 -8.95 22.10 -5.53
C SER A 3 -9.68 22.21 -4.19
N GLY A 4 -9.89 21.07 -3.55
CA GLY A 4 -10.58 21.06 -2.26
C GLY A 4 -11.67 20.02 -2.21
N SER A 5 -11.43 18.94 -1.46
CA SER A 5 -12.39 17.86 -1.33
C SER A 5 -12.78 17.67 0.13
N SER A 6 -14.06 17.37 0.36
CA SER A 6 -14.56 17.16 1.71
C SER A 6 -13.51 16.48 2.58
N GLY A 7 -12.80 15.52 2.01
CA GLY A 7 -11.77 14.81 2.75
C GLY A 7 -12.34 13.97 3.87
N SER A 8 -11.97 14.30 5.11
CA SER A 8 -12.43 13.55 6.26
C SER A 8 -12.12 12.07 6.13
N SER A 9 -10.86 11.76 5.86
CA SER A 9 -10.43 10.37 5.70
C SER A 9 -9.42 9.99 6.78
N ASP A 10 -9.68 8.86 7.43
CA ASP A 10 -8.79 8.37 8.49
C ASP A 10 -7.93 7.21 8.00
N ALA A 11 -6.64 7.27 8.30
CA ALA A 11 -5.71 6.22 7.89
C ALA A 11 -5.62 5.13 8.95
N SER A 12 -5.53 5.54 10.21
CA SER A 12 -5.42 4.59 11.31
C SER A 12 -6.46 3.47 11.17
N LYS A 13 -7.55 3.78 10.48
CA LYS A 13 -8.63 2.81 10.27
C LYS A 13 -8.30 1.88 9.12
N VAL A 14 -7.66 2.42 8.08
CA VAL A 14 -7.29 1.64 6.91
C VAL A 14 -6.39 0.47 7.29
N THR A 15 -6.75 -0.72 6.83
CA THR A 15 -5.98 -1.93 7.13
C THR A 15 -5.52 -2.61 5.84
N SER A 16 -4.34 -3.23 5.90
CA SER A 16 -3.78 -3.92 4.75
C SER A 16 -3.40 -5.35 5.11
N LYS A 17 -3.58 -6.26 4.16
CA LYS A 17 -3.26 -7.67 4.37
C LYS A 17 -2.61 -8.26 3.12
N GLY A 18 -1.79 -9.31 3.33
CA GLY A 18 -1.12 -9.95 2.22
C GLY A 18 0.36 -10.12 2.46
N ALA A 19 0.91 -11.25 2.02
CA ALA A 19 2.32 -11.53 2.19
C ALA A 19 3.17 -10.33 1.78
N GLY A 20 2.93 -9.82 0.57
CA GLY A 20 3.69 -8.69 0.08
C GLY A 20 3.98 -7.68 1.18
N LEU A 21 3.06 -7.53 2.11
CA LEU A 21 3.23 -6.59 3.21
C LEU A 21 4.24 -7.11 4.23
N SER A 22 4.19 -8.41 4.50
CA SER A 22 5.10 -9.03 5.45
C SER A 22 6.45 -9.31 4.80
N LYS A 23 6.42 -10.05 3.68
CA LYS A 23 7.64 -10.39 2.96
C LYS A 23 7.38 -10.48 1.46
N ALA A 24 8.44 -10.43 0.67
CA ALA A 24 8.33 -10.51 -0.78
C ALA A 24 9.44 -11.37 -1.37
N PHE A 25 9.10 -12.11 -2.43
CA PHE A 25 10.07 -12.98 -3.08
C PHE A 25 10.39 -12.48 -4.49
N VAL A 26 11.64 -12.63 -4.89
CA VAL A 26 12.07 -12.18 -6.21
C VAL A 26 11.31 -12.92 -7.31
N GLY A 27 10.89 -12.17 -8.32
CA GLY A 27 10.16 -12.77 -9.43
C GLY A 27 8.69 -13.01 -9.09
N GLN A 28 8.45 -13.64 -7.94
CA GLN A 28 7.10 -13.94 -7.50
C GLN A 28 6.30 -12.66 -7.29
N LYS A 29 5.35 -12.41 -8.17
CA LYS A 29 4.52 -11.21 -8.08
C LYS A 29 3.77 -11.16 -6.75
N SER A 30 4.07 -10.15 -5.95
CA SER A 30 3.42 -9.99 -4.64
C SER A 30 2.27 -9.00 -4.71
N SER A 31 1.14 -9.37 -4.14
CA SER A 31 -0.03 -8.51 -4.14
C SER A 31 -0.60 -8.35 -2.73
N PHE A 32 -1.25 -7.21 -2.48
CA PHE A 32 -1.83 -6.93 -1.18
C PHE A 32 -3.07 -6.06 -1.31
N LEU A 33 -4.11 -6.40 -0.56
CA LEU A 33 -5.36 -5.65 -0.59
C LEU A 33 -5.45 -4.69 0.59
N VAL A 34 -6.16 -3.58 0.39
CA VAL A 34 -6.32 -2.58 1.44
C VAL A 34 -7.79 -2.22 1.63
N ASP A 35 -8.34 -2.61 2.78
CA ASP A 35 -9.73 -2.32 3.10
C ASP A 35 -9.88 -0.94 3.72
N CYS A 36 -10.64 -0.07 3.05
CA CYS A 36 -10.86 1.29 3.55
C CYS A 36 -12.33 1.51 3.86
N SER A 37 -13.02 0.44 4.23
CA SER A 37 -14.45 0.52 4.56
C SER A 37 -14.71 1.63 5.58
N LYS A 38 -14.22 1.42 6.80
CA LYS A 38 -14.39 2.40 7.87
C LYS A 38 -13.25 3.41 7.88
N ALA A 39 -12.62 3.60 6.72
CA ALA A 39 -11.51 4.53 6.60
C ALA A 39 -11.98 5.88 6.07
N GLY A 40 -12.51 5.88 4.85
CA GLY A 40 -13.00 7.11 4.25
C GLY A 40 -13.09 7.01 2.74
N SER A 41 -13.50 8.10 2.10
CA SER A 41 -13.64 8.13 0.65
C SER A 41 -12.52 8.96 0.01
N ASN A 42 -11.30 8.43 0.06
CA ASN A 42 -10.15 9.11 -0.51
C ASN A 42 -9.41 8.20 -1.50
N MET A 43 -8.32 8.71 -2.06
CA MET A 43 -7.53 7.95 -3.01
C MET A 43 -6.33 7.29 -2.33
N LEU A 44 -6.09 6.03 -2.65
CA LEU A 44 -4.98 5.29 -2.06
C LEU A 44 -3.79 5.24 -3.02
N LEU A 45 -2.70 5.90 -2.63
CA LEU A 45 -1.50 5.93 -3.45
C LEU A 45 -0.33 5.26 -2.74
N ILE A 46 0.72 4.96 -3.49
CA ILE A 46 1.90 4.31 -2.92
C ILE A 46 3.17 5.09 -3.25
N GLY A 47 4.20 4.92 -2.42
CA GLY A 47 5.45 5.62 -2.64
C GLY A 47 6.65 4.71 -2.47
N VAL A 48 6.64 3.58 -3.15
CA VAL A 48 7.74 2.62 -3.07
C VAL A 48 9.08 3.34 -2.97
N HIS A 49 9.57 3.52 -1.75
CA HIS A 49 10.84 4.19 -1.52
C HIS A 49 11.98 3.44 -2.21
N GLY A 50 12.92 4.19 -2.77
CA GLY A 50 14.05 3.58 -3.45
C GLY A 50 15.36 3.82 -2.74
N PRO A 51 15.49 3.27 -1.52
CA PRO A 51 16.69 3.42 -0.71
C PRO A 51 17.89 2.67 -1.29
N THR A 52 17.64 1.43 -1.71
CA THR A 52 18.70 0.60 -2.29
C THR A 52 18.45 0.34 -3.77
N THR A 53 17.21 -0.02 -4.10
CA THR A 53 16.84 -0.30 -5.48
C THR A 53 15.34 -0.13 -5.69
N PRO A 54 14.97 0.52 -6.81
CA PRO A 54 13.57 0.77 -7.16
C PRO A 54 12.84 -0.51 -7.54
N CYS A 55 11.51 -0.47 -7.49
CA CYS A 55 10.69 -1.64 -7.83
C CYS A 55 10.54 -1.76 -9.34
N GLU A 56 10.37 -2.99 -9.81
CA GLU A 56 10.20 -3.24 -11.24
C GLU A 56 8.95 -2.56 -11.78
N GLU A 57 7.87 -2.61 -11.01
CA GLU A 57 6.61 -2.00 -11.40
C GLU A 57 5.60 -2.04 -10.26
N VAL A 58 4.53 -1.28 -10.41
CA VAL A 58 3.48 -1.23 -9.40
C VAL A 58 2.11 -1.04 -10.02
N SER A 59 1.31 -2.10 -10.04
CA SER A 59 -0.03 -2.04 -10.62
C SER A 59 -1.07 -1.77 -9.54
N MET A 60 -1.59 -0.54 -9.53
CA MET A 60 -2.60 -0.15 -8.56
C MET A 60 -3.97 -0.01 -9.22
N LYS A 61 -4.94 -0.75 -8.71
CA LYS A 61 -6.30 -0.72 -9.25
C LYS A 61 -7.34 -0.71 -8.12
N HIS A 62 -8.46 -0.04 -8.37
CA HIS A 62 -9.53 0.04 -7.37
C HIS A 62 -10.69 -0.88 -7.76
N VAL A 63 -10.58 -2.16 -7.41
CA VAL A 63 -11.62 -3.13 -7.72
C VAL A 63 -12.99 -2.64 -7.23
N GLY A 64 -12.97 -1.72 -6.27
CA GLY A 64 -14.22 -1.19 -5.73
C GLY A 64 -14.52 -1.73 -4.35
N ASN A 65 -15.71 -1.43 -3.85
CA ASN A 65 -16.13 -1.89 -2.53
C ASN A 65 -15.10 -1.49 -1.47
N GLN A 66 -14.50 -0.33 -1.65
CA GLN A 66 -13.50 0.16 -0.72
C GLN A 66 -12.27 -0.74 -0.70
N GLN A 67 -12.04 -1.45 -1.81
CA GLN A 67 -10.90 -2.35 -1.92
C GLN A 67 -9.97 -1.90 -3.03
N TYR A 68 -8.69 -1.77 -2.69
CA TYR A 68 -7.68 -1.33 -3.66
C TYR A 68 -6.62 -2.41 -3.86
N ASN A 69 -6.58 -2.98 -5.06
CA ASN A 69 -5.61 -4.02 -5.38
C ASN A 69 -4.30 -3.42 -5.88
N VAL A 70 -3.23 -3.64 -5.13
CA VAL A 70 -1.92 -3.12 -5.50
C VAL A 70 -0.88 -4.24 -5.54
N THR A 71 -0.31 -4.45 -6.73
CA THR A 71 0.70 -5.49 -6.90
C THR A 71 2.01 -4.90 -7.44
N TYR A 72 3.12 -5.49 -7.04
CA TYR A 72 4.43 -5.03 -7.48
C TYR A 72 5.36 -6.21 -7.78
N VAL A 73 6.55 -5.90 -8.27
CA VAL A 73 7.53 -6.94 -8.60
C VAL A 73 8.95 -6.48 -8.26
N VAL A 74 9.68 -7.32 -7.54
CA VAL A 74 11.05 -7.01 -7.15
C VAL A 74 12.03 -8.01 -7.73
N LYS A 75 12.89 -7.54 -8.63
CA LYS A 75 13.89 -8.39 -9.27
C LYS A 75 15.17 -8.44 -8.43
N GLU A 76 15.04 -8.14 -7.15
CA GLU A 76 16.19 -8.16 -6.24
C GLU A 76 15.76 -8.44 -4.81
N ARG A 77 16.73 -8.74 -3.96
CA ARG A 77 16.45 -9.03 -2.56
C ARG A 77 16.91 -7.89 -1.66
N GLY A 78 16.78 -8.09 -0.35
CA GLY A 78 17.19 -7.07 0.60
C GLY A 78 16.02 -6.52 1.40
N ASP A 79 16.32 -5.60 2.31
CA ASP A 79 15.28 -4.98 3.14
C ASP A 79 14.55 -3.88 2.38
N TYR A 80 13.36 -4.19 1.90
CA TYR A 80 12.57 -3.22 1.15
C TYR A 80 11.69 -2.41 2.09
N VAL A 81 11.38 -1.17 1.67
CA VAL A 81 10.55 -0.28 2.48
C VAL A 81 9.25 0.04 1.76
N LEU A 82 8.14 -0.49 2.28
CA LEU A 82 6.83 -0.26 1.68
C LEU A 82 6.15 0.96 2.32
N ALA A 83 5.88 1.97 1.51
CA ALA A 83 5.24 3.18 2.00
C ALA A 83 3.86 3.36 1.37
N VAL A 84 2.82 3.32 2.20
CA VAL A 84 1.45 3.47 1.73
C VAL A 84 0.78 4.66 2.39
N LYS A 85 0.33 5.61 1.57
CA LYS A 85 -0.34 6.81 2.07
C LYS A 85 -1.83 6.75 1.79
N TRP A 86 -2.61 7.43 2.63
CA TRP A 86 -4.06 7.45 2.47
C TRP A 86 -4.60 8.86 2.64
N GLY A 87 -4.83 9.55 1.52
CA GLY A 87 -5.34 10.90 1.57
C GLY A 87 -4.53 11.80 2.48
N GLU A 88 -3.30 12.10 2.05
CA GLU A 88 -2.42 12.96 2.84
C GLU A 88 -2.18 12.36 4.22
N GLU A 89 -1.84 11.08 4.26
CA GLU A 89 -1.58 10.39 5.52
C GLU A 89 -0.77 9.11 5.29
N HIS A 90 -0.50 8.39 6.37
CA HIS A 90 0.26 7.14 6.28
C HIS A 90 -0.42 6.04 7.09
N ILE A 91 -0.93 5.04 6.39
CA ILE A 91 -1.60 3.91 7.03
C ILE A 91 -0.83 3.46 8.28
N PRO A 92 -1.57 2.90 9.25
CA PRO A 92 -0.97 2.41 10.50
C PRO A 92 -0.13 1.16 10.28
N GLY A 93 1.19 1.35 10.26
CA GLY A 93 2.10 0.23 10.07
C GLY A 93 3.26 0.57 9.16
N SER A 94 3.11 1.65 8.40
CA SER A 94 4.15 2.08 7.48
C SER A 94 5.06 3.12 8.13
N PRO A 95 6.32 3.17 7.68
CA PRO A 95 6.83 2.29 6.63
C PRO A 95 6.94 0.84 7.09
N PHE A 96 6.52 -0.09 6.23
CA PHE A 96 6.57 -1.51 6.56
C PHE A 96 7.94 -2.09 6.22
N HIS A 97 8.28 -3.21 6.85
CA HIS A 97 9.56 -3.87 6.61
C HIS A 97 9.37 -5.16 5.81
N VAL A 98 9.66 -5.09 4.53
CA VAL A 98 9.52 -6.26 3.66
C VAL A 98 10.88 -6.90 3.38
N THR A 99 11.12 -8.05 3.98
CA THR A 99 12.38 -8.77 3.81
C THR A 99 12.28 -9.77 2.65
N VAL A 100 13.32 -9.81 1.82
CA VAL A 100 13.34 -10.73 0.69
C VAL A 100 14.37 -11.83 0.90
N PRO A 101 13.90 -13.09 0.87
CA PRO A 101 14.77 -14.26 1.05
C PRO A 101 15.72 -14.48 -0.12
N GLY A 1 -22.54 27.43 2.19
CA GLY A 1 -21.79 26.23 2.49
C GLY A 1 -21.32 26.19 3.94
N SER A 2 -22.26 26.00 4.86
CA SER A 2 -21.94 25.96 6.28
C SER A 2 -20.79 24.99 6.54
N SER A 3 -19.79 25.46 7.28
CA SER A 3 -18.63 24.64 7.60
C SER A 3 -19.04 23.38 8.35
N GLY A 4 -19.20 22.28 7.60
CA GLY A 4 -19.60 21.03 8.20
C GLY A 4 -18.48 20.01 8.18
N SER A 5 -18.85 18.73 8.13
CA SER A 5 -17.86 17.65 8.11
C SER A 5 -16.74 17.96 7.13
N SER A 6 -17.09 18.51 5.98
CA SER A 6 -16.11 18.85 4.96
C SER A 6 -15.25 17.64 4.62
N GLY A 7 -15.90 16.50 4.42
CA GLY A 7 -15.17 15.29 4.08
C GLY A 7 -14.56 14.62 5.30
N SER A 8 -14.61 13.30 5.35
CA SER A 8 -14.06 12.55 6.47
C SER A 8 -13.29 11.33 5.98
N SER A 9 -12.03 11.23 6.39
CA SER A 9 -11.18 10.11 5.99
C SER A 9 -10.10 9.85 7.04
N ASP A 10 -10.12 8.64 7.61
CA ASP A 10 -9.16 8.26 8.63
C ASP A 10 -8.24 7.16 8.11
N ALA A 11 -6.95 7.26 8.43
CA ALA A 11 -5.97 6.28 8.00
C ALA A 11 -5.78 5.20 9.07
N SER A 12 -5.83 5.61 10.32
CA SER A 12 -5.66 4.67 11.44
C SER A 12 -6.68 3.55 11.36
N LYS A 13 -7.80 3.82 10.71
CA LYS A 13 -8.87 2.83 10.56
C LYS A 13 -8.59 1.90 9.38
N VAL A 14 -7.77 2.37 8.44
CA VAL A 14 -7.43 1.59 7.27
C VAL A 14 -6.55 0.40 7.63
N THR A 15 -6.75 -0.72 6.94
CA THR A 15 -5.98 -1.93 7.19
C THR A 15 -5.44 -2.52 5.90
N SER A 16 -4.41 -3.34 6.01
CA SER A 16 -3.79 -3.97 4.85
C SER A 16 -3.56 -5.46 5.10
N LYS A 17 -3.79 -6.27 4.07
CA LYS A 17 -3.61 -7.71 4.16
C LYS A 17 -2.70 -8.22 3.06
N GLY A 18 -2.32 -9.50 3.14
CA GLY A 18 -1.45 -10.09 2.14
C GLY A 18 -0.09 -10.44 2.69
N ALA A 19 0.81 -10.85 1.81
CA ALA A 19 2.16 -11.22 2.22
C ALA A 19 3.17 -10.15 1.82
N GLY A 20 2.96 -9.55 0.65
CA GLY A 20 3.85 -8.51 0.17
C GLY A 20 4.19 -7.50 1.25
N LEU A 21 3.27 -7.31 2.19
CA LEU A 21 3.47 -6.36 3.28
C LEU A 21 4.44 -6.92 4.32
N SER A 22 4.42 -8.24 4.50
CA SER A 22 5.29 -8.89 5.45
C SER A 22 6.65 -9.20 4.82
N LYS A 23 6.63 -9.94 3.72
CA LYS A 23 7.85 -10.30 3.01
C LYS A 23 7.58 -10.53 1.53
N ALA A 24 8.55 -10.15 0.69
CA ALA A 24 8.42 -10.31 -0.75
C ALA A 24 9.37 -11.38 -1.26
N PHE A 25 9.14 -11.82 -2.50
CA PHE A 25 9.98 -12.85 -3.11
C PHE A 25 10.41 -12.42 -4.52
N VAL A 26 11.72 -12.34 -4.73
CA VAL A 26 12.26 -11.96 -6.02
C VAL A 26 11.55 -12.68 -7.15
N GLY A 27 11.30 -11.96 -8.25
CA GLY A 27 10.63 -12.56 -9.39
C GLY A 27 9.15 -12.73 -9.16
N GLN A 28 8.79 -13.33 -8.03
CA GLN A 28 7.39 -13.56 -7.69
C GLN A 28 6.59 -12.26 -7.77
N LYS A 29 5.27 -12.38 -7.73
CA LYS A 29 4.40 -11.21 -7.79
C LYS A 29 3.74 -10.95 -6.44
N SER A 30 4.29 -10.01 -5.69
CA SER A 30 3.76 -9.66 -4.38
C SER A 30 2.52 -8.80 -4.50
N SER A 31 1.43 -9.25 -3.88
CA SER A 31 0.16 -8.53 -3.94
C SER A 31 -0.38 -8.29 -2.53
N PHE A 32 -1.10 -7.18 -2.36
CA PHE A 32 -1.68 -6.84 -1.06
C PHE A 32 -2.93 -5.98 -1.24
N LEU A 33 -3.96 -6.29 -0.46
CA LEU A 33 -5.21 -5.55 -0.52
C LEU A 33 -5.33 -4.57 0.64
N VAL A 34 -5.83 -3.37 0.35
CA VAL A 34 -6.00 -2.35 1.38
C VAL A 34 -7.46 -1.90 1.48
N ASP A 35 -8.07 -2.17 2.62
CA ASP A 35 -9.46 -1.79 2.86
C ASP A 35 -9.56 -0.35 3.34
N CYS A 36 -10.48 0.40 2.75
CA CYS A 36 -10.67 1.79 3.12
C CYS A 36 -12.14 2.07 3.45
N SER A 37 -12.90 1.00 3.64
CA SER A 37 -14.32 1.13 3.95
C SER A 37 -14.52 1.80 5.30
N LYS A 38 -14.11 1.11 6.37
CA LYS A 38 -14.24 1.64 7.72
C LYS A 38 -13.63 3.04 7.82
N ALA A 39 -12.62 3.29 6.99
CA ALA A 39 -11.95 4.59 6.98
C ALA A 39 -12.93 5.71 6.71
N GLY A 40 -13.58 5.69 5.55
CA GLY A 40 -14.53 6.71 5.19
C GLY A 40 -14.63 6.92 3.70
N SER A 41 -13.80 7.83 3.18
CA SER A 41 -13.80 8.12 1.75
C SER A 41 -12.55 8.89 1.35
N ASN A 42 -11.71 8.26 0.55
CA ASN A 42 -10.47 8.88 0.09
C ASN A 42 -9.80 8.04 -0.99
N MET A 43 -8.70 8.56 -1.53
CA MET A 43 -7.97 7.85 -2.57
C MET A 43 -6.70 7.22 -2.01
N LEU A 44 -6.42 5.99 -2.44
CA LEU A 44 -5.24 5.26 -1.98
C LEU A 44 -4.07 5.46 -2.94
N LEU A 45 -3.00 6.06 -2.43
CA LEU A 45 -1.81 6.31 -3.24
C LEU A 45 -0.60 5.57 -2.67
N ILE A 46 0.36 5.27 -3.54
CA ILE A 46 1.57 4.57 -3.13
C ILE A 46 2.82 5.39 -3.44
N GLY A 47 3.86 5.21 -2.65
CA GLY A 47 5.11 5.93 -2.85
C GLY A 47 6.33 5.05 -2.70
N VAL A 48 6.34 3.93 -3.42
CA VAL A 48 7.45 3.00 -3.36
C VAL A 48 8.79 3.74 -3.41
N HIS A 49 9.67 3.42 -2.47
CA HIS A 49 10.99 4.04 -2.41
C HIS A 49 12.08 3.07 -2.81
N GLY A 50 13.17 3.60 -3.37
CA GLY A 50 14.27 2.75 -3.80
C GLY A 50 15.52 2.99 -2.98
N PRO A 51 15.44 2.69 -1.68
CA PRO A 51 16.57 2.85 -0.75
C PRO A 51 17.69 1.85 -1.02
N THR A 52 17.34 0.70 -1.58
CA THR A 52 18.30 -0.34 -1.88
C THR A 52 18.18 -0.81 -3.32
N THR A 53 16.94 -0.96 -3.78
CA THR A 53 16.68 -1.40 -5.15
C THR A 53 15.27 -1.04 -5.58
N PRO A 54 15.16 -0.39 -6.76
CA PRO A 54 13.86 0.02 -7.31
C PRO A 54 13.03 -1.16 -7.78
N CYS A 55 11.71 -1.02 -7.69
CA CYS A 55 10.80 -2.08 -8.10
C CYS A 55 10.58 -2.05 -9.61
N GLU A 56 10.24 -3.21 -10.18
CA GLU A 56 10.01 -3.32 -11.61
C GLU A 56 8.84 -2.44 -12.04
N GLU A 57 7.77 -2.45 -11.25
CA GLU A 57 6.59 -1.65 -11.55
C GLU A 57 5.59 -1.70 -10.39
N VAL A 58 4.52 -0.92 -10.51
CA VAL A 58 3.50 -0.87 -9.47
C VAL A 58 2.10 -0.80 -10.09
N SER A 59 1.38 -1.92 -10.04
CA SER A 59 0.04 -2.00 -10.60
C SER A 59 -1.01 -1.72 -9.52
N MET A 60 -1.62 -0.55 -9.59
CA MET A 60 -2.65 -0.17 -8.63
C MET A 60 -4.01 -0.07 -9.29
N LYS A 61 -4.97 -0.87 -8.81
CA LYS A 61 -6.32 -0.87 -9.36
C LYS A 61 -7.35 -0.89 -8.24
N HIS A 62 -8.38 -0.05 -8.37
CA HIS A 62 -9.43 0.04 -7.38
C HIS A 62 -10.57 -0.92 -7.72
N VAL A 63 -10.38 -2.20 -7.42
CA VAL A 63 -11.39 -3.21 -7.70
C VAL A 63 -12.76 -2.77 -7.20
N GLY A 64 -12.77 -1.81 -6.29
CA GLY A 64 -14.02 -1.31 -5.74
C GLY A 64 -14.31 -1.85 -4.36
N ASN A 65 -15.53 -1.61 -3.87
CA ASN A 65 -15.92 -2.08 -2.55
C ASN A 65 -14.92 -1.63 -1.49
N GLN A 66 -14.34 -0.45 -1.69
CA GLN A 66 -13.37 0.09 -0.75
C GLN A 66 -12.11 -0.79 -0.70
N GLN A 67 -11.85 -1.49 -1.80
CA GLN A 67 -10.68 -2.36 -1.88
C GLN A 67 -9.74 -1.91 -2.98
N TYR A 68 -8.46 -1.85 -2.65
CA TYR A 68 -7.44 -1.42 -3.62
C TYR A 68 -6.40 -2.51 -3.84
N ASN A 69 -6.36 -3.03 -5.05
CA ASN A 69 -5.41 -4.09 -5.40
C ASN A 69 -4.09 -3.50 -5.88
N VAL A 70 -3.04 -3.72 -5.09
CA VAL A 70 -1.71 -3.21 -5.44
C VAL A 70 -0.68 -4.33 -5.48
N THR A 71 -0.14 -4.59 -6.66
CA THR A 71 0.86 -5.64 -6.83
C THR A 71 2.13 -5.09 -7.48
N TYR A 72 3.28 -5.53 -6.98
CA TYR A 72 4.56 -5.08 -7.52
C TYR A 72 5.47 -6.27 -7.80
N VAL A 73 6.63 -5.99 -8.38
CA VAL A 73 7.60 -7.04 -8.70
C VAL A 73 9.03 -6.56 -8.43
N VAL A 74 9.77 -7.37 -7.68
CA VAL A 74 11.15 -7.04 -7.34
C VAL A 74 12.13 -7.94 -8.07
N LYS A 75 13.18 -7.35 -8.63
CA LYS A 75 14.19 -8.10 -9.35
C LYS A 75 15.33 -8.52 -8.44
N GLU A 76 15.56 -7.73 -7.39
CA GLU A 76 16.62 -8.03 -6.43
C GLU A 76 16.04 -8.29 -5.04
N ARG A 77 16.87 -8.83 -4.15
CA ARG A 77 16.43 -9.13 -2.79
C ARG A 77 17.02 -8.14 -1.80
N GLY A 78 16.69 -8.30 -0.53
CA GLY A 78 17.19 -7.41 0.49
C GLY A 78 16.08 -6.77 1.31
N ASP A 79 16.42 -5.72 2.04
CA ASP A 79 15.44 -5.02 2.88
C ASP A 79 14.69 -3.97 2.06
N TYR A 80 13.40 -4.20 1.85
CA TYR A 80 12.58 -3.27 1.09
C TYR A 80 11.68 -2.45 2.00
N VAL A 81 11.36 -1.24 1.58
CA VAL A 81 10.51 -0.35 2.36
C VAL A 81 9.24 0.01 1.61
N LEU A 82 8.09 -0.35 2.17
CA LEU A 82 6.80 -0.07 1.55
C LEU A 82 6.15 1.15 2.20
N ALA A 83 5.74 2.11 1.37
CA ALA A 83 5.10 3.32 1.85
C ALA A 83 3.66 3.40 1.36
N VAL A 84 2.71 3.34 2.30
CA VAL A 84 1.29 3.42 1.96
C VAL A 84 0.63 4.62 2.64
N LYS A 85 0.11 5.52 1.82
CA LYS A 85 -0.55 6.72 2.33
C LYS A 85 -2.05 6.66 2.07
N TRP A 86 -2.83 7.31 2.92
CA TRP A 86 -4.28 7.34 2.77
C TRP A 86 -4.82 8.76 2.90
N GLY A 87 -4.97 9.44 1.76
CA GLY A 87 -5.48 10.79 1.77
C GLY A 87 -4.65 11.71 2.64
N GLU A 88 -3.45 12.05 2.18
CA GLU A 88 -2.56 12.93 2.92
C GLU A 88 -2.27 12.37 4.31
N GLU A 89 -2.07 11.05 4.38
CA GLU A 89 -1.79 10.39 5.64
C GLU A 89 -0.98 9.12 5.43
N HIS A 90 -0.65 8.43 6.53
CA HIS A 90 0.13 7.21 6.45
C HIS A 90 -0.51 6.11 7.31
N ILE A 91 -1.03 5.08 6.65
CA ILE A 91 -1.67 3.97 7.34
C ILE A 91 -0.84 3.53 8.55
N PRO A 92 -1.53 3.02 9.58
CA PRO A 92 -0.87 2.55 10.81
C PRO A 92 -0.07 1.27 10.59
N GLY A 93 1.22 1.44 10.30
CA GLY A 93 2.07 0.29 10.06
C GLY A 93 3.21 0.60 9.10
N SER A 94 3.08 1.71 8.37
CA SER A 94 4.09 2.11 7.41
C SER A 94 5.03 3.15 8.00
N PRO A 95 6.27 3.20 7.50
CA PRO A 95 6.72 2.30 6.42
C PRO A 95 6.85 0.86 6.89
N PHE A 96 6.39 -0.07 6.06
CA PHE A 96 6.46 -1.50 6.40
C PHE A 96 7.84 -2.05 6.07
N HIS A 97 8.28 -3.03 6.87
CA HIS A 97 9.58 -3.65 6.66
C HIS A 97 9.44 -5.00 5.95
N VAL A 98 9.66 -4.99 4.64
CA VAL A 98 9.55 -6.21 3.84
C VAL A 98 10.91 -6.86 3.65
N THR A 99 11.02 -8.13 4.00
CA THR A 99 12.26 -8.87 3.88
C THR A 99 12.18 -9.90 2.76
N VAL A 100 13.09 -9.82 1.81
CA VAL A 100 13.12 -10.75 0.68
C VAL A 100 14.25 -11.78 0.84
N PRO A 101 13.88 -13.06 0.89
CA PRO A 101 14.83 -14.16 1.04
C PRO A 101 15.70 -14.35 -0.20
#